data_8X29
#
_entry.id   8X29
#
_cell.length_a   80.151
_cell.length_b   108.495
_cell.length_c   133.192
_cell.angle_alpha   90.000
_cell.angle_beta   99.789
_cell.angle_gamma   90.000
#
_symmetry.space_group_name_H-M   'P 1 21 1'
#
loop_
_entity.id
_entity.type
_entity.pdbx_description
1 polymer Hemagglutinin
2 non-polymer 2-acetamido-2-deoxy-beta-D-glucopyranose
3 non-polymer beta-D-galactopyranose
4 non-polymer 'N-acetyl-alpha-neuraminic acid'
5 water water
#
_entity_poly.entity_id   1
_entity_poly.type   'polypeptide(L)'
_entity_poly.pdbx_seq_one_letter_code
;DQICIGYHANNSTEQVDTIMEKNVTVTHAQDILEKTHNGKLCDLNGVKPLILKDCSVAGWLLGNPMCDEFIRVPEWSYIV
ERANPVNDLCYPGSLNDYEELKHLLSRINHFEKILIIPKSSWPNHETSLGVSAACPYQGAPSFFRNVVWLIKKNDAYPTI
KISYNNTNREDLLILWGIHHSNNAEEQINLYKNPTTYISVGTSTLNQRLVPKIATRSQVNGQRGRMDFFWTILKPDDAIH
FESNGNFIAPEYAYKIVKKGDSTIMKSGVEYGNCNTKCQTPVGAINSSMPFHNIHPLTIGECPKYVKSNKLVLATGLRNS
PLREKRRKRGLFGAIAGFIEGGWQGMVDGWYGYHHSNEQGSGYAADKESTQKAIDGVTNKVNSIIDKMNTQFEAVGREFN
NLERRIENLNKKMEDGFLDVWTYNAELLVLMENERTLDFHDSNVKNLYDKVRLQLRDNAKELGNGCFEFYHKCDNECMES
VRNGTYDYPQYSEEARLKREEISGVK
;
_entity_poly.pdbx_strand_id   A,B,C
#
loop_
_chem_comp.id
_chem_comp.type
_chem_comp.name
_chem_comp.formula
GAL D-saccharide, beta linking beta-D-galactopyranose 'C6 H12 O6'
NAG D-saccharide, beta linking 2-acetamido-2-deoxy-beta-D-glucopyranose 'C8 H15 N O6'
SIA D-saccharide, alpha linking 'N-acetyl-alpha-neuraminic acid' 'C11 H19 N O9'
#
# COMPACT_ATOMS: atom_id res chain seq x y z
N ASP A 1 61.01 21.86 -9.30
CA ASP A 1 60.42 21.26 -8.05
C ASP A 1 58.91 21.44 -8.09
N GLN A 2 58.10 20.42 -7.69
CA GLN A 2 56.64 20.57 -7.73
C GLN A 2 55.91 19.58 -6.81
N ILE A 3 54.64 19.92 -6.53
CA ILE A 3 53.73 19.12 -5.71
C ILE A 3 52.42 19.04 -6.47
N CYS A 4 51.68 17.94 -6.32
CA CYS A 4 50.46 17.76 -7.10
C CYS A 4 49.36 17.20 -6.23
N ILE A 5 48.12 17.57 -6.56
CA ILE A 5 46.92 16.98 -5.97
C ILE A 5 46.40 15.96 -6.95
N GLY A 6 46.05 14.78 -6.43
CA GLY A 6 45.45 13.78 -7.29
C GLY A 6 44.60 12.84 -6.45
N TYR A 7 44.10 11.77 -7.10
CA TYR A 7 43.27 10.80 -6.44
C TYR A 7 43.56 9.39 -6.94
N HIS A 8 42.94 8.44 -6.24
CA HIS A 8 43.10 7.01 -6.45
C HIS A 8 42.58 6.59 -7.82
N ALA A 9 43.32 5.67 -8.43
CA ALA A 9 42.81 4.81 -9.48
C ALA A 9 43.33 3.41 -9.19
N ASN A 10 42.62 2.40 -9.68
CA ASN A 10 43.02 1.03 -9.41
C ASN A 10 42.56 0.24 -10.62
N ASN A 11 42.58 -1.11 -10.55
CA ASN A 11 42.23 -1.94 -11.68
C ASN A 11 40.80 -2.48 -11.60
N SER A 12 39.91 -1.75 -10.91
CA SER A 12 38.52 -2.17 -10.71
C SER A 12 37.76 -2.11 -12.03
N THR A 13 36.83 -3.07 -12.21
CA THR A 13 35.82 -3.00 -13.27
C THR A 13 34.41 -2.94 -12.67
N GLU A 14 34.28 -3.02 -11.34
CA GLU A 14 33.03 -2.77 -10.65
C GLU A 14 32.39 -1.48 -11.19
N GLN A 15 31.07 -1.55 -11.44
CA GLN A 15 30.32 -0.54 -12.17
C GLN A 15 29.06 -0.19 -11.41
N VAL A 16 28.51 1.00 -11.68
CA VAL A 16 27.47 1.57 -10.85
C VAL A 16 26.58 2.49 -11.68
N ASP A 17 25.41 2.84 -11.17
CA ASP A 17 24.42 3.60 -11.93
C ASP A 17 24.03 4.87 -11.18
N THR A 18 23.73 5.92 -11.97
CA THR A 18 23.25 7.22 -11.51
C THR A 18 22.09 7.64 -12.42
N ILE A 19 21.48 8.79 -12.16
CA ILE A 19 20.31 9.19 -12.92
C ILE A 19 20.78 9.68 -14.28
N MET A 20 21.96 10.29 -14.36
CA MET A 20 22.40 10.85 -15.63
C MET A 20 23.26 9.89 -16.42
N GLU A 21 23.97 8.97 -15.77
CA GLU A 21 24.93 8.14 -16.47
C GLU A 21 24.82 6.72 -15.93
N LYS A 22 24.84 5.73 -16.84
CA LYS A 22 24.74 4.32 -16.50
C LYS A 22 26.12 3.69 -16.62
N ASN A 23 26.35 2.57 -15.92
CA ASN A 23 27.55 1.78 -16.14
C ASN A 23 28.82 2.63 -15.94
N VAL A 24 28.91 3.35 -14.81
CA VAL A 24 30.08 4.15 -14.46
C VAL A 24 31.04 3.27 -13.66
N THR A 25 32.29 3.18 -14.10
CA THR A 25 33.27 2.35 -13.43
C THR A 25 33.81 3.11 -12.22
N VAL A 26 33.80 2.46 -11.04
CA VAL A 26 34.28 3.06 -9.83
C VAL A 26 35.37 2.19 -9.21
N THR A 27 36.10 2.77 -8.26
CA THR A 27 37.31 2.15 -7.70
C THR A 27 36.92 1.09 -6.70
N HIS A 28 35.84 1.37 -5.97
CA HIS A 28 35.32 0.53 -4.90
C HIS A 28 33.80 0.60 -4.95
N ALA A 29 33.13 -0.55 -4.86
CA ALA A 29 31.69 -0.55 -4.74
C ALA A 29 31.25 -1.56 -3.68
N GLN A 30 29.96 -1.51 -3.35
CA GLN A 30 29.39 -2.48 -2.44
C GLN A 30 28.06 -2.98 -2.98
N ASP A 31 28.08 -4.24 -3.42
CA ASP A 31 26.88 -4.97 -3.78
C ASP A 31 26.02 -5.20 -2.55
N ILE A 32 24.72 -4.94 -2.64
CA ILE A 32 23.84 -5.14 -1.50
C ILE A 32 22.65 -6.05 -1.84
N LEU A 33 22.74 -6.82 -2.91
CA LEU A 33 21.62 -7.63 -3.35
C LEU A 33 22.07 -9.07 -3.46
N GLU A 34 21.39 -9.97 -2.76
CA GLU A 34 21.65 -11.40 -2.79
C GLU A 34 20.89 -12.05 -3.93
N LYS A 35 21.61 -12.74 -4.83
CA LYS A 35 21.00 -13.28 -6.04
C LYS A 35 21.05 -14.81 -6.12
N THR A 36 21.60 -15.52 -5.12
CA THR A 36 21.74 -16.97 -5.18
C THR A 36 21.18 -17.67 -3.92
N HIS A 37 20.80 -18.94 -4.11
CA HIS A 37 20.21 -19.80 -3.11
C HIS A 37 20.75 -21.21 -3.32
N ASN A 38 20.45 -22.14 -2.41
CA ASN A 38 21.06 -23.46 -2.48
C ASN A 38 20.12 -24.51 -3.09
N GLY A 39 18.97 -24.11 -3.66
CA GLY A 39 18.12 -25.04 -4.41
C GLY A 39 17.49 -26.18 -3.59
N LYS A 40 17.49 -26.04 -2.25
CA LYS A 40 17.06 -27.07 -1.33
C LYS A 40 16.16 -26.51 -0.21
N LEU A 41 15.23 -27.34 0.27
CA LEU A 41 14.57 -27.08 1.55
C LEU A 41 15.47 -27.59 2.68
N CYS A 42 15.56 -26.81 3.77
CA CYS A 42 16.50 -27.09 4.85
C CYS A 42 15.86 -26.95 6.22
N ASP A 43 16.61 -27.36 7.25
CA ASP A 43 16.23 -27.10 8.62
C ASP A 43 16.41 -25.61 8.90
N LEU A 44 15.70 -25.12 9.91
CA LEU A 44 15.71 -23.72 10.27
C LEU A 44 16.09 -23.57 11.74
N ASN A 45 17.37 -23.28 11.97
CA ASN A 45 17.95 -23.28 13.30
C ASN A 45 17.78 -24.65 13.93
N GLY A 46 18.16 -25.68 13.15
CA GLY A 46 18.23 -27.07 13.58
C GLY A 46 16.87 -27.66 13.89
N VAL A 47 15.78 -26.98 13.53
CA VAL A 47 14.46 -27.58 13.57
C VAL A 47 14.02 -27.92 12.14
N LYS A 48 13.68 -29.19 11.90
CA LYS A 48 13.33 -29.65 10.56
C LYS A 48 11.87 -29.30 10.24
N PRO A 49 11.54 -29.02 8.95
CA PRO A 49 10.17 -28.78 8.55
C PRO A 49 9.39 -30.06 8.46
N LEU A 50 8.09 -29.96 8.70
CA LEU A 50 7.16 -31.04 8.41
C LEU A 50 6.92 -31.03 6.91
N ILE A 51 7.39 -32.07 6.23
CA ILE A 51 7.23 -32.17 4.80
C ILE A 51 6.16 -33.20 4.54
N LEU A 52 5.09 -32.78 3.87
CA LEU A 52 3.89 -33.60 3.77
C LEU A 52 3.92 -34.48 2.54
N LYS A 53 4.96 -34.38 1.70
CA LYS A 53 5.09 -35.29 0.56
C LYS A 53 3.87 -35.06 -0.32
N ASP A 54 2.98 -36.06 -0.46
CA ASP A 54 1.83 -35.92 -1.34
C ASP A 54 0.52 -35.76 -0.56
N CYS A 55 0.57 -35.19 0.64
CA CYS A 55 -0.61 -35.07 1.47
C CYS A 55 -0.99 -33.60 1.59
N SER A 56 -2.28 -33.36 1.61
CA SER A 56 -2.79 -32.04 1.87
C SER A 56 -2.77 -31.87 3.37
N VAL A 57 -2.91 -30.64 3.86
CA VAL A 57 -3.12 -30.45 5.28
C VAL A 57 -4.38 -31.21 5.69
N ALA A 58 -5.43 -31.16 4.88
CA ALA A 58 -6.64 -31.83 5.27
C ALA A 58 -6.44 -33.34 5.36
N GLY A 59 -5.72 -33.89 4.39
CA GLY A 59 -5.40 -35.30 4.39
C GLY A 59 -4.65 -35.68 5.65
N TRP A 60 -3.74 -34.82 6.07
CA TRP A 60 -3.01 -35.04 7.30
C TRP A 60 -3.96 -34.98 8.51
N LEU A 61 -4.78 -33.94 8.65
CA LEU A 61 -5.48 -33.75 9.91
C LEU A 61 -6.62 -34.77 10.08
N LEU A 62 -7.31 -35.10 9.00
CA LEU A 62 -8.35 -36.11 9.08
C LEU A 62 -7.78 -37.53 9.14
N GLY A 63 -6.50 -37.69 8.75
CA GLY A 63 -5.83 -39.00 8.76
C GLY A 63 -6.27 -39.89 7.59
N ASN A 64 -6.20 -39.35 6.37
CA ASN A 64 -6.24 -40.15 5.16
C ASN A 64 -5.32 -41.35 5.32
N PRO A 65 -5.75 -42.60 4.99
CA PRO A 65 -4.91 -43.79 5.23
C PRO A 65 -3.57 -43.87 4.50
N MET A 66 -3.46 -43.12 3.41
CA MET A 66 -2.21 -42.95 2.68
C MET A 66 -1.24 -41.99 3.39
N CYS A 67 -1.66 -41.38 4.49
CA CYS A 67 -0.91 -40.31 5.15
C CYS A 67 -0.39 -40.81 6.50
N ASP A 68 -0.20 -42.13 6.64
CA ASP A 68 0.10 -42.75 7.93
C ASP A 68 1.43 -42.24 8.46
N GLU A 69 2.37 -42.00 7.54
CA GLU A 69 3.69 -41.43 7.80
C GLU A 69 3.59 -40.31 8.83
N PHE A 70 2.42 -39.64 8.89
CA PHE A 70 2.24 -38.41 9.66
C PHE A 70 1.35 -38.63 10.87
N ILE A 71 1.17 -39.88 11.26
CA ILE A 71 0.29 -40.17 12.38
C ILE A 71 0.81 -39.49 13.67
N ARG A 72 2.14 -39.30 13.79
CA ARG A 72 2.78 -38.67 14.94
C ARG A 72 4.03 -37.90 14.50
N VAL A 73 4.03 -36.57 14.64
CA VAL A 73 5.06 -35.75 14.04
C VAL A 73 5.69 -34.87 15.11
N PRO A 74 7.02 -34.84 15.15
CA PRO A 74 7.73 -33.96 16.08
C PRO A 74 7.43 -32.52 15.72
N GLU A 75 7.84 -31.62 16.62
CA GLU A 75 7.70 -30.18 16.45
C GLU A 75 8.41 -29.75 15.17
N TRP A 76 7.77 -28.84 14.40
CA TRP A 76 8.27 -28.36 13.13
C TRP A 76 8.58 -26.86 13.17
N SER A 77 9.40 -26.41 12.21
CA SER A 77 9.75 -25.01 11.95
C SER A 77 8.92 -24.36 10.86
N TYR A 78 8.42 -25.16 9.90
CA TYR A 78 7.53 -24.70 8.85
C TYR A 78 6.95 -25.92 8.18
N ILE A 79 5.83 -25.77 7.50
CA ILE A 79 5.15 -26.89 6.89
C ILE A 79 5.29 -26.74 5.38
N VAL A 80 5.43 -27.88 4.68
CA VAL A 80 5.67 -27.87 3.24
C VAL A 80 4.63 -28.74 2.57
N GLU A 81 3.94 -28.14 1.63
CA GLU A 81 2.85 -28.83 0.96
C GLU A 81 3.13 -28.68 -0.52
N ARG A 82 2.81 -29.69 -1.31
CA ARG A 82 2.90 -29.52 -2.74
C ARG A 82 1.73 -28.67 -3.24
N ALA A 83 1.87 -28.18 -4.47
CA ALA A 83 0.85 -27.35 -5.10
C ALA A 83 -0.51 -28.09 -5.16
N ASN A 84 -0.49 -29.35 -5.65
CA ASN A 84 -1.67 -30.20 -5.80
C ASN A 84 -1.39 -31.56 -5.17
N PRO A 85 -1.54 -31.70 -3.84
CA PRO A 85 -1.20 -32.97 -3.22
C PRO A 85 -2.25 -33.90 -3.83
N VAL A 86 -1.93 -35.18 -3.89
CA VAL A 86 -2.82 -36.19 -4.45
C VAL A 86 -3.61 -36.90 -3.35
N ASN A 87 -3.10 -36.87 -2.12
CA ASN A 87 -3.77 -37.49 -0.99
C ASN A 87 -4.41 -36.44 -0.11
N ASP A 88 -5.74 -36.36 -0.15
CA ASP A 88 -6.44 -35.24 0.39
C ASP A 88 -7.92 -35.53 0.35
N LEU A 89 -8.52 -36.13 1.36
CA LEU A 89 -9.98 -36.22 1.20
C LEU A 89 -10.32 -37.35 0.22
N CYS A 90 -9.80 -38.53 0.53
CA CYS A 90 -9.95 -39.71 -0.31
C CYS A 90 -11.43 -39.96 -0.56
N TYR A 91 -12.24 -39.90 0.50
CA TYR A 91 -13.69 -39.84 0.33
C TYR A 91 -14.05 -38.40 0.01
N PRO A 92 -14.74 -38.14 -1.10
CA PRO A 92 -14.92 -36.78 -1.59
C PRO A 92 -15.84 -36.00 -0.69
N GLY A 93 -15.73 -34.67 -0.79
CA GLY A 93 -16.49 -33.76 0.05
C GLY A 93 -15.72 -32.45 0.25
N SER A 94 -15.65 -31.99 1.51
CA SER A 94 -14.99 -30.75 1.84
C SER A 94 -14.63 -30.67 3.31
N LEU A 95 -13.63 -29.84 3.62
CA LEU A 95 -13.43 -29.35 4.97
C LEU A 95 -13.90 -27.89 5.04
N ASN A 96 -14.97 -27.60 5.78
CA ASN A 96 -15.43 -26.23 6.00
C ASN A 96 -14.36 -25.30 6.57
N ASP A 97 -14.34 -24.05 6.11
CA ASP A 97 -13.42 -23.03 6.58
C ASP A 97 -12.00 -23.58 6.54
N TYR A 98 -11.68 -24.27 5.46
CA TYR A 98 -10.38 -24.87 5.27
C TYR A 98 -9.25 -23.86 5.34
N GLU A 99 -9.44 -22.69 4.77
CA GLU A 99 -8.37 -21.72 4.63
C GLU A 99 -8.17 -20.99 5.95
N GLU A 100 -9.25 -20.76 6.68
CA GLU A 100 -9.13 -20.20 8.02
C GLU A 100 -8.39 -21.17 8.93
N LEU A 101 -8.59 -22.46 8.68
CA LEU A 101 -7.87 -23.47 9.46
C LEU A 101 -6.37 -23.40 9.16
N LYS A 102 -6.00 -23.44 7.87
CA LYS A 102 -4.60 -23.30 7.50
C LYS A 102 -4.03 -22.00 8.06
N HIS A 103 -4.84 -20.96 8.21
CA HIS A 103 -4.33 -19.73 8.76
C HIS A 103 -3.94 -19.95 10.21
N LEU A 104 -4.78 -20.64 10.99
CA LEU A 104 -4.37 -21.04 12.33
C LEU A 104 -3.03 -21.81 12.36
N LEU A 105 -2.81 -22.79 11.45
CA LEU A 105 -1.64 -23.67 11.46
C LEU A 105 -0.34 -22.91 11.25
N SER A 106 -0.46 -21.71 10.70
CA SER A 106 0.70 -20.92 10.37
C SER A 106 1.24 -20.22 11.61
N ARG A 107 0.57 -20.35 12.76
CA ARG A 107 1.08 -19.87 14.04
C ARG A 107 1.21 -21.02 15.04
N ILE A 108 1.34 -22.26 14.53
CA ILE A 108 1.43 -23.47 15.35
C ILE A 108 2.68 -24.24 14.94
N ASN A 109 3.47 -24.66 15.95
CA ASN A 109 4.69 -25.41 15.72
C ASN A 109 4.55 -26.84 16.20
N HIS A 110 3.56 -27.15 17.04
CA HIS A 110 3.43 -28.54 17.45
C HIS A 110 2.01 -28.87 17.88
N PHE A 111 1.61 -30.07 17.47
CA PHE A 111 0.36 -30.69 17.89
C PHE A 111 0.63 -31.94 18.72
N GLU A 112 -0.28 -32.31 19.61
CA GLU A 112 -0.22 -33.63 20.20
C GLU A 112 -1.57 -34.32 20.01
N LYS A 113 -1.60 -35.36 19.19
CA LYS A 113 -2.83 -36.09 18.94
C LYS A 113 -3.27 -36.80 20.22
N ILE A 114 -4.43 -36.48 20.76
CA ILE A 114 -4.98 -37.29 21.83
C ILE A 114 -6.26 -38.00 21.36
N LEU A 115 -6.52 -39.17 21.98
CA LEU A 115 -7.78 -39.90 21.85
C LEU A 115 -8.82 -39.33 22.80
N ILE A 116 -9.98 -38.91 22.31
CA ILE A 116 -10.96 -38.26 23.16
C ILE A 116 -12.26 -39.07 23.22
N ILE A 117 -12.56 -39.84 22.17
CA ILE A 117 -13.74 -40.67 22.15
C ILE A 117 -13.38 -42.02 21.57
N PRO A 118 -13.14 -43.06 22.40
CA PRO A 118 -12.76 -44.37 21.88
C PRO A 118 -13.99 -45.10 21.36
N LYS A 119 -13.78 -46.13 20.52
CA LYS A 119 -14.85 -46.91 19.93
C LYS A 119 -15.70 -47.62 20.98
N SER A 120 -15.12 -47.94 22.16
CA SER A 120 -15.88 -48.37 23.33
C SER A 120 -17.08 -47.47 23.61
N SER A 121 -17.04 -46.15 23.30
CA SER A 121 -18.09 -45.22 23.67
C SER A 121 -19.34 -45.38 22.81
N TRP A 122 -19.36 -46.39 21.91
CA TRP A 122 -20.42 -46.46 20.90
C TRP A 122 -21.08 -47.84 20.90
N PRO A 123 -21.57 -48.35 22.05
CA PRO A 123 -21.89 -49.77 22.14
C PRO A 123 -23.14 -50.19 21.40
N ASN A 124 -24.04 -49.25 21.04
CA ASN A 124 -25.25 -49.59 20.32
C ASN A 124 -25.20 -49.14 18.85
N HIS A 125 -24.00 -48.78 18.38
CA HIS A 125 -23.75 -48.48 16.98
C HIS A 125 -22.58 -49.32 16.46
N GLU A 126 -22.46 -49.43 15.13
CA GLU A 126 -21.41 -50.26 14.54
C GLU A 126 -20.22 -49.37 14.25
N THR A 127 -19.06 -49.68 14.84
CA THR A 127 -17.86 -48.87 14.66
C THR A 127 -16.88 -49.41 13.60
N SER A 128 -17.15 -50.53 12.94
CA SER A 128 -16.15 -51.18 12.10
C SER A 128 -16.53 -51.21 10.62
N LEU A 129 -17.77 -50.90 10.26
CA LEU A 129 -18.23 -51.10 8.88
C LEU A 129 -18.13 -49.80 8.10
N GLY A 130 -17.49 -48.79 8.70
CA GLY A 130 -17.52 -47.47 8.13
C GLY A 130 -16.30 -47.26 7.24
N VAL A 131 -16.26 -47.99 6.12
CA VAL A 131 -15.11 -47.96 5.21
C VAL A 131 -15.55 -47.91 3.75
N SER A 132 -14.60 -47.50 2.89
CA SER A 132 -14.86 -47.23 1.51
C SER A 132 -13.64 -47.60 0.67
N ALA A 133 -13.91 -48.08 -0.56
CA ALA A 133 -12.88 -48.34 -1.56
C ALA A 133 -12.30 -47.01 -2.03
N ALA A 134 -12.92 -45.89 -1.63
CA ALA A 134 -12.33 -44.58 -1.95
C ALA A 134 -11.09 -44.29 -1.11
N CYS A 135 -10.96 -44.96 0.06
CA CYS A 135 -9.84 -44.82 0.96
C CYS A 135 -9.19 -46.18 1.23
N PRO A 136 -8.52 -46.79 0.22
CA PRO A 136 -7.82 -48.05 0.43
C PRO A 136 -6.61 -47.89 1.36
N TYR A 137 -6.38 -48.97 2.08
CA TYR A 137 -5.16 -49.23 2.84
C TYR A 137 -4.86 -50.72 2.72
N GLN A 138 -3.67 -51.07 2.21
CA GLN A 138 -3.25 -52.47 2.14
C GLN A 138 -4.27 -53.30 1.38
N GLY A 139 -4.64 -52.79 0.22
CA GLY A 139 -5.47 -53.50 -0.72
C GLY A 139 -6.87 -53.81 -0.19
N ALA A 140 -7.36 -53.07 0.81
CA ALA A 140 -8.74 -53.23 1.26
C ALA A 140 -9.39 -51.88 1.57
N PRO A 141 -10.74 -51.80 1.61
CA PRO A 141 -11.42 -50.56 1.99
C PRO A 141 -11.01 -50.18 3.42
N SER A 142 -10.84 -48.87 3.63
CA SER A 142 -10.53 -48.29 4.92
C SER A 142 -11.17 -46.90 5.04
N PHE A 143 -10.68 -46.08 5.97
CA PHE A 143 -11.26 -44.76 6.21
C PHE A 143 -10.25 -43.89 6.95
N PHE A 144 -10.52 -42.58 6.92
CA PHE A 144 -9.90 -41.61 7.79
C PHE A 144 -9.72 -42.14 9.20
N ARG A 145 -8.55 -41.88 9.75
CA ARG A 145 -8.11 -42.51 10.97
C ARG A 145 -8.56 -41.72 12.18
N ASN A 146 -8.83 -40.43 12.00
CA ASN A 146 -9.05 -39.54 13.12
C ASN A 146 -10.52 -39.43 13.46
N VAL A 147 -11.38 -40.04 12.64
CA VAL A 147 -12.83 -39.95 12.81
C VAL A 147 -13.45 -41.31 12.53
N VAL A 148 -14.68 -41.55 13.04
CA VAL A 148 -15.32 -42.84 12.90
C VAL A 148 -16.66 -42.69 12.18
N TRP A 149 -16.86 -43.53 11.18
CA TRP A 149 -18.07 -43.50 10.39
C TRP A 149 -19.05 -44.50 10.99
N LEU A 150 -19.97 -44.01 11.82
CA LEU A 150 -20.84 -44.86 12.61
C LEU A 150 -21.98 -45.35 11.74
N ILE A 151 -22.31 -46.63 11.91
CA ILE A 151 -23.32 -47.33 11.13
C ILE A 151 -24.28 -47.96 12.13
N LYS A 152 -25.47 -48.29 11.65
CA LYS A 152 -26.52 -48.85 12.49
C LYS A 152 -26.10 -50.23 12.97
N LYS A 153 -26.75 -50.69 14.03
CA LYS A 153 -26.49 -52.00 14.63
C LYS A 153 -27.83 -52.61 15.05
N ASN A 154 -28.04 -53.87 14.67
CA ASN A 154 -29.31 -54.56 14.82
C ASN A 154 -30.44 -53.80 14.11
N ASP A 155 -30.18 -53.33 12.90
CA ASP A 155 -31.20 -52.64 12.12
C ASP A 155 -31.75 -51.44 12.89
N ALA A 156 -30.89 -50.78 13.69
CA ALA A 156 -31.32 -49.65 14.50
C ALA A 156 -30.19 -48.64 14.79
N TYR A 157 -30.52 -47.35 14.64
CA TYR A 157 -29.62 -46.26 14.97
C TYR A 157 -30.25 -45.37 16.04
N PRO A 158 -30.08 -45.67 17.34
CA PRO A 158 -30.69 -44.87 18.39
C PRO A 158 -29.88 -43.58 18.47
N THR A 159 -30.44 -42.57 19.13
CA THR A 159 -29.92 -41.21 19.13
C THR A 159 -28.71 -41.14 20.03
N ILE A 160 -27.62 -40.59 19.48
CA ILE A 160 -26.37 -40.44 20.17
C ILE A 160 -26.47 -39.16 20.98
N LYS A 161 -25.94 -39.20 22.21
CA LYS A 161 -25.78 -38.04 23.07
C LYS A 161 -24.48 -38.25 23.81
N ILE A 162 -23.46 -37.48 23.48
CA ILE A 162 -22.18 -37.62 24.11
C ILE A 162 -21.62 -36.23 24.33
N SER A 163 -20.97 -35.99 25.46
CA SER A 163 -20.24 -34.75 25.70
C SER A 163 -18.78 -35.08 25.92
N TYR A 164 -17.96 -34.09 25.68
CA TYR A 164 -16.55 -34.20 25.95
C TYR A 164 -16.07 -32.85 26.47
N ASN A 165 -15.32 -32.90 27.57
CA ASN A 165 -14.93 -31.74 28.32
C ASN A 165 -13.42 -31.63 28.18
N ASN A 166 -12.91 -30.46 27.79
CA ASN A 166 -11.47 -30.32 27.55
C ASN A 166 -10.77 -30.10 28.90
N THR A 167 -10.25 -31.20 29.49
CA THR A 167 -9.57 -31.14 30.80
C THR A 167 -8.06 -31.10 30.60
N ASN A 168 -7.61 -30.89 29.35
CA ASN A 168 -6.20 -30.66 29.05
C ASN A 168 -5.99 -29.20 29.41
N ARG A 169 -4.78 -28.67 29.32
CA ARG A 169 -4.68 -27.27 29.67
C ARG A 169 -4.58 -26.43 28.41
N GLU A 170 -4.54 -27.09 27.24
CA GLU A 170 -4.31 -26.40 25.99
C GLU A 170 -5.58 -26.45 25.14
N ASP A 171 -5.70 -25.49 24.21
CA ASP A 171 -6.65 -25.54 23.10
C ASP A 171 -6.63 -26.90 22.38
N LEU A 172 -7.82 -27.30 21.91
CA LEU A 172 -8.02 -28.58 21.25
C LEU A 172 -8.74 -28.36 19.92
N LEU A 173 -8.11 -28.77 18.83
CA LEU A 173 -8.77 -28.82 17.54
C LEU A 173 -9.54 -30.12 17.41
N ILE A 174 -10.86 -30.07 17.30
CA ILE A 174 -11.67 -31.25 17.06
C ILE A 174 -12.28 -31.22 15.66
N LEU A 175 -12.31 -32.39 15.03
CA LEU A 175 -12.93 -32.51 13.72
C LEU A 175 -14.08 -33.50 13.75
N TRP A 176 -15.13 -33.23 12.97
CA TRP A 176 -16.22 -34.17 12.83
C TRP A 176 -16.91 -33.96 11.50
N GLY A 177 -17.87 -34.81 11.18
CA GLY A 177 -18.37 -34.73 9.83
C GLY A 177 -19.79 -35.22 9.66
N ILE A 178 -20.31 -34.94 8.46
CA ILE A 178 -21.57 -35.49 8.05
C ILE A 178 -21.45 -36.16 6.70
N HIS A 179 -22.18 -37.27 6.56
CA HIS A 179 -22.26 -38.05 5.34
C HIS A 179 -23.55 -37.73 4.59
N HIS A 180 -23.45 -37.19 3.38
CA HIS A 180 -24.60 -37.03 2.49
C HIS A 180 -24.72 -38.28 1.63
N SER A 181 -25.71 -39.14 1.94
CA SER A 181 -26.02 -40.35 1.20
C SER A 181 -26.69 -40.01 -0.15
N ASN A 182 -26.92 -41.05 -1.00
CA ASN A 182 -27.33 -40.83 -2.39
C ASN A 182 -28.84 -40.95 -2.61
N ASN A 183 -29.54 -41.75 -1.78
CA ASN A 183 -30.97 -41.94 -1.97
C ASN A 183 -31.63 -42.64 -0.76
N ALA A 184 -32.98 -42.61 -0.79
CA ALA A 184 -33.80 -43.04 0.32
C ALA A 184 -33.41 -44.43 0.77
N GLU A 185 -33.03 -45.31 -0.18
CA GLU A 185 -32.74 -46.72 0.12
C GLU A 185 -31.36 -46.82 0.78
N GLU A 186 -30.37 -46.10 0.22
CA GLU A 186 -29.03 -46.11 0.79
C GLU A 186 -29.06 -45.60 2.23
N GLN A 187 -29.87 -44.55 2.45
CA GLN A 187 -30.04 -43.96 3.78
C GLN A 187 -30.63 -44.96 4.78
N ILE A 188 -31.71 -45.69 4.40
CA ILE A 188 -32.26 -46.71 5.29
C ILE A 188 -31.18 -47.76 5.55
N ASN A 189 -30.41 -48.09 4.51
CA ASN A 189 -29.52 -49.25 4.56
C ASN A 189 -28.34 -48.99 5.50
N LEU A 190 -27.90 -47.72 5.64
CA LEU A 190 -26.75 -47.43 6.48
C LEU A 190 -27.17 -47.08 7.91
N TYR A 191 -28.29 -46.34 8.06
CA TYR A 191 -28.62 -45.65 9.28
C TYR A 191 -30.04 -45.91 9.81
N LYS A 192 -30.89 -46.58 9.03
CA LYS A 192 -32.27 -46.89 9.43
C LYS A 192 -33.16 -45.65 9.33
N ASN A 193 -32.82 -44.58 10.05
CA ASN A 193 -33.77 -43.50 10.22
C ASN A 193 -33.76 -42.64 8.96
N PRO A 194 -34.92 -42.35 8.32
CA PRO A 194 -34.97 -41.58 7.07
C PRO A 194 -34.53 -40.13 7.12
N THR A 195 -34.77 -39.51 8.27
CA THR A 195 -34.67 -38.07 8.49
C THR A 195 -33.82 -37.85 9.73
N THR A 196 -32.74 -37.10 9.59
CA THR A 196 -31.67 -37.15 10.55
C THR A 196 -31.01 -35.81 10.60
N TYR A 197 -30.20 -35.64 11.65
CA TYR A 197 -29.56 -34.38 11.96
C TYR A 197 -28.32 -34.65 12.81
N ILE A 198 -27.43 -33.65 12.85
CA ILE A 198 -26.35 -33.62 13.81
C ILE A 198 -26.36 -32.28 14.53
N SER A 199 -26.34 -32.30 15.86
CA SER A 199 -26.30 -31.06 16.65
C SER A 199 -24.95 -31.00 17.32
N VAL A 200 -24.26 -29.88 17.18
CA VAL A 200 -23.00 -29.69 17.86
C VAL A 200 -23.04 -28.38 18.64
N GLY A 201 -22.75 -28.49 19.92
CA GLY A 201 -22.90 -27.37 20.82
C GLY A 201 -21.64 -27.16 21.64
N THR A 202 -21.25 -25.88 21.75
CA THR A 202 -20.12 -25.44 22.55
C THR A 202 -20.63 -24.28 23.42
N SER A 203 -19.73 -23.52 24.01
CA SER A 203 -20.14 -22.25 24.62
C SER A 203 -20.35 -21.21 23.52
N THR A 204 -19.58 -21.33 22.41
CA THR A 204 -19.69 -20.41 21.29
C THR A 204 -20.33 -21.05 20.06
N LEU A 205 -20.34 -22.39 19.94
CA LEU A 205 -20.80 -23.05 18.71
C LEU A 205 -22.23 -23.57 18.92
N ASN A 206 -23.09 -23.41 17.90
CA ASN A 206 -24.44 -23.93 17.95
C ASN A 206 -24.86 -24.38 16.55
N GLN A 207 -24.49 -25.59 16.14
CA GLN A 207 -24.61 -25.95 14.74
C GLN A 207 -25.64 -27.06 14.53
N ARG A 208 -26.46 -26.98 13.46
CA ARG A 208 -27.37 -28.05 13.10
C ARG A 208 -27.11 -28.48 11.66
N LEU A 209 -26.75 -29.76 11.46
CA LEU A 209 -26.40 -30.31 10.16
C LEU A 209 -27.49 -31.28 9.78
N VAL A 210 -27.93 -31.19 8.51
CA VAL A 210 -28.93 -32.10 7.97
C VAL A 210 -28.42 -32.67 6.64
N PRO A 211 -28.51 -33.99 6.38
CA PRO A 211 -27.97 -34.58 5.15
C PRO A 211 -28.73 -34.11 3.92
N LYS A 212 -28.02 -33.81 2.84
CA LYS A 212 -28.57 -33.59 1.51
C LYS A 212 -28.53 -34.86 0.67
N ILE A 213 -29.64 -35.59 0.65
CA ILE A 213 -29.77 -36.84 -0.08
C ILE A 213 -30.12 -36.51 -1.53
N ALA A 214 -29.15 -36.67 -2.43
CA ALA A 214 -29.24 -36.11 -3.78
C ALA A 214 -28.36 -36.87 -4.78
N THR A 215 -28.42 -36.49 -6.06
CA THR A 215 -27.69 -37.15 -7.13
C THR A 215 -26.50 -36.31 -7.59
N ARG A 216 -25.29 -36.89 -7.56
CA ARG A 216 -24.07 -36.18 -7.87
C ARG A 216 -23.20 -37.05 -8.80
N SER A 217 -22.20 -36.41 -9.43
CA SER A 217 -21.17 -37.12 -10.17
C SER A 217 -20.31 -37.98 -9.24
N GLN A 218 -19.74 -39.06 -9.81
CA GLN A 218 -18.76 -39.89 -9.15
C GLN A 218 -17.46 -39.09 -9.06
N VAL A 219 -16.93 -38.96 -7.84
CA VAL A 219 -15.55 -38.55 -7.62
C VAL A 219 -14.87 -39.66 -6.83
N ASN A 220 -13.68 -40.12 -7.26
CA ASN A 220 -13.00 -41.31 -6.72
C ASN A 220 -13.96 -42.48 -6.48
N GLY A 221 -14.91 -42.69 -7.42
CA GLY A 221 -15.81 -43.84 -7.41
C GLY A 221 -17.10 -43.61 -6.63
N GLN A 222 -17.27 -42.46 -5.95
CA GLN A 222 -18.35 -42.25 -4.99
C GLN A 222 -19.26 -41.10 -5.42
N ARG A 223 -20.57 -41.32 -5.34
CA ARG A 223 -21.54 -40.26 -5.54
C ARG A 223 -21.86 -39.60 -4.19
N GLY A 224 -21.54 -40.29 -3.10
CA GLY A 224 -21.75 -39.75 -1.76
C GLY A 224 -20.76 -38.63 -1.51
N ARG A 225 -21.01 -37.81 -0.49
CA ARG A 225 -20.11 -36.74 -0.12
C ARG A 225 -19.93 -36.73 1.40
N MET A 226 -18.75 -36.32 1.89
CA MET A 226 -18.61 -36.08 3.31
C MET A 226 -18.07 -34.70 3.61
N ASP A 227 -18.86 -33.96 4.40
CA ASP A 227 -18.57 -32.57 4.72
C ASP A 227 -18.00 -32.54 6.13
N PHE A 228 -16.77 -32.07 6.29
CA PHE A 228 -16.15 -32.01 7.61
C PHE A 228 -16.20 -30.59 8.16
N PHE A 229 -16.27 -30.49 9.50
CA PHE A 229 -16.22 -29.23 10.24
C PHE A 229 -15.23 -29.31 11.39
N TRP A 230 -14.89 -28.17 11.97
CA TRP A 230 -13.88 -28.14 13.02
C TRP A 230 -14.10 -26.95 13.93
N THR A 231 -13.45 -26.98 15.07
CA THR A 231 -13.58 -25.99 16.11
C THR A 231 -12.38 -26.13 17.05
N ILE A 232 -12.04 -25.02 17.70
CA ILE A 232 -11.09 -24.99 18.79
C ILE A 232 -11.89 -25.05 20.09
N LEU A 233 -11.66 -26.05 20.91
CA LEU A 233 -12.36 -26.15 22.19
C LEU A 233 -11.41 -25.62 23.24
N LYS A 234 -11.77 -24.52 23.90
CA LYS A 234 -10.85 -23.86 24.80
C LYS A 234 -10.78 -24.66 26.10
N PRO A 235 -9.69 -24.52 26.89
CA PRO A 235 -9.59 -25.22 28.17
C PRO A 235 -10.80 -24.94 29.07
N ASP A 236 -11.49 -26.02 29.42
CA ASP A 236 -12.58 -26.07 30.40
C ASP A 236 -13.94 -25.92 29.72
N ASP A 237 -13.97 -25.67 28.41
CA ASP A 237 -15.23 -25.70 27.70
C ASP A 237 -15.55 -27.16 27.37
N ALA A 238 -16.81 -27.45 27.02
CA ALA A 238 -17.16 -28.76 26.52
C ALA A 238 -17.89 -28.72 25.17
N ILE A 239 -17.83 -29.82 24.44
CA ILE A 239 -18.50 -29.91 23.16
C ILE A 239 -19.55 -30.99 23.32
N HIS A 240 -20.75 -30.75 22.80
CA HIS A 240 -21.83 -31.70 22.95
C HIS A 240 -22.34 -32.10 21.58
N PHE A 241 -22.55 -33.40 21.37
CA PHE A 241 -22.96 -33.93 20.08
C PHE A 241 -24.27 -34.69 20.24
N GLU A 242 -25.16 -34.58 19.25
CA GLU A 242 -26.39 -35.34 19.20
C GLU A 242 -26.61 -35.73 17.76
N SER A 243 -27.04 -36.95 17.49
CA SER A 243 -27.29 -37.35 16.13
C SER A 243 -28.12 -38.61 16.10
N ASN A 244 -28.94 -38.75 15.07
CA ASN A 244 -29.68 -39.98 14.88
C ASN A 244 -29.37 -40.53 13.50
N GLY A 245 -28.27 -40.06 12.90
CA GLY A 245 -27.68 -40.68 11.71
C GLY A 245 -26.69 -39.76 10.99
N ASN A 246 -26.00 -40.33 10.01
CA ASN A 246 -25.10 -39.63 9.12
C ASN A 246 -23.94 -38.93 9.83
N PHE A 247 -23.65 -39.34 11.06
CA PHE A 247 -22.65 -38.64 11.85
C PHE A 247 -21.30 -39.33 11.68
N ILE A 248 -20.26 -38.52 11.41
CA ILE A 248 -18.88 -38.97 11.41
C ILE A 248 -18.22 -38.40 12.65
N ALA A 249 -18.05 -39.25 13.66
CA ALA A 249 -17.72 -38.79 15.00
C ALA A 249 -16.23 -38.56 15.14
N PRO A 250 -15.77 -37.64 15.99
CA PRO A 250 -14.37 -37.55 16.33
C PRO A 250 -13.90 -38.80 17.07
N GLU A 251 -12.67 -39.21 16.80
CA GLU A 251 -12.02 -40.27 17.56
C GLU A 251 -10.82 -39.60 18.22
N TYR A 252 -9.96 -38.99 17.41
CA TYR A 252 -8.84 -38.25 17.96
C TYR A 252 -9.01 -36.74 17.71
N ALA A 253 -8.25 -35.98 18.48
CA ALA A 253 -8.21 -34.54 18.33
C ALA A 253 -6.78 -34.05 18.49
N TYR A 254 -6.54 -32.75 18.28
CA TYR A 254 -5.19 -32.22 18.27
C TYR A 254 -5.09 -31.11 19.30
N LYS A 255 -4.26 -31.35 20.32
CA LYS A 255 -3.96 -30.42 21.40
C LYS A 255 -2.83 -29.54 20.93
N ILE A 256 -2.98 -28.23 21.08
CA ILE A 256 -2.04 -27.28 20.51
C ILE A 256 -1.01 -26.92 21.57
N VAL A 257 0.22 -27.41 21.39
CA VAL A 257 1.14 -27.39 22.51
C VAL A 257 2.29 -26.43 22.27
N LYS A 258 2.41 -25.81 21.10
CA LYS A 258 3.49 -24.87 20.85
C LYS A 258 3.07 -23.97 19.69
N LYS A 259 3.02 -22.65 19.96
CA LYS A 259 2.73 -21.62 18.97
C LYS A 259 3.98 -20.81 18.69
N GLY A 260 4.02 -20.16 17.53
CA GLY A 260 5.19 -19.35 17.18
C GLY A 260 5.23 -19.04 15.69
N ASP A 261 6.39 -18.60 15.20
CA ASP A 261 6.60 -18.34 13.79
C ASP A 261 6.60 -19.66 13.05
N SER A 262 5.75 -19.71 12.01
CA SER A 262 5.71 -20.80 11.07
C SER A 262 5.07 -20.28 9.77
N THR A 263 4.91 -21.16 8.80
CA THR A 263 4.28 -20.83 7.55
C THR A 263 4.06 -22.15 6.84
N ILE A 264 3.25 -22.09 5.78
CA ILE A 264 2.93 -23.23 4.95
C ILE A 264 3.49 -22.92 3.57
N MET A 265 4.67 -23.44 3.27
CA MET A 265 5.25 -23.16 1.98
C MET A 265 4.64 -24.12 0.99
N LYS A 266 4.36 -23.59 -0.19
CA LYS A 266 4.02 -24.40 -1.33
C LYS A 266 5.33 -24.55 -2.10
N SER A 267 5.78 -25.80 -2.29
CA SER A 267 7.09 -26.12 -2.84
C SER A 267 7.16 -27.62 -3.13
N GLY A 268 7.92 -27.97 -4.18
CA GLY A 268 8.25 -29.34 -4.51
C GLY A 268 9.76 -29.59 -4.54
N VAL A 269 10.51 -28.68 -3.96
CA VAL A 269 11.94 -28.83 -3.87
C VAL A 269 12.26 -29.81 -2.75
N GLU A 270 13.36 -30.55 -2.91
CA GLU A 270 13.74 -31.64 -2.02
C GLU A 270 14.42 -31.10 -0.77
N TYR A 271 14.40 -31.91 0.29
CA TYR A 271 15.13 -31.63 1.50
C TYR A 271 16.60 -31.92 1.20
N GLY A 272 17.49 -31.22 1.90
CA GLY A 272 18.90 -31.16 1.54
C GLY A 272 19.85 -31.55 2.68
N ASN A 273 19.31 -32.05 3.78
CA ASN A 273 20.11 -32.50 4.89
C ASN A 273 21.04 -31.38 5.30
N CYS A 274 20.49 -30.19 5.57
CA CYS A 274 21.29 -28.98 5.75
C CYS A 274 20.53 -28.04 6.67
N ASN A 275 21.17 -26.94 7.08
CA ASN A 275 20.59 -26.01 8.06
C ASN A 275 20.68 -24.60 7.49
N THR A 276 19.78 -23.71 7.93
CA THR A 276 19.74 -22.37 7.35
C THR A 276 19.13 -21.42 8.37
N LYS A 277 19.45 -20.13 8.24
CA LYS A 277 18.83 -19.05 8.99
C LYS A 277 17.61 -18.53 8.22
N CYS A 278 17.49 -18.90 6.92
CA CYS A 278 16.52 -18.25 6.05
C CYS A 278 16.10 -19.16 4.91
N GLN A 279 14.79 -19.41 4.76
CA GLN A 279 14.27 -20.38 3.80
C GLN A 279 13.23 -19.74 2.87
N THR A 280 13.26 -20.10 1.58
CA THR A 280 12.24 -19.70 0.62
C THR A 280 11.70 -20.96 0.00
N PRO A 281 10.58 -20.89 -0.74
CA PRO A 281 10.06 -22.04 -1.47
C PRO A 281 10.93 -22.60 -2.59
N VAL A 282 12.01 -21.89 -2.95
CA VAL A 282 12.85 -22.35 -4.05
C VAL A 282 14.24 -22.73 -3.55
N GLY A 283 14.54 -22.47 -2.29
CA GLY A 283 15.88 -22.71 -1.80
C GLY A 283 16.13 -21.78 -0.62
N ALA A 284 17.26 -22.02 0.05
CA ALA A 284 17.61 -21.31 1.25
C ALA A 284 18.74 -20.31 0.97
N ILE A 285 18.93 -19.37 1.91
CA ILE A 285 19.78 -18.23 1.67
C ILE A 285 20.80 -18.14 2.79
N ASN A 286 22.06 -18.00 2.39
CA ASN A 286 23.17 -17.91 3.31
C ASN A 286 23.88 -16.62 2.94
N SER A 287 23.56 -15.54 3.64
CA SER A 287 23.91 -14.22 3.13
C SER A 287 23.87 -13.17 4.23
N SER A 288 24.67 -12.09 4.04
CA SER A 288 24.74 -10.96 4.95
C SER A 288 24.16 -9.71 4.30
N MET A 289 23.81 -9.84 3.02
CA MET A 289 23.31 -8.71 2.25
C MET A 289 21.98 -8.23 2.81
N PRO A 290 21.71 -6.92 2.78
CA PRO A 290 20.39 -6.41 3.19
C PRO A 290 19.21 -6.75 2.28
N PHE A 291 19.47 -7.10 1.01
CA PHE A 291 18.41 -7.36 0.06
C PHE A 291 18.65 -8.69 -0.68
N HIS A 292 17.56 -9.24 -1.22
CA HIS A 292 17.63 -10.35 -2.15
C HIS A 292 16.49 -10.25 -3.18
N ASN A 293 16.54 -11.10 -4.22
CA ASN A 293 15.51 -11.13 -5.25
C ASN A 293 15.08 -12.57 -5.56
N ILE A 294 15.24 -13.45 -4.57
CA ILE A 294 15.02 -14.88 -4.74
C ILE A 294 13.52 -15.20 -4.83
N HIS A 295 12.79 -14.82 -3.77
CA HIS A 295 11.36 -15.07 -3.66
C HIS A 295 10.72 -14.13 -2.64
N PRO A 296 9.47 -13.68 -2.87
CA PRO A 296 8.82 -12.83 -1.89
C PRO A 296 8.42 -13.51 -0.57
N LEU A 297 8.26 -14.84 -0.55
CA LEU A 297 7.76 -15.49 0.64
C LEU A 297 8.92 -16.20 1.33
N THR A 298 9.34 -15.70 2.49
CA THR A 298 10.49 -16.25 3.20
C THR A 298 10.09 -16.47 4.66
N ILE A 299 10.86 -17.29 5.37
CA ILE A 299 10.77 -17.38 6.81
C ILE A 299 12.18 -17.44 7.40
N GLY A 300 12.36 -16.85 8.60
CA GLY A 300 13.65 -16.81 9.28
C GLY A 300 14.21 -15.39 9.41
N GLU A 301 15.53 -15.29 9.65
CA GLU A 301 16.23 -14.01 9.65
C GLU A 301 16.61 -13.69 8.20
N CYS A 302 15.87 -12.79 7.56
CA CYS A 302 15.85 -12.68 6.11
C CYS A 302 16.33 -11.33 5.63
N PRO A 303 17.03 -11.27 4.48
CA PRO A 303 17.19 -10.01 3.75
C PRO A 303 15.82 -9.53 3.28
N LYS A 304 15.67 -8.26 2.90
CA LYS A 304 14.38 -7.75 2.45
C LYS A 304 14.23 -7.92 0.94
N TYR A 305 13.08 -8.39 0.45
CA TYR A 305 12.95 -8.77 -0.95
C TYR A 305 12.65 -7.56 -1.84
N VAL A 306 13.27 -7.50 -3.02
CA VAL A 306 12.98 -6.49 -4.03
C VAL A 306 13.00 -7.18 -5.38
N LYS A 307 12.49 -6.51 -6.41
CA LYS A 307 12.39 -7.15 -7.71
C LYS A 307 13.56 -6.78 -8.63
N SER A 308 14.74 -6.43 -8.12
CA SER A 308 15.82 -5.91 -8.97
C SER A 308 16.80 -7.00 -9.40
N ASN A 309 17.58 -6.70 -10.44
CA ASN A 309 18.60 -7.63 -10.89
C ASN A 309 19.98 -7.22 -10.48
N LYS A 310 20.15 -5.93 -10.20
CA LYS A 310 21.43 -5.40 -9.76
C LYS A 310 21.15 -4.28 -8.77
N LEU A 311 22.07 -4.09 -7.82
CA LEU A 311 21.85 -3.10 -6.80
C LEU A 311 23.17 -2.93 -6.08
N VAL A 312 23.98 -2.04 -6.63
CA VAL A 312 25.33 -1.77 -6.17
C VAL A 312 25.45 -0.31 -5.72
N LEU A 313 26.03 -0.11 -4.54
CA LEU A 313 26.31 1.21 -3.99
C LEU A 313 27.74 1.59 -4.31
N ALA A 314 27.96 2.71 -4.98
CA ALA A 314 29.30 3.28 -5.13
C ALA A 314 29.84 3.77 -3.79
N THR A 315 31.05 3.38 -3.45
CA THR A 315 31.72 3.82 -2.22
C THR A 315 32.89 4.73 -2.59
N GLY A 316 33.60 4.43 -3.68
CA GLY A 316 34.77 5.19 -4.09
C GLY A 316 34.52 6.05 -5.34
N LEU A 317 35.63 6.39 -6.04
CA LEU A 317 35.71 7.41 -7.07
C LEU A 317 35.47 6.80 -8.44
N ARG A 318 35.16 7.64 -9.42
CA ARG A 318 35.14 7.17 -10.78
C ARG A 318 36.54 6.71 -11.17
N ASN A 319 36.63 5.54 -11.77
CA ASN A 319 37.93 4.95 -12.04
C ASN A 319 38.40 5.52 -13.37
N SER A 320 39.71 5.42 -13.61
CA SER A 320 40.33 5.89 -14.84
C SER A 320 40.57 4.71 -15.78
N PRO A 321 40.51 4.91 -17.12
CA PRO A 321 40.77 3.82 -18.06
C PRO A 321 42.22 3.27 -18.12
N LEU A 331 31.00 17.96 -11.84
CA LEU A 331 30.13 18.92 -11.10
C LEU A 331 30.95 19.95 -10.31
N PHE A 332 32.09 19.56 -9.72
CA PHE A 332 33.00 20.52 -9.10
C PHE A 332 34.21 20.78 -10.00
N GLY A 333 34.35 20.00 -11.08
CA GLY A 333 35.32 20.33 -12.13
C GLY A 333 36.71 19.72 -11.93
N ALA A 334 36.93 19.02 -10.78
CA ALA A 334 38.24 18.45 -10.47
C ALA A 334 38.43 17.05 -11.06
N ILE A 335 37.67 16.06 -10.57
CA ILE A 335 37.85 14.68 -11.00
C ILE A 335 37.45 14.54 -12.46
N ALA A 336 38.28 13.83 -13.25
CA ALA A 336 38.17 13.77 -14.71
C ALA A 336 37.79 15.12 -15.33
N GLY A 337 38.36 16.20 -14.75
CA GLY A 337 38.16 17.57 -15.18
C GLY A 337 39.52 18.26 -15.28
N PHE A 338 39.81 19.21 -14.39
CA PHE A 338 41.10 19.90 -14.49
C PHE A 338 42.21 18.98 -13.96
N ILE A 339 41.88 17.92 -13.19
CA ILE A 339 42.82 16.82 -12.96
C ILE A 339 42.45 15.67 -13.88
N GLU A 340 43.32 15.37 -14.86
CA GLU A 340 42.92 14.67 -16.07
C GLU A 340 42.56 13.22 -15.75
N GLY A 341 43.33 12.55 -14.87
CA GLY A 341 42.95 11.23 -14.40
C GLY A 341 43.45 10.97 -12.99
N GLY A 342 43.30 9.73 -12.53
CA GLY A 342 43.79 9.36 -11.21
C GLY A 342 45.11 8.60 -11.29
N TRP A 343 45.61 8.17 -10.14
CA TRP A 343 46.95 7.64 -10.01
C TRP A 343 46.93 6.18 -9.52
N GLN A 344 47.40 5.23 -10.34
CA GLN A 344 47.58 3.86 -9.89
C GLN A 344 48.60 3.80 -8.73
N GLY A 345 49.58 4.71 -8.75
CA GLY A 345 50.66 4.66 -7.76
C GLY A 345 50.26 5.18 -6.37
N MET A 346 49.09 5.80 -6.25
CA MET A 346 48.69 6.19 -4.92
C MET A 346 47.80 5.12 -4.34
N VAL A 347 48.41 4.19 -3.61
CA VAL A 347 47.74 2.97 -3.18
C VAL A 347 47.08 3.17 -1.81
N ASP A 348 47.57 4.13 -1.01
CA ASP A 348 47.29 4.13 0.43
C ASP A 348 46.25 5.18 0.83
N GLY A 349 45.44 5.68 -0.12
CA GLY A 349 44.42 6.68 0.18
C GLY A 349 43.62 7.09 -1.05
N TRP A 350 42.50 7.74 -0.84
CA TRP A 350 41.65 8.14 -1.94
C TRP A 350 42.18 9.41 -2.59
N TYR A 351 42.70 10.30 -1.74
CA TYR A 351 43.16 11.59 -2.23
C TYR A 351 44.57 11.80 -1.71
N GLY A 352 45.40 12.49 -2.49
CA GLY A 352 46.68 12.82 -1.93
C GLY A 352 47.55 13.63 -2.86
N TYR A 353 48.86 13.50 -2.59
CA TYR A 353 49.86 14.32 -3.22
C TYR A 353 50.90 13.45 -3.89
N HIS A 354 51.53 14.03 -4.91
CA HIS A 354 52.76 13.52 -5.49
C HIS A 354 53.76 14.67 -5.56
N HIS A 355 54.97 14.47 -5.06
CA HIS A 355 55.94 15.56 -5.04
C HIS A 355 57.15 15.17 -5.86
N SER A 356 57.79 16.18 -6.45
CA SER A 356 59.03 16.01 -7.19
C SER A 356 60.03 17.08 -6.75
N ASN A 357 61.27 16.64 -6.40
CA ASN A 357 62.30 17.51 -5.87
C ASN A 357 63.71 16.88 -6.02
N GLU A 358 64.73 17.52 -5.42
CA GLU A 358 66.13 17.12 -5.47
C GLU A 358 66.31 15.68 -5.02
N GLN A 359 65.70 15.34 -3.88
CA GLN A 359 65.77 14.01 -3.29
C GLN A 359 64.89 12.96 -3.97
N GLY A 360 64.20 13.34 -5.06
CA GLY A 360 63.37 12.42 -5.82
C GLY A 360 61.88 12.74 -5.69
N SER A 361 61.06 11.72 -5.38
CA SER A 361 59.64 11.77 -5.71
C SER A 361 58.88 10.70 -4.95
N GLY A 362 57.55 10.81 -4.97
CA GLY A 362 56.69 9.89 -4.23
C GLY A 362 55.23 10.35 -4.08
N TYR A 363 54.40 9.37 -3.77
CA TYR A 363 52.99 9.59 -3.53
C TYR A 363 52.73 9.57 -2.05
N ALA A 364 51.80 10.39 -1.59
CA ALA A 364 51.42 10.34 -0.20
C ALA A 364 49.95 10.73 -0.06
N ALA A 365 49.15 9.82 0.51
CA ALA A 365 47.76 10.11 0.82
C ALA A 365 47.63 11.26 1.80
N ASP A 366 46.63 12.11 1.58
CA ASP A 366 46.18 13.04 2.61
C ASP A 366 45.21 12.31 3.52
N LYS A 367 45.64 12.01 4.75
CA LYS A 367 44.93 11.08 5.60
C LYS A 367 43.70 11.73 6.24
N GLU A 368 43.79 13.02 6.61
CA GLU A 368 42.66 13.68 7.25
C GLU A 368 41.49 13.64 6.28
N SER A 369 41.65 14.21 5.08
CA SER A 369 40.55 14.34 4.14
C SER A 369 40.07 12.98 3.64
N THR A 370 40.99 12.00 3.59
CA THR A 370 40.60 10.65 3.22
C THR A 370 39.75 10.00 4.31
N GLN A 371 40.08 10.22 5.58
CA GLN A 371 39.29 9.62 6.66
C GLN A 371 37.89 10.23 6.66
N LYS A 372 37.79 11.55 6.54
CA LYS A 372 36.51 12.22 6.42
C LYS A 372 35.60 11.48 5.44
N ALA A 373 36.15 11.21 4.26
CA ALA A 373 35.38 10.61 3.18
C ALA A 373 35.05 9.16 3.49
N ILE A 374 35.95 8.44 4.13
CA ILE A 374 35.57 7.07 4.47
C ILE A 374 34.42 7.14 5.48
N ASP A 375 34.57 8.00 6.50
CA ASP A 375 33.54 8.13 7.54
C ASP A 375 32.18 8.33 6.90
N GLY A 376 32.10 9.31 6.01
CA GLY A 376 30.84 9.74 5.43
C GLY A 376 30.23 8.70 4.51
N VAL A 377 31.07 8.02 3.73
CA VAL A 377 30.56 7.02 2.80
C VAL A 377 30.05 5.82 3.58
N THR A 378 30.69 5.50 4.72
CA THR A 378 30.28 4.38 5.57
C THR A 378 28.92 4.68 6.19
N ASN A 379 28.76 5.91 6.71
CA ASN A 379 27.54 6.31 7.38
C ASN A 379 26.40 6.40 6.38
N LYS A 380 26.72 6.66 5.10
CA LYS A 380 25.72 6.66 4.06
C LYS A 380 25.23 5.23 3.83
N VAL A 381 26.16 4.32 3.55
CA VAL A 381 25.80 2.92 3.40
C VAL A 381 24.94 2.50 4.59
N ASN A 382 25.43 2.72 5.82
CA ASN A 382 24.68 2.36 7.02
C ASN A 382 23.32 3.05 7.07
N SER A 383 23.23 4.32 6.70
CA SER A 383 21.94 5.01 6.75
C SER A 383 20.95 4.38 5.76
N ILE A 384 21.46 3.88 4.64
CA ILE A 384 20.64 3.32 3.57
C ILE A 384 20.19 1.92 3.93
N ILE A 385 21.10 1.11 4.47
CA ILE A 385 20.70 -0.19 4.98
C ILE A 385 19.62 0.06 6.03
N ASP A 386 19.88 0.95 6.99
CA ASP A 386 19.10 1.05 8.22
C ASP A 386 17.67 1.53 7.91
N LYS A 387 17.52 2.53 7.02
CA LYS A 387 16.22 2.99 6.54
C LYS A 387 15.38 1.90 5.87
N MET A 388 15.97 0.82 5.35
CA MET A 388 15.17 -0.21 4.68
C MET A 388 14.91 -1.42 5.59
N ASN A 389 14.88 -1.22 6.92
CA ASN A 389 14.61 -2.30 7.86
C ASN A 389 13.12 -2.56 8.02
N THR A 390 12.29 -1.61 7.62
CA THR A 390 10.88 -1.65 7.99
C THR A 390 10.01 -1.84 6.75
N GLN A 391 10.62 -2.25 5.64
CA GLN A 391 9.88 -2.66 4.46
C GLN A 391 8.76 -3.67 4.74
N PHE A 392 7.87 -3.79 3.77
CA PHE A 392 6.79 -4.76 3.77
C PHE A 392 7.35 -6.17 3.62
N GLU A 393 6.66 -7.15 4.22
CA GLU A 393 6.98 -8.56 4.07
C GLU A 393 5.72 -9.35 3.72
N ALA A 394 5.80 -10.10 2.60
CA ALA A 394 4.68 -10.87 2.11
C ALA A 394 4.40 -12.04 3.05
N VAL A 395 3.13 -12.43 3.04
CA VAL A 395 2.60 -13.51 3.86
C VAL A 395 1.66 -14.30 2.96
N GLY A 396 1.91 -15.60 2.83
CA GLY A 396 0.97 -16.46 2.13
C GLY A 396 -0.37 -16.42 2.85
N ARG A 397 -1.42 -16.19 2.08
CA ARG A 397 -2.78 -16.38 2.57
C ARG A 397 -3.48 -17.15 1.48
N GLU A 398 -4.50 -17.93 1.82
CA GLU A 398 -5.17 -18.77 0.83
C GLU A 398 -6.64 -18.43 0.77
N PHE A 399 -7.22 -18.62 -0.42
CA PHE A 399 -8.61 -18.27 -0.68
C PHE A 399 -9.27 -19.35 -1.51
N ASN A 400 -10.49 -19.72 -1.16
CA ASN A 400 -11.19 -20.74 -1.92
C ASN A 400 -11.73 -20.15 -3.22
N ASN A 401 -12.48 -20.97 -3.93
CA ASN A 401 -12.85 -20.72 -5.31
C ASN A 401 -13.82 -19.56 -5.46
N LEU A 402 -14.59 -19.25 -4.42
CA LEU A 402 -15.57 -18.17 -4.45
C LEU A 402 -15.11 -16.97 -3.61
N GLU A 403 -13.81 -16.81 -3.49
CA GLU A 403 -13.25 -15.65 -2.84
C GLU A 403 -12.23 -15.02 -3.78
N ARG A 404 -12.57 -14.88 -5.06
CA ARG A 404 -11.63 -14.46 -6.07
C ARG A 404 -11.38 -12.96 -6.04
N ARG A 405 -12.42 -12.17 -5.78
CA ARG A 405 -12.26 -10.76 -5.44
C ARG A 405 -11.23 -10.53 -4.35
N ILE A 406 -11.32 -11.30 -3.27
CA ILE A 406 -10.54 -11.02 -2.09
C ILE A 406 -9.10 -11.47 -2.37
N GLU A 407 -8.93 -12.60 -3.07
CA GLU A 407 -7.64 -13.12 -3.50
C GLU A 407 -6.95 -12.11 -4.43
N ASN A 408 -7.71 -11.45 -5.27
CA ASN A 408 -7.16 -10.52 -6.23
C ASN A 408 -6.72 -9.25 -5.49
N LEU A 409 -7.57 -8.80 -4.58
CA LEU A 409 -7.25 -7.70 -3.69
C LEU A 409 -5.95 -7.98 -2.91
N ASN A 410 -5.86 -9.12 -2.23
CA ASN A 410 -4.65 -9.60 -1.61
C ASN A 410 -3.41 -9.55 -2.50
N LYS A 411 -3.53 -9.96 -3.76
CA LYS A 411 -2.39 -10.08 -4.65
C LYS A 411 -1.94 -8.66 -5.00
N LYS A 412 -2.87 -7.81 -5.38
CA LYS A 412 -2.52 -6.45 -5.76
C LYS A 412 -1.90 -5.69 -4.59
N MET A 413 -2.38 -5.92 -3.38
CA MET A 413 -1.84 -5.23 -2.23
C MET A 413 -0.38 -5.64 -2.02
N GLU A 414 -0.08 -6.94 -2.11
CA GLU A 414 1.25 -7.45 -1.86
C GLU A 414 2.23 -7.04 -2.96
N ASP A 415 1.81 -7.14 -4.23
CA ASP A 415 2.61 -6.62 -5.32
C ASP A 415 2.74 -5.09 -5.21
N GLY A 416 1.70 -4.45 -4.70
CA GLY A 416 1.69 -3.03 -4.55
C GLY A 416 2.86 -2.55 -3.70
N PHE A 417 3.01 -3.16 -2.54
CA PHE A 417 4.08 -2.74 -1.66
C PHE A 417 5.43 -3.17 -2.19
N LEU A 418 5.46 -4.29 -2.90
CA LEU A 418 6.68 -4.77 -3.48
C LEU A 418 7.21 -3.76 -4.50
N ASP A 419 6.31 -3.25 -5.35
CA ASP A 419 6.76 -2.25 -6.31
C ASP A 419 7.22 -0.96 -5.60
N VAL A 420 6.48 -0.52 -4.58
CA VAL A 420 6.85 0.70 -3.89
C VAL A 420 8.23 0.55 -3.29
N TRP A 421 8.44 -0.56 -2.60
CA TRP A 421 9.71 -0.75 -1.92
C TRP A 421 10.83 -0.98 -2.94
N THR A 422 10.54 -1.64 -4.08
CA THR A 422 11.55 -1.81 -5.11
C THR A 422 11.95 -0.45 -5.69
N TYR A 423 10.95 0.37 -6.04
CA TYR A 423 11.21 1.74 -6.49
C TYR A 423 12.07 2.46 -5.46
N ASN A 424 11.64 2.45 -4.19
CA ASN A 424 12.35 3.24 -3.19
C ASN A 424 13.82 2.86 -3.13
N ALA A 425 14.11 1.57 -3.33
CA ALA A 425 15.48 1.08 -3.17
C ALA A 425 16.29 1.43 -4.40
N GLU A 426 15.74 1.20 -5.58
CA GLU A 426 16.45 1.47 -6.81
C GLU A 426 16.76 2.96 -6.91
N LEU A 427 15.84 3.80 -6.48
CA LEU A 427 15.99 5.24 -6.66
C LEU A 427 16.93 5.80 -5.61
N LEU A 428 16.84 5.34 -4.36
CA LEU A 428 17.75 5.82 -3.35
C LEU A 428 19.19 5.50 -3.74
N VAL A 429 19.43 4.29 -4.22
CA VAL A 429 20.78 3.94 -4.62
C VAL A 429 21.23 4.88 -5.74
N LEU A 430 20.36 5.02 -6.73
CA LEU A 430 20.63 5.80 -7.92
C LEU A 430 20.99 7.24 -7.53
N MET A 431 20.21 7.85 -6.62
CA MET A 431 20.40 9.24 -6.26
C MET A 431 21.65 9.38 -5.39
N GLU A 432 21.88 8.44 -4.47
CA GLU A 432 23.00 8.56 -3.55
C GLU A 432 24.31 8.22 -4.26
N ASN A 433 24.25 7.41 -5.31
CA ASN A 433 25.45 7.18 -6.09
C ASN A 433 25.95 8.48 -6.69
N GLU A 434 25.03 9.25 -7.30
CA GLU A 434 25.37 10.53 -7.91
C GLU A 434 26.04 11.44 -6.88
N ARG A 435 25.38 11.58 -5.74
CA ARG A 435 25.91 12.39 -4.65
C ARG A 435 27.28 11.86 -4.21
N THR A 436 27.51 10.56 -4.23
CA THR A 436 28.80 10.03 -3.76
C THR A 436 29.92 10.43 -4.72
N LEU A 437 29.69 10.36 -6.03
CA LEU A 437 30.68 10.78 -7.00
C LEU A 437 30.99 12.28 -6.88
N ASP A 438 29.96 13.09 -6.66
CA ASP A 438 30.17 14.52 -6.57
C ASP A 438 30.94 14.87 -5.30
N PHE A 439 30.68 14.10 -4.24
CA PHE A 439 31.32 14.27 -2.93
C PHE A 439 32.85 14.15 -3.07
N HIS A 440 33.27 13.05 -3.68
CA HIS A 440 34.66 12.80 -4.03
C HIS A 440 35.22 13.99 -4.83
N ASP A 441 34.48 14.46 -5.83
CA ASP A 441 34.95 15.52 -6.71
C ASP A 441 35.15 16.80 -5.89
N SER A 442 34.24 17.06 -4.94
CA SER A 442 34.35 18.19 -4.03
C SER A 442 35.53 17.97 -3.08
N ASN A 443 35.68 16.76 -2.56
CA ASN A 443 36.75 16.55 -1.61
C ASN A 443 38.08 16.88 -2.30
N VAL A 444 38.19 16.57 -3.59
CA VAL A 444 39.45 16.78 -4.28
C VAL A 444 39.64 18.26 -4.60
N LYS A 445 38.58 18.96 -5.02
CA LYS A 445 38.69 20.38 -5.27
C LYS A 445 39.05 21.10 -3.97
N ASN A 446 38.57 20.62 -2.84
CA ASN A 446 38.81 21.31 -1.58
C ASN A 446 40.23 21.09 -1.10
N LEU A 447 40.82 19.96 -1.49
CA LEU A 447 42.19 19.64 -1.15
C LEU A 447 43.15 20.50 -1.97
N TYR A 448 42.86 20.61 -3.27
CA TYR A 448 43.63 21.44 -4.19
C TYR A 448 43.59 22.90 -3.77
N ASP A 449 42.46 23.31 -3.17
CA ASP A 449 42.27 24.71 -2.82
C ASP A 449 43.03 24.96 -1.53
N LYS A 450 43.10 23.96 -0.64
CA LYS A 450 43.82 24.12 0.63
C LYS A 450 45.30 24.33 0.33
N VAL A 451 45.80 23.66 -0.71
CA VAL A 451 47.20 23.81 -1.06
C VAL A 451 47.35 25.14 -1.78
N ARG A 452 46.55 25.42 -2.81
CA ARG A 452 46.66 26.67 -3.55
C ARG A 452 46.80 27.86 -2.60
N LEU A 453 45.94 27.91 -1.58
CA LEU A 453 45.87 29.01 -0.64
C LEU A 453 47.16 29.17 0.16
N GLN A 454 47.77 28.08 0.62
CA GLN A 454 49.03 28.17 1.35
C GLN A 454 50.15 28.77 0.49
N LEU A 455 50.23 28.40 -0.78
CA LEU A 455 51.40 28.69 -1.59
C LEU A 455 51.28 30.12 -2.10
N ARG A 456 50.15 30.43 -2.76
CA ARG A 456 49.94 31.73 -3.36
C ARG A 456 51.02 31.93 -4.45
N ASP A 457 51.67 33.10 -4.41
CA ASP A 457 52.57 33.55 -5.46
C ASP A 457 53.90 32.79 -5.40
N ASN A 458 54.17 32.04 -4.32
CA ASN A 458 55.39 31.24 -4.20
C ASN A 458 55.46 30.10 -5.22
N ALA A 459 54.34 29.76 -5.87
CA ALA A 459 54.36 28.74 -6.91
C ALA A 459 53.43 29.15 -8.04
N LYS A 460 53.61 28.50 -9.17
CA LYS A 460 52.76 28.70 -10.33
C LYS A 460 51.70 27.60 -10.35
N GLU A 461 50.41 27.96 -10.44
CA GLU A 461 49.39 27.01 -10.83
C GLU A 461 49.67 26.64 -12.29
N LEU A 462 49.81 25.35 -12.59
CA LEU A 462 49.93 24.89 -13.96
C LEU A 462 48.57 24.53 -14.54
N GLY A 463 47.53 24.46 -13.70
CA GLY A 463 46.16 24.28 -14.18
C GLY A 463 45.73 22.84 -14.34
N ASN A 464 46.64 21.88 -14.07
CA ASN A 464 46.34 20.46 -14.18
C ASN A 464 46.38 19.81 -12.79
N GLY A 465 46.39 20.65 -11.75
CA GLY A 465 46.40 20.16 -10.39
C GLY A 465 47.79 20.18 -9.79
N CYS A 466 48.78 20.70 -10.56
CA CYS A 466 50.17 20.75 -10.12
C CYS A 466 50.65 22.17 -9.83
N PHE A 467 51.43 22.28 -8.75
CA PHE A 467 52.08 23.52 -8.40
C PHE A 467 53.58 23.44 -8.64
N GLU A 468 54.11 24.26 -9.56
CA GLU A 468 55.55 24.42 -9.74
C GLU A 468 56.03 25.50 -8.79
N PHE A 469 56.93 25.15 -7.88
CA PHE A 469 57.46 26.11 -6.94
C PHE A 469 58.45 27.05 -7.61
N TYR A 470 58.49 28.28 -7.07
CA TYR A 470 59.40 29.32 -7.51
C TYR A 470 60.64 29.29 -6.62
N HIS A 471 60.60 28.49 -5.57
CA HIS A 471 61.77 28.26 -4.76
C HIS A 471 62.12 26.76 -4.78
N LYS A 472 63.04 26.36 -3.90
CA LYS A 472 63.41 24.98 -3.74
C LYS A 472 62.68 24.44 -2.51
N CYS A 473 62.03 23.29 -2.72
CA CYS A 473 61.17 22.67 -1.73
C CYS A 473 61.69 21.26 -1.42
N ASP A 474 62.55 21.15 -0.40
CA ASP A 474 63.15 19.89 -0.01
C ASP A 474 62.08 19.09 0.76
N ASN A 475 62.42 17.88 1.22
CA ASN A 475 61.44 16.89 1.63
C ASN A 475 60.64 17.38 2.83
N GLU A 476 61.28 18.15 3.74
CA GLU A 476 60.56 18.58 4.92
C GLU A 476 59.70 19.81 4.59
N CYS A 477 60.06 20.56 3.54
CA CYS A 477 59.16 21.58 3.00
C CYS A 477 57.94 20.95 2.32
N MET A 478 58.09 19.81 1.63
CA MET A 478 56.97 19.06 1.11
C MET A 478 56.06 18.58 2.24
N GLU A 479 56.64 18.02 3.29
CA GLU A 479 55.82 17.53 4.39
C GLU A 479 55.13 18.74 5.03
N SER A 480 55.68 19.93 4.82
CA SER A 480 55.06 21.11 5.41
C SER A 480 53.77 21.44 4.68
N VAL A 481 53.74 21.17 3.36
CA VAL A 481 52.55 21.47 2.57
C VAL A 481 51.47 20.43 2.85
N ARG A 482 51.90 19.17 3.08
CA ARG A 482 50.97 18.07 3.21
C ARG A 482 50.22 18.11 4.54
N ASN A 483 50.68 18.97 5.49
CA ASN A 483 50.07 19.04 6.81
C ASN A 483 49.67 20.48 7.19
N GLY A 484 49.78 21.43 6.27
CA GLY A 484 49.17 22.73 6.47
C GLY A 484 49.99 23.66 7.38
N THR A 485 51.32 23.53 7.34
CA THR A 485 52.18 24.33 8.22
C THR A 485 53.19 25.09 7.38
N TYR A 486 52.87 25.29 6.11
CA TYR A 486 53.81 25.84 5.16
C TYR A 486 54.01 27.31 5.44
N ASP A 487 55.24 27.66 5.85
CA ASP A 487 55.58 29.03 6.22
C ASP A 487 55.81 29.83 4.94
N TYR A 488 54.84 30.68 4.59
CA TYR A 488 54.90 31.47 3.36
C TYR A 488 56.03 32.51 3.38
N PRO A 489 56.31 33.24 4.49
CA PRO A 489 57.31 34.31 4.48
C PRO A 489 58.73 33.78 4.26
N GLN A 490 58.99 32.59 4.81
CA GLN A 490 60.30 31.97 4.76
C GLN A 490 60.84 31.81 3.33
N TYR A 491 59.99 31.84 2.30
CA TYR A 491 60.43 31.52 0.94
C TYR A 491 60.09 32.67 -0.03
N SER A 492 59.45 33.74 0.46
CA SER A 492 58.83 34.72 -0.43
C SER A 492 59.88 35.51 -1.20
N GLU A 493 61.02 35.81 -0.56
CA GLU A 493 62.06 36.59 -1.18
C GLU A 493 62.67 35.76 -2.31
N GLU A 494 63.12 34.53 -2.00
CA GLU A 494 63.62 33.62 -3.02
C GLU A 494 62.61 33.49 -4.17
N ALA A 495 61.33 33.37 -3.81
CA ALA A 495 60.25 33.24 -4.78
C ALA A 495 60.10 34.51 -5.62
N ARG A 496 60.23 35.67 -4.95
CA ARG A 496 60.28 36.96 -5.64
C ARG A 496 61.33 36.87 -6.73
N LEU A 497 62.59 36.65 -6.32
CA LEU A 497 63.72 36.69 -7.23
C LEU A 497 63.46 35.79 -8.44
N LYS A 498 62.88 34.59 -8.20
CA LYS A 498 62.78 33.58 -9.23
C LYS A 498 61.75 34.00 -10.30
N ARG A 499 60.95 35.03 -10.05
CA ARG A 499 60.15 35.63 -11.11
C ARG A 499 61.00 36.67 -11.88
N GLU A 500 60.79 36.74 -13.20
CA GLU A 500 61.68 37.43 -14.12
C GLU A 500 63.13 37.01 -13.83
N ASP B 1 39.73 44.50 -26.33
CA ASP B 1 39.34 43.20 -26.98
C ASP B 1 38.91 42.17 -25.92
N GLN B 2 37.75 41.53 -26.12
CA GLN B 2 37.29 40.57 -25.12
C GLN B 2 36.58 39.36 -25.70
N ILE B 3 36.55 38.33 -24.84
CA ILE B 3 35.80 37.09 -25.02
C ILE B 3 35.02 36.87 -23.73
N CYS B 4 33.72 36.55 -23.87
CA CYS B 4 32.86 36.33 -22.72
C CYS B 4 32.29 34.91 -22.78
N ILE B 5 32.01 34.39 -21.59
CA ILE B 5 31.33 33.11 -21.48
C ILE B 5 29.88 33.43 -21.16
N GLY B 6 28.96 32.66 -21.74
CA GLY B 6 27.56 32.86 -21.39
C GLY B 6 26.71 31.66 -21.76
N TYR B 7 25.37 31.85 -21.73
CA TYR B 7 24.43 30.79 -22.02
C TYR B 7 23.16 31.27 -22.71
N HIS B 8 22.47 30.28 -23.29
CA HIS B 8 21.23 30.44 -24.03
C HIS B 8 20.15 31.17 -23.24
N ALA B 9 19.40 32.03 -23.95
CA ALA B 9 18.12 32.57 -23.51
C ALA B 9 17.18 32.51 -24.71
N ASN B 10 15.86 32.58 -24.44
CA ASN B 10 14.87 32.49 -25.51
C ASN B 10 13.55 33.06 -25.01
N ASN B 11 12.50 32.93 -25.85
CA ASN B 11 11.20 33.55 -25.62
C ASN B 11 10.24 32.59 -24.91
N SER B 12 10.76 31.47 -24.39
CA SER B 12 9.96 30.45 -23.73
C SER B 12 9.40 31.01 -22.41
N THR B 13 8.12 30.68 -22.15
CA THR B 13 7.43 31.07 -20.93
C THR B 13 7.20 29.87 -20.03
N GLU B 14 7.55 28.66 -20.51
CA GLU B 14 7.39 27.40 -19.78
C GLU B 14 7.97 27.53 -18.37
N GLN B 15 7.20 27.07 -17.37
CA GLN B 15 7.60 27.15 -15.98
C GLN B 15 7.75 25.77 -15.35
N VAL B 16 8.49 25.71 -14.24
CA VAL B 16 8.73 24.47 -13.54
C VAL B 16 8.91 24.85 -12.09
N ASP B 17 8.91 23.85 -11.21
CA ASP B 17 8.95 24.07 -9.77
C ASP B 17 10.16 23.28 -9.26
N THR B 18 10.73 23.77 -8.15
CA THR B 18 11.78 23.10 -7.39
C THR B 18 11.35 23.21 -5.94
N ILE B 19 12.08 22.57 -5.02
CA ILE B 19 11.73 22.59 -3.61
C ILE B 19 11.82 24.02 -3.08
N MET B 20 12.83 24.80 -3.53
CA MET B 20 13.07 26.12 -2.97
C MET B 20 12.41 27.26 -3.76
N GLU B 21 11.92 27.00 -4.98
CA GLU B 21 11.41 28.07 -5.82
C GLU B 21 10.34 27.54 -6.77
N LYS B 22 9.17 28.18 -6.77
CA LYS B 22 8.04 27.81 -7.60
C LYS B 22 7.99 28.71 -8.83
N ASN B 23 7.50 28.20 -9.97
CA ASN B 23 7.29 28.99 -11.19
C ASN B 23 8.58 29.67 -11.61
N VAL B 24 9.56 28.87 -11.98
CA VAL B 24 10.79 29.32 -12.59
C VAL B 24 10.67 29.15 -14.10
N THR B 25 10.78 30.28 -14.81
CA THR B 25 10.80 30.20 -16.26
C THR B 25 12.09 29.49 -16.67
N VAL B 26 12.00 28.55 -17.61
CA VAL B 26 13.15 27.88 -18.16
C VAL B 26 13.07 27.87 -19.68
N THR B 27 14.18 27.55 -20.35
CA THR B 27 14.27 27.75 -21.78
C THR B 27 13.69 26.56 -22.51
N HIS B 28 13.70 25.41 -21.84
CA HIS B 28 13.04 24.22 -22.35
C HIS B 28 12.51 23.44 -21.17
N ALA B 29 11.47 22.64 -21.43
CA ALA B 29 10.82 21.84 -20.42
C ALA B 29 10.14 20.66 -21.09
N GLN B 30 9.51 19.80 -20.30
CA GLN B 30 8.84 18.65 -20.89
C GLN B 30 7.63 18.32 -20.03
N ASP B 31 6.46 18.61 -20.58
CA ASP B 31 5.23 18.11 -20.00
C ASP B 31 5.29 16.57 -20.05
N ILE B 32 4.87 15.95 -18.93
CA ILE B 32 4.77 14.50 -18.86
C ILE B 32 3.38 14.05 -18.36
N LEU B 33 2.47 15.00 -18.13
CA LEU B 33 1.13 14.71 -17.69
C LEU B 33 0.13 15.05 -18.79
N GLU B 34 -0.46 14.01 -19.39
CA GLU B 34 -1.67 14.14 -20.18
C GLU B 34 -2.87 14.57 -19.32
N LYS B 35 -3.55 15.64 -19.75
CA LYS B 35 -4.65 16.23 -19.00
C LYS B 35 -5.98 16.16 -19.76
N THR B 36 -5.98 15.67 -21.02
CA THR B 36 -7.13 15.82 -21.90
C THR B 36 -7.59 14.48 -22.51
N HIS B 37 -8.94 14.37 -22.60
CA HIS B 37 -9.61 13.15 -23.04
C HIS B 37 -10.80 13.52 -23.91
N ASN B 38 -11.29 12.59 -24.72
CA ASN B 38 -12.23 12.95 -25.77
C ASN B 38 -13.71 12.86 -25.35
N GLY B 39 -14.03 12.51 -24.10
CA GLY B 39 -15.41 12.57 -23.60
C GLY B 39 -16.34 11.50 -24.19
N LYS B 40 -15.79 10.44 -24.80
CA LYS B 40 -16.55 9.42 -25.50
C LYS B 40 -16.06 8.03 -25.14
N LEU B 41 -16.91 7.01 -25.36
CA LEU B 41 -16.49 5.61 -25.28
C LEU B 41 -16.15 5.17 -26.67
N CYS B 42 -15.12 4.33 -26.81
CA CYS B 42 -14.61 4.01 -28.12
C CYS B 42 -14.30 2.54 -28.24
N ASP B 43 -14.01 2.12 -29.47
CA ASP B 43 -13.53 0.78 -29.75
C ASP B 43 -12.14 0.70 -29.11
N LEU B 44 -11.70 -0.50 -28.71
CA LEU B 44 -10.37 -0.66 -28.17
C LEU B 44 -9.58 -1.50 -29.15
N ASN B 45 -8.56 -0.89 -29.76
CA ASN B 45 -7.78 -1.53 -30.80
C ASN B 45 -8.70 -2.30 -31.73
N GLY B 46 -9.69 -1.60 -32.28
CA GLY B 46 -10.54 -2.13 -33.34
C GLY B 46 -11.79 -2.86 -32.83
N VAL B 47 -11.86 -3.15 -31.51
CA VAL B 47 -12.87 -4.04 -30.95
C VAL B 47 -13.86 -3.23 -30.11
N LYS B 48 -15.14 -3.23 -30.55
CA LYS B 48 -16.20 -2.46 -29.91
C LYS B 48 -16.50 -3.02 -28.51
N PRO B 49 -16.78 -2.17 -27.52
CA PRO B 49 -17.26 -2.64 -26.23
C PRO B 49 -18.66 -3.17 -26.36
N LEU B 50 -19.09 -3.91 -25.33
CA LEU B 50 -20.48 -4.32 -25.13
C LEU B 50 -21.15 -3.30 -24.22
N ILE B 51 -22.12 -2.59 -24.77
CA ILE B 51 -22.79 -1.56 -24.04
C ILE B 51 -24.19 -2.06 -23.69
N LEU B 52 -24.50 -2.11 -22.39
CA LEU B 52 -25.70 -2.76 -21.92
C LEU B 52 -26.88 -1.80 -21.91
N LYS B 53 -26.65 -0.54 -22.31
CA LYS B 53 -27.70 0.47 -22.25
C LYS B 53 -28.17 0.48 -20.80
N ASP B 54 -29.45 0.18 -20.55
CA ASP B 54 -30.00 0.29 -19.19
C ASP B 54 -30.26 -1.14 -18.65
N CYS B 55 -29.54 -2.11 -19.21
CA CYS B 55 -29.61 -3.47 -18.76
C CYS B 55 -28.46 -3.76 -17.80
N SER B 56 -28.73 -4.56 -16.79
CA SER B 56 -27.68 -4.99 -15.89
C SER B 56 -27.10 -6.28 -16.44
N VAL B 57 -26.00 -6.71 -15.83
CA VAL B 57 -25.33 -7.92 -16.22
C VAL B 57 -26.28 -9.07 -15.93
N ALA B 58 -26.96 -9.00 -14.78
CA ALA B 58 -27.95 -10.00 -14.44
C ALA B 58 -29.03 -10.08 -15.53
N GLY B 59 -29.54 -8.90 -15.87
CA GLY B 59 -30.55 -8.77 -16.90
C GLY B 59 -30.12 -9.48 -18.17
N TRP B 60 -28.87 -9.23 -18.58
CA TRP B 60 -28.39 -9.74 -19.83
C TRP B 60 -28.30 -11.27 -19.75
N LEU B 61 -27.70 -11.78 -18.67
CA LEU B 61 -27.31 -13.18 -18.63
C LEU B 61 -28.56 -14.03 -18.44
N LEU B 62 -29.49 -13.56 -17.61
CA LEU B 62 -30.73 -14.29 -17.42
C LEU B 62 -31.68 -14.04 -18.59
N GLY B 63 -31.49 -12.95 -19.34
CA GLY B 63 -32.30 -12.72 -20.50
C GLY B 63 -33.61 -12.01 -20.17
N ASN B 64 -33.54 -10.90 -19.41
CA ASN B 64 -34.66 -10.01 -19.20
C ASN B 64 -35.26 -9.72 -20.57
N PRO B 65 -36.60 -9.76 -20.77
CA PRO B 65 -37.16 -9.45 -22.10
C PRO B 65 -36.94 -8.03 -22.62
N MET B 66 -36.68 -7.07 -21.72
CA MET B 66 -36.34 -5.71 -22.09
C MET B 66 -34.91 -5.62 -22.63
N CYS B 67 -34.17 -6.73 -22.62
CA CYS B 67 -32.74 -6.75 -22.94
C CYS B 67 -32.53 -7.63 -24.18
N ASP B 68 -33.50 -7.59 -25.10
CA ASP B 68 -33.59 -8.56 -26.18
C ASP B 68 -32.45 -8.41 -27.19
N GLU B 69 -31.86 -7.21 -27.28
CA GLU B 69 -30.85 -6.91 -28.29
C GLU B 69 -29.52 -7.56 -27.94
N PHE B 70 -29.45 -8.24 -26.77
CA PHE B 70 -28.24 -8.89 -26.27
C PHE B 70 -28.43 -10.39 -26.31
N ILE B 71 -29.26 -10.89 -27.23
CA ILE B 71 -29.49 -12.32 -27.32
C ILE B 71 -28.25 -12.97 -27.93
N ARG B 72 -27.65 -12.33 -28.95
CA ARG B 72 -26.43 -12.83 -29.56
C ARG B 72 -25.46 -11.66 -29.70
N VAL B 73 -24.38 -11.72 -28.94
CA VAL B 73 -23.46 -10.59 -28.80
C VAL B 73 -22.11 -11.00 -29.36
N PRO B 74 -21.47 -10.18 -30.23
CA PRO B 74 -20.13 -10.49 -30.73
C PRO B 74 -19.07 -10.28 -29.67
N GLU B 75 -17.87 -10.84 -29.90
CA GLU B 75 -16.69 -10.61 -29.06
C GLU B 75 -16.56 -9.13 -28.68
N TRP B 76 -16.21 -8.85 -27.40
CA TRP B 76 -16.09 -7.48 -26.90
C TRP B 76 -14.72 -7.25 -26.26
N SER B 77 -14.41 -5.97 -26.12
CA SER B 77 -13.17 -5.48 -25.55
C SER B 77 -13.39 -5.11 -24.07
N TYR B 78 -14.54 -4.49 -23.75
CA TYR B 78 -14.91 -4.24 -22.36
C TYR B 78 -16.43 -4.04 -22.25
N ILE B 79 -16.95 -4.12 -21.02
CA ILE B 79 -18.39 -4.01 -20.83
C ILE B 79 -18.68 -2.68 -20.14
N VAL B 80 -19.80 -2.06 -20.54
CA VAL B 80 -20.25 -0.81 -19.98
C VAL B 80 -21.68 -1.00 -19.50
N GLU B 81 -21.87 -0.73 -18.20
CA GLU B 81 -23.13 -0.82 -17.48
C GLU B 81 -23.34 0.55 -16.84
N ARG B 82 -24.58 1.01 -16.72
CA ARG B 82 -24.83 2.26 -16.01
C ARG B 82 -24.70 2.00 -14.51
N ALA B 83 -24.79 3.07 -13.72
CA ALA B 83 -24.69 2.97 -12.26
C ALA B 83 -25.90 2.23 -11.65
N ASN B 84 -27.14 2.61 -12.05
CA ASN B 84 -28.33 1.85 -11.68
C ASN B 84 -29.18 1.59 -12.93
N PRO B 85 -28.92 0.50 -13.68
CA PRO B 85 -29.68 0.20 -14.89
C PRO B 85 -31.07 -0.13 -14.42
N VAL B 86 -32.08 0.18 -15.24
CA VAL B 86 -33.48 0.01 -14.84
C VAL B 86 -33.96 -1.41 -15.13
N ASN B 87 -33.33 -2.10 -16.10
CA ASN B 87 -33.69 -3.47 -16.44
C ASN B 87 -32.69 -4.47 -15.84
N ASP B 88 -33.06 -4.94 -14.65
CA ASP B 88 -32.29 -5.90 -13.89
C ASP B 88 -33.29 -6.70 -13.07
N LEU B 89 -33.59 -7.93 -13.42
CA LEU B 89 -34.39 -8.68 -12.44
C LEU B 89 -35.81 -8.09 -12.38
N CYS B 90 -36.54 -8.27 -13.46
CA CYS B 90 -37.89 -7.77 -13.64
C CYS B 90 -38.79 -8.41 -12.59
N TYR B 91 -38.65 -9.72 -12.38
CA TYR B 91 -39.31 -10.40 -11.27
C TYR B 91 -38.35 -10.34 -10.09
N PRO B 92 -38.79 -9.83 -8.92
CA PRO B 92 -37.85 -9.55 -7.84
C PRO B 92 -37.22 -10.78 -7.20
N GLY B 93 -36.09 -10.53 -6.54
CA GLY B 93 -35.31 -11.56 -5.88
C GLY B 93 -33.83 -11.23 -5.99
N SER B 94 -32.99 -12.23 -6.31
CA SER B 94 -31.55 -12.08 -6.31
C SER B 94 -30.89 -13.10 -7.20
N LEU B 95 -29.62 -12.79 -7.51
CA LEU B 95 -28.69 -13.70 -8.16
C LEU B 95 -27.56 -13.97 -7.17
N ASN B 96 -27.46 -15.20 -6.69
CA ASN B 96 -26.47 -15.53 -5.69
C ASN B 96 -25.08 -15.27 -6.27
N ASP B 97 -24.20 -14.75 -5.41
CA ASP B 97 -22.78 -14.56 -5.71
C ASP B 97 -22.62 -13.73 -6.97
N TYR B 98 -23.37 -12.62 -7.05
CA TYR B 98 -23.37 -11.76 -8.22
C TYR B 98 -22.03 -11.06 -8.39
N GLU B 99 -21.37 -10.70 -7.29
CA GLU B 99 -20.14 -9.94 -7.41
C GLU B 99 -19.02 -10.86 -7.90
N GLU B 100 -19.01 -12.10 -7.40
CA GLU B 100 -18.07 -13.11 -7.88
C GLU B 100 -18.29 -13.46 -9.36
N LEU B 101 -19.54 -13.44 -9.81
CA LEU B 101 -19.81 -13.64 -11.23
C LEU B 101 -19.27 -12.49 -12.07
N LYS B 102 -19.53 -11.24 -11.67
CA LYS B 102 -18.93 -10.13 -12.38
C LYS B 102 -17.40 -10.23 -12.43
N HIS B 103 -16.78 -10.67 -11.31
CA HIS B 103 -15.34 -10.79 -11.27
C HIS B 103 -14.89 -11.69 -12.41
N LEU B 104 -15.60 -12.79 -12.61
CA LEU B 104 -15.32 -13.78 -13.64
C LEU B 104 -15.46 -13.23 -15.07
N LEU B 105 -16.51 -12.43 -15.33
CA LEU B 105 -16.77 -11.78 -16.60
C LEU B 105 -15.67 -10.78 -16.99
N SER B 106 -14.91 -10.33 -15.99
CA SER B 106 -13.92 -9.30 -16.24
C SER B 106 -12.72 -9.91 -16.93
N ARG B 107 -12.69 -11.24 -16.95
CA ARG B 107 -11.70 -12.00 -17.70
C ARG B 107 -12.31 -12.74 -18.88
N ILE B 108 -13.52 -12.35 -19.35
CA ILE B 108 -14.15 -13.01 -20.50
C ILE B 108 -14.47 -11.99 -21.60
N ASN B 109 -14.16 -12.36 -22.85
CA ASN B 109 -14.37 -11.46 -23.97
C ASN B 109 -15.51 -11.91 -24.88
N HIS B 110 -15.90 -13.19 -24.76
CA HIS B 110 -16.86 -13.76 -25.69
C HIS B 110 -17.48 -15.04 -25.13
N PHE B 111 -18.82 -15.06 -25.10
CA PHE B 111 -19.62 -16.24 -24.86
C PHE B 111 -20.31 -16.73 -26.15
N GLU B 112 -20.71 -18.00 -26.12
CA GLU B 112 -21.56 -18.57 -27.14
C GLU B 112 -22.71 -19.27 -26.42
N LYS B 113 -23.87 -18.60 -26.44
CA LYS B 113 -25.10 -19.15 -25.90
C LYS B 113 -25.45 -20.42 -26.66
N ILE B 114 -25.92 -21.45 -25.97
CA ILE B 114 -26.28 -22.72 -26.59
C ILE B 114 -27.49 -23.28 -25.87
N LEU B 115 -28.31 -24.05 -26.58
CA LEU B 115 -29.49 -24.65 -25.95
C LEU B 115 -29.06 -25.93 -25.26
N ILE B 116 -29.30 -26.06 -23.96
CA ILE B 116 -28.82 -27.26 -23.28
C ILE B 116 -29.99 -28.08 -22.80
N ILE B 117 -31.14 -27.45 -22.56
CA ILE B 117 -32.33 -28.18 -22.16
C ILE B 117 -33.53 -27.64 -22.94
N PRO B 118 -33.91 -28.31 -24.07
CA PRO B 118 -34.98 -27.80 -24.93
C PRO B 118 -36.31 -27.97 -24.21
N LYS B 119 -37.30 -27.14 -24.55
CA LYS B 119 -38.62 -27.18 -23.93
C LYS B 119 -39.32 -28.53 -24.19
N SER B 120 -38.92 -29.23 -25.25
CA SER B 120 -39.53 -30.53 -25.52
C SER B 120 -39.22 -31.52 -24.40
N SER B 121 -38.29 -31.16 -23.51
CA SER B 121 -37.78 -32.08 -22.48
C SER B 121 -38.72 -32.17 -21.29
N TRP B 122 -39.79 -31.36 -21.26
CA TRP B 122 -40.68 -31.35 -20.11
C TRP B 122 -42.07 -31.82 -20.51
N PRO B 123 -42.21 -33.10 -20.93
CA PRO B 123 -43.50 -33.56 -21.45
C PRO B 123 -44.65 -33.51 -20.44
N ASN B 124 -44.32 -33.53 -19.13
CA ASN B 124 -45.33 -33.68 -18.10
C ASN B 124 -45.42 -32.46 -17.20
N HIS B 125 -44.81 -31.36 -17.66
CA HIS B 125 -45.01 -30.08 -16.99
C HIS B 125 -45.42 -29.02 -18.01
N GLU B 126 -45.96 -27.91 -17.48
CA GLU B 126 -46.37 -26.77 -18.27
C GLU B 126 -45.16 -25.86 -18.42
N THR B 127 -44.86 -25.55 -19.69
CA THR B 127 -43.70 -24.79 -20.08
C THR B 127 -44.11 -23.42 -20.58
N SER B 128 -45.39 -23.07 -20.54
CA SER B 128 -45.84 -21.84 -21.19
C SER B 128 -46.66 -20.94 -20.27
N LEU B 129 -46.80 -21.31 -18.99
CA LEU B 129 -47.62 -20.53 -18.09
C LEU B 129 -46.74 -19.74 -17.12
N GLY B 130 -45.44 -19.89 -17.26
CA GLY B 130 -44.56 -19.28 -16.29
C GLY B 130 -44.23 -17.88 -16.72
N VAL B 131 -45.21 -16.98 -16.58
CA VAL B 131 -45.00 -15.60 -17.00
C VAL B 131 -45.55 -14.69 -15.93
N SER B 132 -45.22 -13.41 -16.03
CA SER B 132 -45.59 -12.47 -14.97
C SER B 132 -45.75 -11.07 -15.56
N ALA B 133 -46.63 -10.29 -14.93
CA ALA B 133 -46.81 -8.89 -15.29
C ALA B 133 -45.56 -8.11 -14.91
N ALA B 134 -44.73 -8.66 -14.02
CA ALA B 134 -43.53 -7.93 -13.64
C ALA B 134 -42.46 -8.01 -14.73
N CYS B 135 -42.64 -8.88 -15.75
CA CYS B 135 -41.70 -9.02 -16.86
C CYS B 135 -42.44 -8.76 -18.18
N PRO B 136 -42.99 -7.56 -18.39
CA PRO B 136 -43.81 -7.31 -19.57
C PRO B 136 -42.95 -7.48 -20.81
N TYR B 137 -43.55 -7.93 -21.90
CA TYR B 137 -42.96 -7.81 -23.23
C TYR B 137 -44.08 -7.48 -24.22
N GLN B 138 -43.99 -6.30 -24.84
CA GLN B 138 -44.93 -5.88 -25.88
C GLN B 138 -46.35 -6.14 -25.37
N GLY B 139 -46.63 -5.62 -24.15
CA GLY B 139 -47.98 -5.51 -23.63
C GLY B 139 -48.49 -6.80 -22.98
N ALA B 140 -47.67 -7.87 -22.99
CA ALA B 140 -48.04 -9.17 -22.45
C ALA B 140 -47.16 -9.56 -21.25
N PRO B 141 -47.70 -10.23 -20.21
CA PRO B 141 -46.84 -10.89 -19.24
C PRO B 141 -45.84 -11.81 -19.95
N SER B 142 -44.61 -11.88 -19.41
CA SER B 142 -43.51 -12.62 -20.00
C SER B 142 -42.54 -13.08 -18.90
N PHE B 143 -41.27 -13.29 -19.27
CA PHE B 143 -40.33 -13.91 -18.35
C PHE B 143 -38.92 -13.86 -18.94
N PHE B 144 -37.94 -14.16 -18.08
CA PHE B 144 -36.56 -14.36 -18.51
C PHE B 144 -36.50 -15.45 -19.58
N ARG B 145 -35.63 -15.27 -20.56
CA ARG B 145 -35.63 -16.05 -21.77
C ARG B 145 -34.71 -17.25 -21.63
N ASN B 146 -33.75 -17.20 -20.69
CA ASN B 146 -32.72 -18.22 -20.68
C ASN B 146 -33.04 -19.33 -19.69
N VAL B 147 -34.17 -19.18 -18.99
CA VAL B 147 -34.67 -20.18 -18.07
C VAL B 147 -36.20 -20.33 -18.23
N VAL B 148 -36.75 -21.38 -17.61
CA VAL B 148 -38.13 -21.77 -17.76
C VAL B 148 -38.73 -21.93 -16.36
N TRP B 149 -39.80 -21.18 -16.13
CA TRP B 149 -40.56 -21.37 -14.92
C TRP B 149 -41.61 -22.46 -15.15
N LEU B 150 -41.30 -23.70 -14.71
CA LEU B 150 -42.18 -24.84 -14.90
C LEU B 150 -43.31 -24.80 -13.90
N ILE B 151 -44.56 -24.96 -14.36
CA ILE B 151 -45.68 -25.10 -13.44
C ILE B 151 -46.39 -26.43 -13.70
N LYS B 152 -47.28 -26.83 -12.79
CA LYS B 152 -47.94 -28.13 -12.88
C LYS B 152 -48.81 -28.27 -14.14
N LYS B 153 -49.03 -29.53 -14.52
CA LYS B 153 -49.81 -29.90 -15.69
C LYS B 153 -50.83 -30.96 -15.29
N ASN B 154 -52.11 -30.69 -15.55
CA ASN B 154 -53.15 -31.67 -15.25
C ASN B 154 -53.23 -31.85 -13.74
N ASP B 155 -53.05 -30.76 -13.00
CA ASP B 155 -53.07 -30.76 -11.55
C ASP B 155 -52.03 -31.71 -10.94
N ALA B 156 -50.87 -31.85 -11.59
CA ALA B 156 -49.82 -32.76 -11.13
C ALA B 156 -48.46 -32.12 -11.41
N TYR B 157 -47.51 -32.27 -10.46
CA TYR B 157 -46.13 -31.90 -10.70
C TYR B 157 -45.29 -33.12 -10.36
N PRO B 158 -45.10 -34.03 -11.33
CA PRO B 158 -44.30 -35.25 -11.09
C PRO B 158 -42.90 -34.77 -10.78
N THR B 159 -42.22 -35.49 -9.92
CA THR B 159 -40.88 -35.09 -9.56
C THR B 159 -39.94 -35.20 -10.77
N ILE B 160 -39.14 -34.14 -10.96
CA ILE B 160 -38.23 -33.99 -12.09
C ILE B 160 -36.89 -34.59 -11.74
N LYS B 161 -36.32 -35.35 -12.71
CA LYS B 161 -34.95 -35.86 -12.62
C LYS B 161 -34.26 -35.65 -13.96
N ILE B 162 -33.14 -34.96 -13.99
CA ILE B 162 -32.59 -34.62 -15.30
C ILE B 162 -31.13 -34.24 -15.15
N SER B 163 -30.35 -34.69 -16.11
CA SER B 163 -28.91 -34.47 -16.15
C SER B 163 -28.52 -33.83 -17.46
N TYR B 164 -27.40 -33.15 -17.41
CA TYR B 164 -26.82 -32.58 -18.61
C TYR B 164 -25.31 -32.68 -18.48
N ASN B 165 -24.69 -33.18 -19.55
CA ASN B 165 -23.28 -33.53 -19.55
C ASN B 165 -22.57 -32.57 -20.50
N ASN B 166 -21.52 -31.87 -19.99
CA ASN B 166 -20.83 -30.86 -20.79
C ASN B 166 -19.87 -31.54 -21.75
N THR B 167 -20.36 -31.79 -22.96
CA THR B 167 -19.62 -32.58 -23.94
C THR B 167 -18.76 -31.64 -24.77
N ASN B 168 -18.97 -30.33 -24.66
CA ASN B 168 -18.09 -29.32 -25.23
C ASN B 168 -16.71 -29.36 -24.57
N ARG B 169 -15.74 -28.69 -25.19
CA ARG B 169 -14.36 -28.67 -24.71
C ARG B 169 -14.10 -27.31 -24.07
N GLU B 170 -15.17 -26.70 -23.56
CA GLU B 170 -15.16 -25.34 -23.04
C GLU B 170 -15.99 -25.30 -21.76
N ASP B 171 -15.59 -24.45 -20.81
CA ASP B 171 -16.37 -24.26 -19.59
C ASP B 171 -17.74 -23.70 -19.94
N LEU B 172 -18.73 -24.05 -19.12
CA LEU B 172 -20.13 -23.70 -19.33
C LEU B 172 -20.70 -23.02 -18.10
N LEU B 173 -21.24 -21.80 -18.28
CA LEU B 173 -21.93 -21.08 -17.22
C LEU B 173 -23.41 -21.45 -17.27
N ILE B 174 -23.97 -21.97 -16.18
CA ILE B 174 -25.35 -22.43 -16.12
C ILE B 174 -26.11 -21.69 -15.01
N LEU B 175 -27.32 -21.21 -15.29
CA LEU B 175 -28.11 -20.50 -14.31
C LEU B 175 -29.44 -21.21 -14.11
N TRP B 176 -29.94 -21.18 -12.87
CA TRP B 176 -31.22 -21.77 -12.51
C TRP B 176 -31.73 -21.07 -11.28
N GLY B 177 -32.88 -21.52 -10.78
CA GLY B 177 -33.56 -20.71 -9.80
C GLY B 177 -34.64 -21.48 -9.04
N ILE B 178 -35.05 -20.80 -7.96
CA ILE B 178 -36.12 -21.26 -7.13
C ILE B 178 -37.05 -20.07 -6.94
N HIS B 179 -38.34 -20.42 -6.96
CA HIS B 179 -39.43 -19.50 -6.76
C HIS B 179 -39.98 -19.69 -5.36
N HIS B 180 -40.05 -18.57 -4.62
CA HIS B 180 -40.65 -18.50 -3.31
C HIS B 180 -42.05 -17.95 -3.47
N SER B 181 -43.04 -18.82 -3.34
CA SER B 181 -44.44 -18.46 -3.39
C SER B 181 -44.92 -17.76 -2.10
N ASN B 182 -46.09 -17.12 -2.13
CA ASN B 182 -46.52 -16.25 -1.05
C ASN B 182 -47.42 -16.95 -0.02
N ASN B 183 -47.93 -18.17 -0.28
CA ASN B 183 -48.83 -18.80 0.68
C ASN B 183 -49.21 -20.18 0.17
N ALA B 184 -49.86 -20.97 1.03
CA ALA B 184 -50.20 -22.35 0.72
C ALA B 184 -51.07 -22.44 -0.53
N GLU B 185 -52.00 -21.48 -0.68
CA GLU B 185 -53.02 -21.52 -1.72
C GLU B 185 -52.28 -21.38 -3.05
N GLU B 186 -51.50 -20.30 -3.16
CA GLU B 186 -50.72 -20.01 -4.35
C GLU B 186 -49.81 -21.19 -4.66
N GLN B 187 -49.22 -21.75 -3.61
CA GLN B 187 -48.29 -22.85 -3.79
C GLN B 187 -49.03 -23.98 -4.52
N ILE B 188 -50.27 -24.27 -4.11
CA ILE B 188 -51.07 -25.31 -4.74
C ILE B 188 -51.47 -24.91 -6.15
N ASN B 189 -51.80 -23.64 -6.40
CA ASN B 189 -52.24 -23.32 -7.74
C ASN B 189 -51.14 -23.55 -8.79
N LEU B 190 -49.87 -23.31 -8.41
CA LEU B 190 -48.76 -23.37 -9.36
C LEU B 190 -48.17 -24.79 -9.51
N TYR B 191 -47.91 -25.43 -8.37
CA TYR B 191 -47.28 -26.74 -8.27
C TYR B 191 -48.24 -27.57 -7.43
N LYS B 192 -48.48 -28.83 -7.68
CA LYS B 192 -49.63 -29.31 -6.91
C LYS B 192 -49.18 -29.37 -5.45
N ASN B 193 -47.87 -29.60 -5.27
CA ASN B 193 -47.30 -30.21 -4.07
C ASN B 193 -47.01 -29.14 -3.03
N PRO B 194 -47.46 -29.32 -1.79
CA PRO B 194 -47.21 -28.32 -0.75
C PRO B 194 -45.76 -28.16 -0.27
N THR B 195 -45.07 -29.27 -0.03
CA THR B 195 -43.69 -29.26 0.46
C THR B 195 -42.74 -29.64 -0.67
N THR B 196 -41.85 -28.74 -1.08
CA THR B 196 -41.02 -28.97 -2.25
C THR B 196 -39.56 -28.64 -1.96
N TYR B 197 -38.69 -29.13 -2.86
CA TYR B 197 -37.25 -28.89 -2.79
C TYR B 197 -36.65 -28.83 -4.19
N ILE B 198 -35.41 -28.34 -4.29
CA ILE B 198 -34.59 -28.48 -5.47
C ILE B 198 -33.22 -28.99 -5.03
N SER B 199 -32.75 -30.04 -5.72
CA SER B 199 -31.41 -30.60 -5.53
C SER B 199 -30.61 -30.34 -6.77
N VAL B 200 -29.43 -29.74 -6.63
CA VAL B 200 -28.50 -29.61 -7.72
C VAL B 200 -27.18 -30.25 -7.32
N GLY B 201 -26.62 -31.06 -8.24
CA GLY B 201 -25.41 -31.82 -7.99
C GLY B 201 -24.45 -31.74 -9.17
N THR B 202 -23.17 -31.40 -8.91
CA THR B 202 -22.11 -31.65 -9.87
C THR B 202 -21.07 -32.57 -9.21
N SER B 203 -19.81 -32.50 -9.67
CA SER B 203 -18.69 -33.11 -8.98
C SER B 203 -18.29 -32.30 -7.73
N THR B 204 -18.59 -31.00 -7.76
CA THR B 204 -18.25 -30.08 -6.71
C THR B 204 -19.49 -29.41 -6.11
N LEU B 205 -20.63 -29.39 -6.78
CA LEU B 205 -21.76 -28.68 -6.25
C LEU B 205 -22.66 -29.68 -5.55
N ASN B 206 -23.21 -29.28 -4.39
CA ASN B 206 -24.13 -30.07 -3.60
C ASN B 206 -25.21 -29.17 -2.95
N GLN B 207 -26.26 -28.85 -3.68
CA GLN B 207 -27.19 -27.83 -3.22
C GLN B 207 -28.58 -28.41 -2.96
N ARG B 208 -29.22 -27.94 -1.87
CA ARG B 208 -30.61 -28.23 -1.57
C ARG B 208 -31.30 -26.90 -1.31
N LEU B 209 -32.37 -26.60 -2.06
CA LEU B 209 -33.08 -25.35 -1.90
C LEU B 209 -34.51 -25.68 -1.52
N VAL B 210 -35.06 -24.90 -0.59
CA VAL B 210 -36.43 -25.02 -0.15
C VAL B 210 -37.09 -23.66 -0.19
N PRO B 211 -38.33 -23.54 -0.71
CA PRO B 211 -38.98 -22.24 -0.87
C PRO B 211 -39.32 -21.73 0.50
N LYS B 212 -39.13 -20.42 0.69
CA LYS B 212 -39.58 -19.67 1.85
C LYS B 212 -40.94 -19.04 1.50
N ILE B 213 -41.99 -19.74 1.90
CA ILE B 213 -43.34 -19.27 1.72
C ILE B 213 -43.68 -18.33 2.86
N ALA B 214 -43.72 -17.03 2.56
CA ALA B 214 -43.84 -15.97 3.55
C ALA B 214 -44.43 -14.70 2.94
N THR B 215 -44.85 -13.77 3.82
CA THR B 215 -45.39 -12.49 3.45
C THR B 215 -44.23 -11.53 3.23
N ARG B 216 -44.19 -10.85 2.08
CA ARG B 216 -43.13 -9.91 1.76
C ARG B 216 -43.72 -8.64 1.15
N SER B 217 -42.90 -7.59 0.99
CA SER B 217 -43.35 -6.36 0.38
C SER B 217 -43.46 -6.55 -1.12
N GLN B 218 -44.34 -5.78 -1.79
CA GLN B 218 -44.41 -5.80 -3.26
C GLN B 218 -43.21 -5.06 -3.82
N VAL B 219 -42.67 -5.60 -4.91
CA VAL B 219 -41.62 -4.96 -5.71
C VAL B 219 -41.96 -5.33 -7.13
N ASN B 220 -42.03 -4.32 -8.01
CA ASN B 220 -42.53 -4.49 -9.37
C ASN B 220 -43.83 -5.27 -9.38
N GLY B 221 -44.70 -4.97 -8.41
CA GLY B 221 -46.05 -5.49 -8.42
C GLY B 221 -46.17 -6.88 -7.81
N GLN B 222 -45.03 -7.50 -7.42
CA GLN B 222 -45.03 -8.89 -6.94
C GLN B 222 -44.54 -9.01 -5.49
N ARG B 223 -45.21 -9.86 -4.70
CA ARG B 223 -44.75 -10.19 -3.35
C ARG B 223 -43.89 -11.47 -3.33
N GLY B 224 -43.94 -12.26 -4.41
CA GLY B 224 -43.11 -13.44 -4.52
C GLY B 224 -41.68 -13.04 -4.83
N ARG B 225 -40.75 -14.00 -4.81
CA ARG B 225 -39.37 -13.71 -5.12
C ARG B 225 -38.77 -14.85 -5.92
N MET B 226 -37.74 -14.53 -6.71
CA MET B 226 -37.03 -15.58 -7.40
C MET B 226 -35.55 -15.45 -7.08
N ASP B 227 -34.95 -16.53 -6.56
CA ASP B 227 -33.54 -16.55 -6.21
C ASP B 227 -32.80 -17.39 -7.23
N PHE B 228 -31.85 -16.78 -7.95
CA PHE B 228 -31.09 -17.48 -8.97
C PHE B 228 -29.68 -17.85 -8.52
N PHE B 229 -29.21 -19.00 -9.03
CA PHE B 229 -27.90 -19.56 -8.75
C PHE B 229 -27.18 -19.86 -10.06
N TRP B 230 -25.86 -19.94 -9.99
CA TRP B 230 -25.05 -20.18 -11.17
C TRP B 230 -23.89 -21.09 -10.77
N THR B 231 -23.39 -21.87 -11.73
CA THR B 231 -22.19 -22.67 -11.56
C THR B 231 -21.44 -22.69 -12.88
N ILE B 232 -20.13 -22.96 -12.83
CA ILE B 232 -19.33 -23.28 -14.00
C ILE B 232 -19.21 -24.79 -14.08
N LEU B 233 -19.64 -25.35 -15.21
CA LEU B 233 -19.62 -26.79 -15.41
C LEU B 233 -18.45 -27.12 -16.32
N LYS B 234 -17.47 -27.86 -15.79
CA LYS B 234 -16.23 -28.10 -16.48
C LYS B 234 -16.47 -29.14 -17.58
N PRO B 235 -15.65 -29.16 -18.65
CA PRO B 235 -15.76 -30.19 -19.69
C PRO B 235 -15.78 -31.59 -19.08
N ASP B 236 -16.69 -32.43 -19.58
CA ASP B 236 -16.77 -33.83 -19.17
C ASP B 236 -17.39 -34.01 -17.77
N ASP B 237 -17.83 -32.93 -17.07
CA ASP B 237 -18.64 -33.05 -15.84
C ASP B 237 -20.11 -32.91 -16.21
N ALA B 238 -21.00 -33.33 -15.29
CA ALA B 238 -22.43 -33.25 -15.50
C ALA B 238 -23.12 -32.61 -14.30
N ILE B 239 -24.29 -32.03 -14.54
CA ILE B 239 -25.08 -31.38 -13.51
C ILE B 239 -26.40 -32.12 -13.43
N HIS B 240 -26.85 -32.36 -12.19
CA HIS B 240 -28.01 -33.20 -11.89
C HIS B 240 -29.01 -32.38 -11.09
N PHE B 241 -30.27 -32.44 -11.53
CA PHE B 241 -31.33 -31.65 -10.96
C PHE B 241 -32.42 -32.59 -10.47
N GLU B 242 -32.96 -32.29 -9.31
CA GLU B 242 -34.15 -32.98 -8.87
C GLU B 242 -35.01 -31.89 -8.23
N SER B 243 -36.29 -31.89 -8.58
CA SER B 243 -37.23 -30.98 -7.97
C SER B 243 -38.62 -31.62 -7.99
N ASN B 244 -39.49 -31.15 -7.09
CA ASN B 244 -40.91 -31.37 -7.22
C ASN B 244 -41.70 -30.08 -7.03
N GLY B 245 -41.08 -28.93 -7.34
CA GLY B 245 -41.79 -27.66 -7.41
C GLY B 245 -40.87 -26.45 -7.23
N ASN B 246 -41.33 -25.30 -7.67
CA ASN B 246 -40.63 -24.04 -7.51
C ASN B 246 -39.30 -23.96 -8.28
N PHE B 247 -38.98 -24.94 -9.12
CA PHE B 247 -37.82 -24.90 -10.00
C PHE B 247 -37.99 -23.94 -11.19
N ILE B 248 -37.00 -23.07 -11.37
CA ILE B 248 -36.75 -22.35 -12.61
C ILE B 248 -35.54 -22.99 -13.27
N ALA B 249 -35.81 -23.81 -14.29
CA ALA B 249 -34.84 -24.70 -14.89
C ALA B 249 -34.05 -23.93 -15.93
N PRO B 250 -32.81 -24.32 -16.22
CA PRO B 250 -32.11 -23.74 -17.37
C PRO B 250 -32.75 -24.15 -18.70
N GLU B 251 -32.64 -23.27 -19.71
CA GLU B 251 -32.91 -23.58 -21.10
C GLU B 251 -31.63 -23.36 -21.90
N TYR B 252 -31.11 -22.12 -21.84
CA TYR B 252 -29.86 -21.73 -22.49
C TYR B 252 -28.74 -21.61 -21.45
N ALA B 253 -27.48 -21.77 -21.91
CA ALA B 253 -26.30 -21.67 -21.06
C ALA B 253 -25.14 -21.15 -21.89
N TYR B 254 -24.08 -20.62 -21.27
CA TYR B 254 -23.10 -19.89 -22.03
C TYR B 254 -21.77 -20.61 -22.01
N LYS B 255 -21.32 -21.01 -23.20
CA LYS B 255 -19.98 -21.51 -23.39
C LYS B 255 -19.04 -20.33 -23.29
N ILE B 256 -17.95 -20.50 -22.54
CA ILE B 256 -16.91 -19.51 -22.52
C ILE B 256 -15.89 -19.89 -23.58
N VAL B 257 -15.80 -19.05 -24.61
CA VAL B 257 -14.97 -19.36 -25.77
C VAL B 257 -13.76 -18.43 -25.88
N LYS B 258 -13.76 -17.24 -25.27
CA LYS B 258 -12.61 -16.35 -25.38
C LYS B 258 -12.37 -15.62 -24.06
N LYS B 259 -11.15 -15.83 -23.52
CA LYS B 259 -10.68 -15.29 -22.26
C LYS B 259 -9.52 -14.32 -22.49
N GLY B 260 -9.48 -13.28 -21.66
CA GLY B 260 -8.49 -12.23 -21.77
C GLY B 260 -8.87 -11.02 -20.93
N ASP B 261 -8.18 -9.89 -21.17
CA ASP B 261 -8.37 -8.69 -20.39
C ASP B 261 -9.68 -8.04 -20.83
N SER B 262 -10.64 -7.97 -19.91
CA SER B 262 -11.84 -7.16 -20.10
C SER B 262 -11.99 -6.33 -18.83
N THR B 263 -13.11 -5.64 -18.72
CA THR B 263 -13.46 -4.95 -17.50
C THR B 263 -14.91 -4.51 -17.64
N ILE B 264 -15.61 -4.49 -16.50
CA ILE B 264 -16.96 -3.96 -16.46
C ILE B 264 -16.85 -2.55 -15.90
N MET B 265 -17.24 -1.59 -16.74
CA MET B 265 -16.95 -0.17 -16.61
C MET B 265 -18.28 0.50 -16.28
N LYS B 266 -18.32 1.26 -15.18
CA LYS B 266 -19.51 2.02 -14.83
C LYS B 266 -19.41 3.36 -15.55
N SER B 267 -20.33 3.62 -16.49
CA SER B 267 -20.33 4.87 -17.24
C SER B 267 -21.68 5.12 -17.89
N GLY B 268 -21.98 6.41 -18.10
CA GLY B 268 -23.12 6.86 -18.89
C GLY B 268 -22.71 7.60 -20.18
N VAL B 269 -21.42 7.60 -20.47
CA VAL B 269 -20.91 8.37 -21.60
C VAL B 269 -21.32 7.69 -22.90
N GLU B 270 -21.78 8.50 -23.86
CA GLU B 270 -22.21 7.98 -25.14
C GLU B 270 -21.00 7.43 -25.87
N TYR B 271 -21.20 6.32 -26.59
CA TYR B 271 -20.24 5.81 -27.56
C TYR B 271 -20.05 6.85 -28.65
N GLY B 272 -18.81 6.93 -29.18
CA GLY B 272 -18.39 8.06 -30.00
C GLY B 272 -17.94 7.68 -31.41
N ASN B 273 -18.20 6.46 -31.87
CA ASN B 273 -17.84 6.01 -33.21
C ASN B 273 -16.38 6.33 -33.51
N CYS B 274 -15.42 5.62 -32.91
CA CYS B 274 -14.00 6.00 -32.95
C CYS B 274 -13.16 4.92 -32.27
N ASN B 275 -11.82 4.95 -32.45
CA ASN B 275 -10.91 3.95 -31.90
C ASN B 275 -9.90 4.59 -30.93
N THR B 276 -9.37 3.79 -30.00
CA THR B 276 -8.41 4.24 -29.00
C THR B 276 -7.56 3.06 -28.56
N LYS B 277 -6.39 3.37 -27.98
CA LYS B 277 -5.54 2.35 -27.36
C LYS B 277 -5.71 2.43 -25.84
N CYS B 278 -6.42 3.46 -25.34
CA CYS B 278 -6.61 3.60 -23.90
C CYS B 278 -7.98 4.22 -23.64
N GLN B 279 -8.74 3.62 -22.73
CA GLN B 279 -10.13 4.01 -22.45
C GLN B 279 -10.36 4.15 -20.95
N THR B 280 -11.09 5.20 -20.56
CA THR B 280 -11.51 5.42 -19.20
C THR B 280 -13.00 5.70 -19.19
N PRO B 281 -13.64 5.59 -18.00
CA PRO B 281 -15.09 5.80 -17.85
C PRO B 281 -15.64 7.16 -18.23
N VAL B 282 -14.76 8.19 -18.32
CA VAL B 282 -15.16 9.55 -18.65
C VAL B 282 -14.74 9.92 -20.08
N GLY B 283 -13.86 9.13 -20.72
CA GLY B 283 -13.44 9.42 -22.08
C GLY B 283 -12.16 8.66 -22.42
N ALA B 284 -11.83 8.62 -23.71
CA ALA B 284 -10.65 7.94 -24.21
C ALA B 284 -9.47 8.91 -24.27
N ILE B 285 -8.28 8.32 -24.34
CA ILE B 285 -7.01 9.01 -24.21
C ILE B 285 -6.16 8.64 -25.42
N ASN B 286 -5.60 9.65 -26.08
CA ASN B 286 -4.58 9.42 -27.09
C ASN B 286 -3.37 10.25 -26.67
N SER B 287 -2.35 9.57 -26.16
CA SER B 287 -1.24 10.29 -25.56
C SER B 287 0.07 9.54 -25.75
N SER B 288 1.16 10.31 -25.83
CA SER B 288 2.52 9.82 -25.70
C SER B 288 2.98 9.87 -24.23
N MET B 289 2.31 10.71 -23.43
CA MET B 289 2.78 11.11 -22.11
C MET B 289 2.89 9.89 -21.19
N PRO B 290 3.90 9.82 -20.30
CA PRO B 290 3.99 8.71 -19.34
C PRO B 290 2.94 8.69 -18.23
N PHE B 291 2.38 9.86 -17.87
CA PHE B 291 1.40 9.97 -16.81
C PHE B 291 0.13 10.66 -17.33
N HIS B 292 -1.01 10.50 -16.59
CA HIS B 292 -2.24 11.22 -16.87
C HIS B 292 -3.00 11.50 -15.57
N ASN B 293 -4.09 12.27 -15.64
CA ASN B 293 -4.86 12.55 -14.44
C ASN B 293 -6.37 12.43 -14.70
N ILE B 294 -6.75 11.63 -15.69
CA ILE B 294 -8.15 11.56 -16.12
C ILE B 294 -8.94 10.76 -15.09
N HIS B 295 -8.68 9.45 -15.03
CA HIS B 295 -9.42 8.53 -14.18
C HIS B 295 -8.49 7.41 -13.68
N PRO B 296 -8.60 6.96 -12.42
CA PRO B 296 -7.88 5.77 -11.96
C PRO B 296 -8.10 4.53 -12.82
N LEU B 297 -9.37 4.24 -13.15
CA LEU B 297 -9.76 2.97 -13.74
C LEU B 297 -9.63 3.12 -15.23
N THR B 298 -8.70 2.41 -15.85
CA THR B 298 -8.52 2.54 -17.27
C THR B 298 -8.31 1.14 -17.82
N ILE B 299 -8.63 0.93 -19.09
CA ILE B 299 -8.30 -0.32 -19.75
C ILE B 299 -7.48 0.03 -20.99
N GLY B 300 -6.55 -0.86 -21.38
CA GLY B 300 -5.73 -0.65 -22.57
C GLY B 300 -4.27 -0.33 -22.24
N GLU B 301 -3.52 0.11 -23.26
CA GLU B 301 -2.15 0.61 -23.11
C GLU B 301 -2.24 2.09 -22.75
N CYS B 302 -1.97 2.40 -21.47
CA CYS B 302 -2.31 3.68 -20.87
C CYS B 302 -1.09 4.33 -20.23
N PRO B 303 -1.15 5.65 -19.95
CA PRO B 303 -0.25 6.27 -18.99
C PRO B 303 -0.52 5.69 -17.62
N LYS B 304 0.16 6.21 -16.60
CA LYS B 304 -0.03 5.83 -15.21
C LYS B 304 -0.83 6.95 -14.55
N TYR B 305 -1.79 6.62 -13.70
CA TYR B 305 -2.65 7.66 -13.16
C TYR B 305 -1.98 8.33 -11.97
N VAL B 306 -2.05 9.69 -11.89
CA VAL B 306 -1.63 10.45 -10.73
C VAL B 306 -2.67 11.53 -10.43
N LYS B 307 -2.73 11.97 -9.18
CA LYS B 307 -3.65 13.00 -8.74
C LYS B 307 -3.01 14.39 -8.81
N SER B 308 -2.37 14.75 -9.93
CA SER B 308 -1.72 16.05 -9.98
C SER B 308 -2.18 16.87 -11.18
N ASN B 309 -2.08 18.20 -11.01
CA ASN B 309 -2.48 19.18 -12.02
C ASN B 309 -1.33 19.56 -12.94
N LYS B 310 -0.11 19.68 -12.40
CA LYS B 310 1.12 19.97 -13.14
C LYS B 310 2.15 18.86 -12.93
N LEU B 311 2.78 18.41 -14.02
CA LEU B 311 3.98 17.64 -13.89
C LEU B 311 4.89 17.97 -15.06
N VAL B 312 5.80 18.94 -14.85
CA VAL B 312 6.72 19.39 -15.89
C VAL B 312 8.17 19.21 -15.44
N LEU B 313 8.98 18.58 -16.31
CA LEU B 313 10.43 18.44 -16.10
C LEU B 313 11.20 19.58 -16.77
N ALA B 314 12.21 20.10 -16.05
CA ALA B 314 13.18 21.03 -16.63
C ALA B 314 14.21 20.28 -17.46
N THR B 315 14.49 20.80 -18.65
CA THR B 315 15.57 20.30 -19.47
C THR B 315 16.57 21.42 -19.76
N GLY B 316 16.09 22.59 -20.14
CA GLY B 316 17.00 23.69 -20.38
C GLY B 316 17.27 24.46 -19.09
N LEU B 317 17.64 25.74 -19.21
CA LEU B 317 18.18 26.48 -18.09
C LEU B 317 17.25 27.63 -17.73
N ARG B 318 17.55 28.24 -16.57
CA ARG B 318 16.81 29.39 -16.10
C ARG B 318 16.84 30.48 -17.17
N ASN B 319 15.66 31.04 -17.50
CA ASN B 319 15.52 31.98 -18.62
C ASN B 319 15.66 33.43 -18.13
N SER B 320 16.10 34.30 -19.05
CA SER B 320 16.40 35.70 -18.75
C SER B 320 15.20 36.56 -19.16
N PRO B 321 14.72 37.44 -18.24
CA PRO B 321 13.40 38.07 -18.38
C PRO B 321 13.20 39.05 -19.55
N LEU B 331 23.67 28.39 -7.05
CA LEU B 331 24.37 27.31 -6.26
C LEU B 331 25.83 27.20 -6.68
N PHE B 332 26.13 27.24 -7.99
CA PHE B 332 27.51 27.32 -8.45
C PHE B 332 28.00 28.76 -8.72
N GLY B 333 27.13 29.79 -8.61
CA GLY B 333 27.60 31.16 -8.68
C GLY B 333 27.51 31.78 -10.08
N ALA B 334 27.24 31.01 -11.13
CA ALA B 334 27.37 31.49 -12.50
C ALA B 334 26.06 32.04 -13.07
N ILE B 335 25.12 31.16 -13.41
CA ILE B 335 23.85 31.56 -14.03
C ILE B 335 23.09 32.46 -13.06
N ALA B 336 22.65 33.63 -13.54
CA ALA B 336 22.05 34.68 -12.70
C ALA B 336 22.88 34.84 -11.41
N GLY B 337 24.20 34.89 -11.57
CA GLY B 337 25.11 35.17 -10.49
C GLY B 337 26.12 36.19 -11.00
N PHE B 338 27.36 35.76 -11.24
CA PHE B 338 28.37 36.65 -11.79
C PHE B 338 28.13 36.81 -13.29
N ILE B 339 27.35 35.92 -13.91
CA ILE B 339 26.84 36.18 -15.24
C ILE B 339 25.37 36.53 -15.08
N GLU B 340 25.04 37.83 -15.25
CA GLU B 340 23.76 38.38 -14.86
C GLU B 340 22.61 37.72 -15.64
N GLY B 341 22.67 37.71 -16.97
CA GLY B 341 21.59 37.13 -17.75
C GLY B 341 22.12 36.24 -18.86
N GLY B 342 21.21 35.54 -19.53
CA GLY B 342 21.55 34.78 -20.73
C GLY B 342 21.45 35.67 -21.96
N TRP B 343 21.65 35.04 -23.12
CA TRP B 343 21.88 35.72 -24.39
C TRP B 343 20.88 35.27 -25.45
N GLN B 344 20.01 36.20 -25.87
CA GLN B 344 19.03 35.87 -26.91
C GLN B 344 19.76 35.46 -28.19
N GLY B 345 20.99 35.99 -28.37
CA GLY B 345 21.71 35.89 -29.63
C GLY B 345 22.48 34.58 -29.81
N MET B 346 22.60 33.78 -28.73
CA MET B 346 23.28 32.52 -28.89
C MET B 346 22.28 31.40 -29.12
N VAL B 347 22.17 31.00 -30.39
CA VAL B 347 21.08 30.17 -30.84
C VAL B 347 21.56 28.77 -31.16
N ASP B 348 22.86 28.55 -31.34
CA ASP B 348 23.38 27.26 -31.80
C ASP B 348 23.53 26.25 -30.64
N GLY B 349 23.32 26.67 -29.38
CA GLY B 349 23.61 25.81 -28.25
C GLY B 349 23.32 26.48 -26.91
N TRP B 350 23.65 25.77 -25.83
CA TRP B 350 23.20 26.11 -24.50
C TRP B 350 24.25 26.96 -23.78
N TYR B 351 25.53 26.65 -24.04
CA TYR B 351 26.59 27.41 -23.41
C TYR B 351 27.53 27.90 -24.48
N GLY B 352 28.12 29.09 -24.29
CA GLY B 352 29.08 29.46 -25.32
C GLY B 352 29.84 30.75 -25.04
N TYR B 353 30.34 31.28 -26.16
CA TYR B 353 31.22 32.43 -26.21
C TYR B 353 30.68 33.54 -27.12
N HIS B 354 30.94 34.77 -26.66
CA HIS B 354 30.81 35.98 -27.45
C HIS B 354 32.16 36.65 -27.43
N HIS B 355 32.65 37.05 -28.60
CA HIS B 355 33.92 37.75 -28.66
C HIS B 355 33.75 39.08 -29.35
N SER B 356 34.69 39.98 -29.11
CA SER B 356 34.60 41.34 -29.60
C SER B 356 36.03 41.82 -29.87
N ASN B 357 36.39 41.96 -31.15
CA ASN B 357 37.75 42.34 -31.53
C ASN B 357 37.68 43.39 -32.65
N GLU B 358 38.83 43.83 -33.19
CA GLU B 358 38.81 44.88 -34.18
C GLU B 358 38.02 44.45 -35.43
N GLN B 359 38.04 43.15 -35.78
CA GLN B 359 37.31 42.63 -36.94
C GLN B 359 35.82 42.36 -36.67
N GLY B 360 35.34 42.71 -35.46
CA GLY B 360 33.92 42.69 -35.14
C GLY B 360 33.60 41.74 -33.98
N SER B 361 32.43 41.10 -34.03
CA SER B 361 31.93 40.39 -32.88
C SER B 361 31.01 39.27 -33.32
N GLY B 362 30.77 38.33 -32.42
CA GLY B 362 29.84 37.26 -32.73
C GLY B 362 29.69 36.25 -31.60
N TYR B 363 28.71 35.37 -31.81
CA TYR B 363 28.42 34.28 -30.90
C TYR B 363 28.88 32.95 -31.48
N ALA B 364 29.36 32.10 -30.59
CA ALA B 364 29.78 30.76 -30.94
C ALA B 364 29.46 29.87 -29.74
N ALA B 365 28.74 28.78 -30.02
CA ALA B 365 28.37 27.81 -29.01
C ALA B 365 29.49 26.80 -28.87
N ASP B 366 29.73 26.36 -27.61
CA ASP B 366 30.69 25.32 -27.28
C ASP B 366 29.98 23.97 -27.42
N LYS B 367 30.32 23.25 -28.50
CA LYS B 367 29.52 22.10 -28.88
C LYS B 367 29.77 20.94 -27.90
N GLU B 368 30.99 20.91 -27.36
CA GLU B 368 31.48 19.85 -26.49
C GLU B 368 30.78 19.92 -25.13
N SER B 369 30.65 21.12 -24.55
CA SER B 369 29.94 21.31 -23.29
C SER B 369 28.48 20.98 -23.51
N THR B 370 27.94 21.55 -24.58
CA THR B 370 26.51 21.49 -24.85
C THR B 370 26.09 20.04 -25.02
N GLN B 371 26.90 19.28 -25.78
CA GLN B 371 26.54 17.91 -26.10
C GLN B 371 26.54 17.05 -24.83
N LYS B 372 27.59 17.15 -23.99
CA LYS B 372 27.61 16.44 -22.71
C LYS B 372 26.32 16.77 -21.97
N ALA B 373 25.95 18.04 -21.99
CA ALA B 373 24.80 18.47 -21.23
C ALA B 373 23.53 17.82 -21.76
N ILE B 374 23.43 17.70 -23.08
CA ILE B 374 22.22 17.15 -23.66
C ILE B 374 22.13 15.68 -23.28
N ASP B 375 23.21 14.93 -23.53
CA ASP B 375 23.32 13.52 -23.14
C ASP B 375 22.79 13.33 -21.73
N GLY B 376 23.38 14.01 -20.74
CA GLY B 376 23.02 13.82 -19.35
C GLY B 376 21.53 14.09 -19.09
N VAL B 377 21.04 15.21 -19.59
CA VAL B 377 19.66 15.61 -19.37
C VAL B 377 18.67 14.63 -20.02
N THR B 378 18.93 14.12 -21.23
CA THR B 378 17.97 13.20 -21.81
C THR B 378 18.06 11.85 -21.10
N ASN B 379 19.28 11.43 -20.69
CA ASN B 379 19.45 10.21 -19.91
C ASN B 379 18.70 10.31 -18.59
N LYS B 380 18.69 11.49 -17.98
CA LYS B 380 17.89 11.73 -16.79
C LYS B 380 16.40 11.63 -17.07
N VAL B 381 15.94 12.27 -18.15
CA VAL B 381 14.52 12.28 -18.46
C VAL B 381 14.07 10.83 -18.67
N ASN B 382 14.82 10.09 -19.50
CA ASN B 382 14.59 8.67 -19.71
C ASN B 382 14.68 7.91 -18.40
N SER B 383 15.71 8.17 -17.59
CA SER B 383 15.83 7.45 -16.35
C SER B 383 14.59 7.65 -15.49
N ILE B 384 14.04 8.86 -15.43
CA ILE B 384 12.90 9.14 -14.56
C ILE B 384 11.68 8.39 -15.04
N ILE B 385 11.46 8.44 -16.36
CA ILE B 385 10.29 7.84 -16.97
C ILE B 385 10.34 6.33 -16.77
N ASP B 386 11.54 5.75 -16.91
CA ASP B 386 11.73 4.30 -16.82
C ASP B 386 11.52 3.79 -15.38
N LYS B 387 11.76 4.64 -14.37
CA LYS B 387 11.57 4.29 -12.96
C LYS B 387 10.09 4.31 -12.60
N MET B 388 9.25 4.85 -13.49
CA MET B 388 7.83 5.03 -13.22
C MET B 388 6.99 4.06 -14.06
N ASN B 389 7.62 2.95 -14.47
CA ASN B 389 6.95 1.90 -15.22
C ASN B 389 6.04 1.05 -14.35
N THR B 390 6.45 0.79 -13.10
CA THR B 390 5.83 -0.26 -12.29
C THR B 390 5.04 0.38 -11.15
N GLN B 391 4.23 1.38 -11.47
CA GLN B 391 3.26 1.93 -10.54
C GLN B 391 2.03 1.03 -10.42
N PHE B 392 1.16 1.40 -9.48
CA PHE B 392 -0.02 0.61 -9.15
C PHE B 392 -1.15 0.92 -10.13
N GLU B 393 -1.86 -0.11 -10.59
CA GLU B 393 -3.00 0.05 -11.50
C GLU B 393 -4.25 -0.35 -10.73
N ALA B 394 -5.19 0.60 -10.60
CA ALA B 394 -6.47 0.34 -9.95
C ALA B 394 -7.27 -0.65 -10.78
N VAL B 395 -8.15 -1.40 -10.11
CA VAL B 395 -9.01 -2.42 -10.68
C VAL B 395 -10.44 -2.21 -10.12
N GLY B 396 -11.43 -2.28 -11.00
CA GLY B 396 -12.82 -2.29 -10.57
C GLY B 396 -13.14 -3.62 -9.91
N ARG B 397 -13.64 -3.56 -8.66
CA ARG B 397 -14.15 -4.73 -7.95
C ARG B 397 -15.49 -4.35 -7.34
N GLU B 398 -16.37 -5.33 -7.05
CA GLU B 398 -17.72 -4.99 -6.64
C GLU B 398 -18.10 -5.70 -5.34
N PHE B 399 -18.95 -5.02 -4.57
CA PHE B 399 -19.31 -5.51 -3.24
C PHE B 399 -20.79 -5.23 -2.97
N ASN B 400 -21.51 -6.17 -2.33
CA ASN B 400 -22.91 -5.95 -1.96
C ASN B 400 -23.03 -5.14 -0.65
N ASN B 401 -24.28 -4.99 -0.21
CA ASN B 401 -24.64 -4.10 0.88
C ASN B 401 -24.13 -4.64 2.23
N LEU B 402 -23.68 -5.90 2.28
CA LEU B 402 -23.18 -6.50 3.51
C LEU B 402 -21.69 -6.85 3.42
N GLU B 403 -20.97 -6.14 2.54
CA GLU B 403 -19.53 -6.27 2.40
C GLU B 403 -18.91 -4.87 2.49
N ARG B 404 -19.52 -4.00 3.29
CA ARG B 404 -19.09 -2.61 3.38
C ARG B 404 -17.68 -2.46 3.96
N ARG B 405 -17.27 -3.31 4.90
CA ARG B 405 -15.93 -3.22 5.44
C ARG B 405 -14.91 -3.46 4.32
N ILE B 406 -15.18 -4.45 3.47
CA ILE B 406 -14.25 -4.93 2.48
C ILE B 406 -14.25 -3.91 1.35
N GLU B 407 -15.43 -3.47 0.91
CA GLU B 407 -15.52 -2.34 0.01
C GLU B 407 -14.55 -1.24 0.48
N ASN B 408 -14.59 -0.95 1.78
CA ASN B 408 -13.94 0.20 2.35
C ASN B 408 -12.45 -0.08 2.50
N LEU B 409 -12.10 -1.32 2.79
CA LEU B 409 -10.70 -1.70 2.77
C LEU B 409 -10.18 -1.55 1.34
N ASN B 410 -10.96 -2.00 0.38
CA ASN B 410 -10.62 -1.83 -1.02
C ASN B 410 -10.45 -0.35 -1.38
N LYS B 411 -11.42 0.50 -1.09
CA LYS B 411 -11.28 1.89 -1.44
C LYS B 411 -9.96 2.43 -0.87
N LYS B 412 -9.73 2.28 0.44
CA LYS B 412 -8.62 2.93 1.09
C LYS B 412 -7.27 2.38 0.63
N MET B 413 -7.21 1.12 0.19
CA MET B 413 -6.00 0.54 -0.36
C MET B 413 -5.67 1.12 -1.72
N GLU B 414 -6.66 1.27 -2.60
CA GLU B 414 -6.39 1.79 -3.93
C GLU B 414 -6.05 3.27 -3.87
N ASP B 415 -6.87 4.04 -3.16
CA ASP B 415 -6.52 5.41 -2.82
C ASP B 415 -5.19 5.51 -2.09
N GLY B 416 -4.78 4.50 -1.32
CA GLY B 416 -3.49 4.59 -0.65
C GLY B 416 -2.32 4.55 -1.62
N PHE B 417 -2.39 3.64 -2.61
CA PHE B 417 -1.28 3.46 -3.53
C PHE B 417 -1.23 4.67 -4.46
N LEU B 418 -2.42 5.14 -4.82
CA LEU B 418 -2.55 6.33 -5.64
C LEU B 418 -1.82 7.50 -4.96
N ASP B 419 -2.07 7.72 -3.67
CA ASP B 419 -1.47 8.85 -2.99
C ASP B 419 0.05 8.65 -2.84
N VAL B 420 0.50 7.39 -2.71
CA VAL B 420 1.92 7.13 -2.59
C VAL B 420 2.59 7.46 -3.90
N TRP B 421 2.01 7.05 -5.03
CA TRP B 421 2.67 7.22 -6.31
C TRP B 421 2.58 8.67 -6.81
N THR B 422 1.51 9.38 -6.47
CA THR B 422 1.38 10.81 -6.72
C THR B 422 2.51 11.56 -5.97
N TYR B 423 2.80 11.11 -4.74
CA TYR B 423 3.85 11.73 -3.96
C TYR B 423 5.19 11.44 -4.61
N ASN B 424 5.39 10.22 -5.10
CA ASN B 424 6.71 9.82 -5.58
C ASN B 424 7.04 10.54 -6.87
N ALA B 425 6.01 10.83 -7.66
CA ALA B 425 6.18 11.46 -8.96
C ALA B 425 6.42 12.96 -8.79
N GLU B 426 5.61 13.63 -7.98
CA GLU B 426 5.72 15.07 -7.82
C GLU B 426 7.08 15.44 -7.20
N LEU B 427 7.55 14.62 -6.25
CA LEU B 427 8.74 14.92 -5.48
C LEU B 427 9.99 14.53 -6.27
N LEU B 428 9.88 13.52 -7.11
CA LEU B 428 10.97 13.20 -7.98
C LEU B 428 11.13 14.33 -8.99
N VAL B 429 10.01 14.85 -9.48
CA VAL B 429 10.13 15.94 -10.43
C VAL B 429 10.74 17.16 -9.73
N LEU B 430 10.19 17.61 -8.60
CA LEU B 430 10.76 18.70 -7.85
C LEU B 430 12.26 18.56 -7.61
N MET B 431 12.69 17.36 -7.15
CA MET B 431 14.07 17.18 -6.70
C MET B 431 15.04 17.22 -7.89
N GLU B 432 14.68 16.64 -9.03
CA GLU B 432 15.58 16.59 -10.17
C GLU B 432 15.50 17.89 -10.99
N ASN B 433 14.41 18.64 -10.88
CA ASN B 433 14.41 19.95 -11.49
C ASN B 433 15.54 20.75 -10.84
N GLU B 434 15.59 20.75 -9.51
CA GLU B 434 16.57 21.54 -8.78
C GLU B 434 17.96 21.10 -9.21
N ARG B 435 18.16 19.79 -9.30
CA ARG B 435 19.44 19.27 -9.76
C ARG B 435 19.74 19.70 -11.20
N THR B 436 18.74 19.71 -12.09
CA THR B 436 18.99 20.04 -13.50
C THR B 436 19.48 21.49 -13.61
N LEU B 437 18.87 22.39 -12.82
CA LEU B 437 19.23 23.78 -12.85
C LEU B 437 20.66 23.93 -12.34
N ASP B 438 21.02 23.26 -11.24
CA ASP B 438 22.37 23.41 -10.70
C ASP B 438 23.41 22.78 -11.62
N PHE B 439 23.03 21.76 -12.39
CA PHE B 439 23.88 21.12 -13.38
C PHE B 439 24.30 22.08 -14.47
N HIS B 440 23.34 22.77 -15.09
CA HIS B 440 23.60 23.87 -16.00
C HIS B 440 24.54 24.90 -15.35
N ASP B 441 24.20 25.34 -14.13
CA ASP B 441 24.99 26.33 -13.40
C ASP B 441 26.45 25.85 -13.38
N SER B 442 26.62 24.57 -13.07
CA SER B 442 27.93 23.97 -12.93
C SER B 442 28.64 23.86 -14.29
N ASN B 443 27.89 23.60 -15.36
CA ASN B 443 28.57 23.43 -16.64
C ASN B 443 29.13 24.76 -17.13
N VAL B 444 28.45 25.84 -16.79
CA VAL B 444 28.89 27.15 -17.19
C VAL B 444 30.13 27.53 -16.41
N LYS B 445 30.10 27.32 -15.08
CA LYS B 445 31.23 27.64 -14.23
C LYS B 445 32.46 26.91 -14.74
N ASN B 446 32.34 25.62 -15.02
CA ASN B 446 33.48 24.80 -15.44
C ASN B 446 34.01 25.29 -16.78
N LEU B 447 33.16 25.92 -17.58
CA LEU B 447 33.56 26.37 -18.90
C LEU B 447 34.24 27.73 -18.76
N TYR B 448 33.72 28.56 -17.86
CA TYR B 448 34.42 29.77 -17.52
C TYR B 448 35.83 29.40 -17.07
N ASP B 449 35.96 28.55 -16.04
CA ASP B 449 37.26 28.25 -15.45
C ASP B 449 38.20 27.57 -16.44
N LYS B 450 37.67 26.94 -17.49
CA LYS B 450 38.53 26.30 -18.49
C LYS B 450 39.25 27.37 -19.31
N VAL B 451 38.54 28.45 -19.67
CA VAL B 451 39.10 29.57 -20.39
C VAL B 451 40.08 30.32 -19.51
N ARG B 452 39.65 30.69 -18.29
CA ARG B 452 40.50 31.41 -17.34
C ARG B 452 41.91 30.81 -17.22
N LEU B 453 41.99 29.47 -17.20
CA LEU B 453 43.21 28.69 -17.00
C LEU B 453 44.14 28.85 -18.20
N GLN B 454 43.58 28.77 -19.42
CA GLN B 454 44.32 28.97 -20.66
C GLN B 454 44.93 30.39 -20.75
N LEU B 455 44.15 31.43 -20.44
CA LEU B 455 44.59 32.79 -20.65
C LEU B 455 45.53 33.19 -19.50
N ARG B 456 45.37 32.59 -18.34
CA ARG B 456 46.20 32.97 -17.23
C ARG B 456 46.12 34.49 -17.08
N ASP B 457 47.26 35.20 -17.13
CA ASP B 457 47.33 36.64 -16.87
C ASP B 457 47.46 37.47 -18.15
N ASN B 458 47.43 36.80 -19.33
CA ASN B 458 47.33 37.47 -20.62
C ASN B 458 45.99 38.20 -20.76
N ALA B 459 45.10 38.08 -19.77
CA ALA B 459 43.82 38.77 -19.79
C ALA B 459 43.39 39.16 -18.38
N LYS B 460 42.38 40.02 -18.30
CA LYS B 460 41.85 40.55 -17.06
C LYS B 460 40.46 39.95 -16.82
N GLU B 461 40.21 39.38 -15.65
CA GLU B 461 38.88 38.93 -15.30
C GLU B 461 38.04 40.15 -14.91
N LEU B 462 37.04 40.51 -15.74
CA LEU B 462 36.16 41.63 -15.40
C LEU B 462 35.18 41.26 -14.29
N GLY B 463 35.04 39.97 -13.97
CA GLY B 463 34.20 39.51 -12.88
C GLY B 463 32.72 39.32 -13.27
N ASN B 464 32.44 39.41 -14.57
CA ASN B 464 31.07 39.42 -15.09
C ASN B 464 30.92 38.32 -16.14
N GLY B 465 31.89 37.41 -16.26
CA GLY B 465 31.88 36.43 -17.32
C GLY B 465 32.90 36.71 -18.43
N CYS B 466 33.59 37.86 -18.35
CA CYS B 466 34.39 38.35 -19.46
C CYS B 466 35.86 38.57 -19.13
N PHE B 467 36.69 38.25 -20.13
CA PHE B 467 38.13 38.41 -20.11
C PHE B 467 38.53 39.53 -21.06
N GLU B 468 38.88 40.70 -20.49
CA GLU B 468 39.53 41.77 -21.25
C GLU B 468 40.98 41.39 -21.49
N PHE B 469 41.32 41.04 -22.73
CA PHE B 469 42.68 40.73 -23.08
C PHE B 469 43.66 41.89 -22.87
N TYR B 470 44.94 41.53 -22.69
CA TYR B 470 46.05 42.47 -22.60
C TYR B 470 46.81 42.53 -23.93
N HIS B 471 46.47 41.66 -24.89
CA HIS B 471 47.03 41.74 -26.22
C HIS B 471 45.94 41.80 -27.30
N LYS B 472 46.33 41.67 -28.58
CA LYS B 472 45.38 41.79 -29.69
C LYS B 472 45.00 40.40 -30.21
N CYS B 473 43.71 40.10 -30.06
CA CYS B 473 43.18 38.77 -30.27
C CYS B 473 42.33 38.83 -31.54
N ASP B 474 42.99 38.60 -32.68
CA ASP B 474 42.33 38.49 -33.96
C ASP B 474 41.37 37.30 -33.94
N ASN B 475 40.76 36.99 -35.09
CA ASN B 475 39.74 35.95 -35.19
C ASN B 475 40.35 34.57 -35.03
N GLU B 476 41.62 34.40 -35.38
CA GLU B 476 42.23 33.08 -35.32
C GLU B 476 42.60 32.78 -33.88
N CYS B 477 43.07 33.82 -33.18
CA CYS B 477 43.34 33.80 -31.76
C CYS B 477 42.07 33.48 -30.97
N MET B 478 40.95 34.11 -31.32
CA MET B 478 39.68 33.84 -30.66
C MET B 478 39.26 32.38 -30.85
N GLU B 479 39.48 31.82 -32.04
CA GLU B 479 39.14 30.43 -32.30
C GLU B 479 40.06 29.54 -31.45
N SER B 480 41.29 30.00 -31.17
CA SER B 480 42.14 29.38 -30.17
C SER B 480 41.33 29.03 -28.94
N VAL B 481 40.97 30.07 -28.19
CA VAL B 481 40.39 29.94 -26.87
C VAL B 481 39.20 28.98 -26.90
N ARG B 482 38.42 28.98 -27.99
CA ARG B 482 37.21 28.19 -28.11
C ARG B 482 37.55 26.73 -28.34
N ASN B 483 38.62 26.48 -29.12
CA ASN B 483 39.17 25.16 -29.42
C ASN B 483 39.86 24.54 -28.21
N GLY B 484 40.42 25.36 -27.30
CA GLY B 484 41.27 24.89 -26.23
C GLY B 484 42.75 24.77 -26.66
N THR B 485 43.15 25.51 -27.71
CA THR B 485 44.47 25.40 -28.31
C THR B 485 45.22 26.73 -28.14
N TYR B 486 44.78 27.57 -27.20
CA TYR B 486 45.35 28.90 -27.07
C TYR B 486 46.78 28.83 -26.58
N ASP B 487 47.67 29.53 -27.30
CA ASP B 487 49.11 29.43 -27.14
C ASP B 487 49.56 30.58 -26.25
N TYR B 488 49.78 30.31 -24.95
CA TYR B 488 50.10 31.34 -23.97
C TYR B 488 51.50 31.90 -24.22
N PRO B 489 52.55 31.07 -24.50
CA PRO B 489 53.90 31.58 -24.75
C PRO B 489 53.89 32.80 -25.67
N GLN B 490 53.30 32.61 -26.87
CA GLN B 490 53.30 33.53 -28.00
C GLN B 490 52.86 34.96 -27.63
N TYR B 491 51.81 35.11 -26.83
CA TYR B 491 51.26 36.43 -26.60
C TYR B 491 51.86 37.02 -25.32
N SER B 492 52.78 36.27 -24.71
CA SER B 492 53.18 36.53 -23.33
C SER B 492 53.80 37.91 -23.18
N GLU B 493 54.68 38.29 -24.13
CA GLU B 493 55.42 39.53 -23.99
C GLU B 493 54.49 40.73 -24.17
N GLU B 494 53.66 40.69 -25.23
CA GLU B 494 52.76 41.80 -25.54
C GLU B 494 51.91 42.12 -24.31
N ALA B 495 51.43 41.04 -23.68
CA ALA B 495 50.59 41.11 -22.49
C ALA B 495 51.31 41.80 -21.35
N ARG B 496 52.55 41.35 -21.10
CA ARG B 496 53.40 41.94 -20.08
C ARG B 496 53.50 43.45 -20.33
N LEU B 497 53.87 43.83 -21.57
CA LEU B 497 54.09 45.22 -21.93
C LEU B 497 52.85 46.04 -21.58
N LYS B 498 51.65 45.51 -21.86
CA LYS B 498 50.40 46.25 -21.72
C LYS B 498 49.98 46.46 -20.26
N ARG B 499 50.46 45.64 -19.32
CA ARG B 499 50.42 46.05 -17.92
C ARG B 499 51.61 46.99 -17.68
N GLU B 500 51.38 48.13 -17.00
CA GLU B 500 52.36 49.22 -17.01
C GLU B 500 52.50 49.83 -15.61
N ASP C 1 44.42 47.02 7.73
CA ASP C 1 43.01 47.25 7.31
C ASP C 1 42.47 46.04 6.54
N GLN C 2 41.43 45.38 7.10
CA GLN C 2 40.83 44.21 6.45
C GLN C 2 39.30 44.16 6.58
N ILE C 3 38.72 43.53 5.55
CA ILE C 3 37.33 43.11 5.49
C ILE C 3 37.30 41.59 5.60
N CYS C 4 36.31 41.06 6.31
CA CYS C 4 36.13 39.61 6.40
C CYS C 4 34.71 39.24 5.96
N ILE C 5 34.61 38.06 5.33
CA ILE C 5 33.32 37.45 5.07
C ILE C 5 33.18 36.24 5.99
N GLY C 6 32.00 36.11 6.61
CA GLY C 6 31.79 35.08 7.62
C GLY C 6 30.31 34.80 7.81
N TYR C 7 29.98 33.97 8.82
CA TYR C 7 28.63 33.49 8.99
C TYR C 7 28.26 33.39 10.46
N HIS C 8 26.95 33.27 10.68
CA HIS C 8 26.34 33.32 12.00
C HIS C 8 26.81 32.15 12.87
N ALA C 9 26.97 32.43 14.17
CA ALA C 9 27.07 31.40 15.19
C ALA C 9 26.29 31.83 16.42
N ASN C 10 25.98 30.83 17.24
CA ASN C 10 25.20 31.08 18.44
C ASN C 10 25.41 29.91 19.38
N ASN C 11 24.54 29.83 20.38
CA ASN C 11 24.70 28.99 21.56
C ASN C 11 23.78 27.77 21.46
N SER C 12 22.97 27.71 20.38
CA SER C 12 21.94 26.70 20.15
C SER C 12 22.54 25.31 20.25
N THR C 13 21.77 24.37 20.80
CA THR C 13 22.21 22.99 20.95
C THR C 13 21.40 22.06 20.03
N GLU C 14 20.48 22.64 19.22
CA GLU C 14 19.55 21.87 18.40
C GLU C 14 20.29 21.14 17.28
N GLN C 15 19.96 19.86 17.15
CA GLN C 15 20.69 18.90 16.35
C GLN C 15 19.80 18.42 15.20
N VAL C 16 20.45 17.97 14.11
CA VAL C 16 19.77 17.39 12.96
C VAL C 16 20.66 16.29 12.41
N ASP C 17 20.03 15.34 11.70
CA ASP C 17 20.75 14.27 11.03
C ASP C 17 20.71 14.51 9.51
N THR C 18 21.73 13.99 8.83
CA THR C 18 21.80 13.88 7.38
C THR C 18 22.18 12.45 7.01
N ILE C 19 22.27 12.15 5.71
CA ILE C 19 22.74 10.86 5.25
C ILE C 19 24.16 10.58 5.78
N MET C 20 25.06 11.55 5.72
CA MET C 20 26.44 11.20 6.02
C MET C 20 26.78 11.46 7.49
N GLU C 21 25.93 12.21 8.21
CA GLU C 21 26.29 12.72 9.53
C GLU C 21 25.06 12.78 10.45
N LYS C 22 25.11 12.06 11.57
CA LYS C 22 24.11 12.19 12.63
C LYS C 22 24.55 13.26 13.62
N ASN C 23 23.57 13.91 14.27
CA ASN C 23 23.78 14.80 15.42
C ASN C 23 24.63 16.02 15.03
N VAL C 24 24.19 16.76 14.02
CA VAL C 24 24.88 17.96 13.59
C VAL C 24 24.24 19.13 14.31
N THR C 25 25.04 19.89 15.06
CA THR C 25 24.54 21.05 15.78
C THR C 25 24.33 22.13 14.74
N VAL C 26 23.15 22.76 14.68
CA VAL C 26 22.91 23.82 13.71
C VAL C 26 22.38 25.08 14.42
N THR C 27 22.39 26.23 13.74
CA THR C 27 22.06 27.47 14.42
C THR C 27 20.55 27.54 14.68
N HIS C 28 19.79 27.26 13.63
CA HIS C 28 18.33 27.24 13.67
C HIS C 28 17.80 25.93 13.10
N ALA C 29 16.59 25.57 13.54
CA ALA C 29 16.00 24.26 13.29
C ALA C 29 14.51 24.35 13.60
N GLN C 30 13.71 23.68 12.78
CA GLN C 30 12.29 23.60 13.03
C GLN C 30 11.89 22.15 13.21
N ASP C 31 11.60 21.76 14.45
CA ASP C 31 10.91 20.52 14.77
C ASP C 31 9.61 20.47 13.98
N ILE C 32 9.24 19.30 13.44
CA ILE C 32 7.97 19.18 12.74
C ILE C 32 7.19 17.96 13.26
N LEU C 33 7.49 17.53 14.48
CA LEU C 33 6.89 16.33 15.03
C LEU C 33 6.25 16.61 16.40
N GLU C 34 4.98 16.20 16.55
CA GLU C 34 4.19 16.38 17.76
C GLU C 34 4.26 15.10 18.59
N LYS C 35 4.73 15.24 19.84
CA LYS C 35 5.01 14.10 20.69
C LYS C 35 4.20 14.13 21.97
N THR C 36 3.33 15.15 22.17
CA THR C 36 2.54 15.21 23.39
C THR C 36 1.05 15.29 23.06
N HIS C 37 0.25 14.81 24.03
CA HIS C 37 -1.20 14.79 24.03
C HIS C 37 -1.69 15.10 25.44
N ASN C 38 -2.97 15.43 25.63
CA ASN C 38 -3.42 15.94 26.92
C ASN C 38 -3.89 14.81 27.85
N GLY C 39 -3.82 13.54 27.41
CA GLY C 39 -4.09 12.40 28.28
C GLY C 39 -5.59 12.20 28.59
N LYS C 40 -6.47 12.84 27.83
CA LYS C 40 -7.90 12.84 28.14
C LYS C 40 -8.70 12.68 26.85
N LEU C 41 -9.92 12.12 26.98
CA LEU C 41 -10.88 12.12 25.90
C LEU C 41 -11.74 13.36 26.03
N CYS C 42 -11.93 14.05 24.91
CA CYS C 42 -12.58 15.35 24.89
C CYS C 42 -13.67 15.39 23.84
N ASP C 43 -14.38 16.53 23.82
CA ASP C 43 -15.41 16.85 22.86
C ASP C 43 -14.69 17.19 21.56
N LEU C 44 -15.43 17.24 20.45
CA LEU C 44 -14.83 17.45 19.14
C LEU C 44 -15.62 18.52 18.41
N ASN C 45 -15.09 19.75 18.46
CA ASN C 45 -15.78 20.98 18.05
C ASN C 45 -17.11 21.05 18.82
N GLY C 46 -17.00 20.93 20.15
CA GLY C 46 -18.11 21.21 21.05
C GLY C 46 -19.13 20.07 21.12
N VAL C 47 -18.90 18.97 20.37
CA VAL C 47 -19.84 17.86 20.36
C VAL C 47 -19.23 16.73 21.18
N LYS C 48 -19.99 16.26 22.18
CA LYS C 48 -19.50 15.33 23.18
C LYS C 48 -19.49 13.91 22.60
N PRO C 49 -18.49 13.05 22.92
CA PRO C 49 -18.58 11.63 22.62
C PRO C 49 -19.62 10.91 23.44
N LEU C 50 -20.20 9.86 22.82
CA LEU C 50 -20.95 8.86 23.55
C LEU C 50 -19.96 7.90 24.19
N ILE C 51 -19.95 7.83 25.54
CA ILE C 51 -19.05 6.98 26.27
C ILE C 51 -19.81 5.83 26.94
N LEU C 52 -19.66 4.63 26.40
CA LEU C 52 -20.51 3.52 26.77
C LEU C 52 -19.97 2.83 28.02
N LYS C 53 -18.88 3.35 28.59
CA LYS C 53 -18.39 2.84 29.86
C LYS C 53 -18.20 1.34 29.66
N ASP C 54 -19.02 0.52 30.28
CA ASP C 54 -18.78 -0.92 30.29
C ASP C 54 -19.75 -1.65 29.32
N CYS C 55 -20.39 -0.92 28.39
CA CYS C 55 -21.32 -1.51 27.46
C CYS C 55 -20.75 -1.64 26.06
N SER C 56 -21.07 -2.76 25.41
CA SER C 56 -20.83 -2.93 23.99
C SER C 56 -21.93 -2.20 23.24
N VAL C 57 -21.70 -2.05 21.95
CA VAL C 57 -22.72 -1.53 21.06
C VAL C 57 -23.92 -2.44 21.05
N ALA C 58 -23.70 -3.76 21.11
CA ALA C 58 -24.80 -4.72 21.10
C ALA C 58 -25.66 -4.49 22.33
N GLY C 59 -24.99 -4.32 23.48
CA GLY C 59 -25.64 -4.05 24.76
C GLY C 59 -26.45 -2.76 24.73
N TRP C 60 -25.84 -1.68 24.26
CA TRP C 60 -26.57 -0.47 24.02
C TRP C 60 -27.79 -0.71 23.13
N LEU C 61 -27.60 -1.17 21.89
CA LEU C 61 -28.72 -1.27 20.95
C LEU C 61 -29.81 -2.27 21.35
N LEU C 62 -29.46 -3.45 21.86
CA LEU C 62 -30.51 -4.32 22.35
C LEU C 62 -31.08 -3.84 23.69
N GLY C 63 -30.33 -3.00 24.42
CA GLY C 63 -30.79 -2.51 25.71
C GLY C 63 -30.64 -3.59 26.80
N ASN C 64 -29.44 -4.16 26.92
CA ASN C 64 -29.02 -4.76 28.18
C ASN C 64 -29.51 -3.83 29.30
N PRO C 65 -30.24 -4.36 30.32
CA PRO C 65 -30.71 -3.53 31.45
C PRO C 65 -29.64 -2.88 32.32
N MET C 66 -28.40 -3.39 32.30
CA MET C 66 -27.28 -2.76 32.96
C MET C 66 -26.76 -1.58 32.15
N CYS C 67 -27.41 -1.28 31.01
CA CYS C 67 -26.96 -0.24 30.12
C CYS C 67 -28.00 0.87 30.06
N ASP C 68 -28.80 1.03 31.13
CA ASP C 68 -29.93 1.94 31.14
C ASP C 68 -29.52 3.42 31.13
N GLU C 69 -28.31 3.74 31.58
CA GLU C 69 -27.74 5.07 31.32
C GLU C 69 -27.91 5.47 29.84
N PHE C 70 -28.03 4.52 28.91
CA PHE C 70 -28.04 4.85 27.49
C PHE C 70 -29.42 4.68 26.85
N ILE C 71 -30.48 4.52 27.66
CA ILE C 71 -31.82 4.32 27.14
C ILE C 71 -32.19 5.41 26.12
N ARG C 72 -31.71 6.63 26.28
CA ARG C 72 -31.97 7.65 25.29
C ARG C 72 -30.80 8.62 25.34
N VAL C 73 -30.17 8.84 24.17
CA VAL C 73 -28.87 9.47 24.09
C VAL C 73 -28.96 10.64 23.14
N PRO C 74 -28.23 11.74 23.43
CA PRO C 74 -28.09 12.84 22.48
C PRO C 74 -27.09 12.57 21.35
N GLU C 75 -27.12 13.46 20.35
CA GLU C 75 -26.20 13.44 19.22
C GLU C 75 -24.75 13.32 19.69
N TRP C 76 -23.92 12.57 18.93
CA TRP C 76 -22.53 12.34 19.31
C TRP C 76 -21.60 12.69 18.14
N SER C 77 -20.32 12.80 18.50
CA SER C 77 -19.23 13.12 17.60
C SER C 77 -18.38 11.87 17.27
N TYR C 78 -18.21 11.00 18.27
CA TYR C 78 -17.52 9.72 18.16
C TYR C 78 -18.01 8.81 19.31
N ILE C 79 -17.81 7.50 19.19
CA ILE C 79 -18.27 6.55 20.19
C ILE C 79 -17.04 5.93 20.83
N VAL C 80 -17.14 5.62 22.12
CA VAL C 80 -16.00 5.11 22.87
C VAL C 80 -16.46 3.87 23.61
N GLU C 81 -15.86 2.73 23.21
CA GLU C 81 -16.17 1.45 23.78
C GLU C 81 -14.93 0.98 24.51
N ARG C 82 -15.06 0.28 25.63
CA ARG C 82 -13.86 -0.33 26.18
C ARG C 82 -13.36 -1.39 25.19
N ALA C 83 -12.15 -1.89 25.40
CA ALA C 83 -11.64 -2.99 24.58
C ALA C 83 -12.45 -4.28 24.81
N ASN C 84 -12.72 -4.63 26.09
CA ASN C 84 -13.60 -5.75 26.45
C ASN C 84 -14.69 -5.31 27.42
N PRO C 85 -15.88 -4.91 26.92
CA PRO C 85 -17.01 -4.55 27.77
C PRO C 85 -17.61 -5.73 28.51
N VAL C 86 -18.01 -5.50 29.76
CA VAL C 86 -18.58 -6.57 30.54
C VAL C 86 -20.06 -6.71 30.20
N ASN C 87 -20.71 -5.66 29.70
CA ASN C 87 -22.15 -5.69 29.52
C ASN C 87 -22.49 -5.71 28.03
N ASP C 88 -22.65 -6.94 27.52
CA ASP C 88 -22.82 -7.17 26.10
C ASP C 88 -24.15 -7.90 25.91
N LEU C 89 -24.12 -9.09 25.32
CA LEU C 89 -25.28 -9.95 25.28
C LEU C 89 -25.44 -10.69 26.60
N CYS C 90 -26.22 -10.09 27.51
CA CYS C 90 -26.43 -10.66 28.84
C CYS C 90 -26.98 -12.09 28.69
N TYR C 91 -28.09 -12.24 27.95
CA TYR C 91 -28.57 -13.55 27.57
C TYR C 91 -27.67 -14.05 26.43
N PRO C 92 -26.95 -15.16 26.61
CA PRO C 92 -25.93 -15.57 25.64
C PRO C 92 -26.53 -15.82 24.27
N GLY C 93 -25.78 -15.47 23.25
CA GLY C 93 -26.21 -15.68 21.89
C GLY C 93 -25.28 -14.95 20.94
N SER C 94 -25.87 -14.29 19.95
CA SER C 94 -25.11 -13.59 18.94
C SER C 94 -25.95 -12.45 18.36
N LEU C 95 -25.25 -11.53 17.74
CA LEU C 95 -25.90 -10.54 16.92
C LEU C 95 -25.31 -10.66 15.52
N ASN C 96 -26.14 -11.12 14.57
CA ASN C 96 -25.72 -11.42 13.21
C ASN C 96 -25.20 -10.17 12.55
N ASP C 97 -24.14 -10.33 11.74
CA ASP C 97 -23.46 -9.26 11.02
C ASP C 97 -23.16 -8.10 11.96
N TYR C 98 -22.62 -8.41 13.15
CA TYR C 98 -22.29 -7.42 14.15
C TYR C 98 -21.19 -6.46 13.73
N GLU C 99 -20.14 -6.96 13.10
CA GLU C 99 -19.07 -6.11 12.58
C GLU C 99 -19.59 -5.14 11.53
N GLU C 100 -20.55 -5.56 10.70
CA GLU C 100 -21.08 -4.73 9.61
C GLU C 100 -22.01 -3.65 10.17
N LEU C 101 -22.76 -4.00 11.21
CA LEU C 101 -23.59 -3.06 11.90
C LEU C 101 -22.72 -1.94 12.47
N LYS C 102 -21.58 -2.32 13.04
CA LYS C 102 -20.69 -1.35 13.66
C LYS C 102 -20.07 -0.46 12.59
N HIS C 103 -19.84 -1.00 11.41
CA HIS C 103 -19.23 -0.20 10.36
C HIS C 103 -20.20 0.90 9.95
N LEU C 104 -21.48 0.53 9.96
CA LEU C 104 -22.59 1.43 9.71
C LEU C 104 -22.68 2.56 10.76
N LEU C 105 -22.48 2.21 12.03
CA LEU C 105 -22.48 3.16 13.13
C LEU C 105 -21.37 4.21 12.98
N SER C 106 -20.32 3.84 12.25
CA SER C 106 -19.19 4.73 12.06
C SER C 106 -19.56 5.90 11.15
N ARG C 107 -20.74 5.87 10.52
CA ARG C 107 -21.21 6.98 9.71
C ARG C 107 -22.52 7.56 10.27
N ILE C 108 -22.80 7.33 11.56
CA ILE C 108 -24.00 7.84 12.20
C ILE C 108 -23.63 8.70 13.42
N ASN C 109 -24.24 9.91 13.50
CA ASN C 109 -24.05 10.78 14.66
C ASN C 109 -25.23 10.71 15.63
N HIS C 110 -26.43 10.35 15.16
CA HIS C 110 -27.60 10.35 16.03
C HIS C 110 -28.70 9.43 15.53
N PHE C 111 -29.24 8.68 16.51
CA PHE C 111 -30.49 7.97 16.44
C PHE C 111 -31.56 8.64 17.30
N GLU C 112 -32.81 8.47 16.87
CA GLU C 112 -33.99 8.63 17.72
C GLU C 112 -34.68 7.28 17.89
N LYS C 113 -34.46 6.64 19.04
CA LYS C 113 -35.25 5.50 19.46
C LYS C 113 -36.72 5.87 19.38
N ILE C 114 -37.56 4.98 18.83
CA ILE C 114 -39.01 5.15 18.75
C ILE C 114 -39.71 3.81 19.02
N LEU C 115 -40.92 3.88 19.60
CA LEU C 115 -41.80 2.72 19.71
C LEU C 115 -42.36 2.40 18.34
N ILE C 116 -42.29 1.13 17.91
CA ILE C 116 -42.86 0.74 16.63
C ILE C 116 -43.89 -0.37 16.81
N ILE C 117 -43.72 -1.24 17.82
CA ILE C 117 -44.72 -2.26 18.12
C ILE C 117 -44.97 -2.21 19.62
N PRO C 118 -46.12 -1.66 20.04
CA PRO C 118 -46.41 -1.53 21.46
C PRO C 118 -46.81 -2.87 22.07
N LYS C 119 -46.49 -3.08 23.35
CA LYS C 119 -46.75 -4.33 24.04
C LYS C 119 -48.25 -4.63 24.07
N SER C 120 -49.06 -3.61 23.84
CA SER C 120 -50.50 -3.77 23.83
C SER C 120 -50.94 -4.51 22.56
N SER C 121 -50.02 -4.65 21.60
CA SER C 121 -50.34 -5.30 20.34
C SER C 121 -50.25 -6.82 20.46
N TRP C 122 -49.94 -7.32 21.67
CA TRP C 122 -49.87 -8.76 21.90
C TRP C 122 -50.99 -9.22 22.85
N PRO C 123 -52.29 -9.00 22.52
CA PRO C 123 -53.40 -9.46 23.35
C PRO C 123 -53.30 -10.92 23.75
N ASN C 124 -52.79 -11.76 22.84
CA ASN C 124 -52.98 -13.19 22.90
C ASN C 124 -51.70 -13.93 23.28
N HIS C 125 -50.66 -13.18 23.64
CA HIS C 125 -49.41 -13.76 24.11
C HIS C 125 -49.01 -13.02 25.38
N GLU C 126 -48.29 -13.71 26.26
CA GLU C 126 -47.80 -13.13 27.49
C GLU C 126 -46.56 -12.27 27.17
N THR C 127 -46.54 -11.03 27.67
CA THR C 127 -45.40 -10.16 27.44
C THR C 127 -44.63 -9.89 28.73
N SER C 128 -45.02 -10.51 29.86
CA SER C 128 -44.47 -10.07 31.14
C SER C 128 -43.53 -11.12 31.74
N LEU C 129 -43.52 -12.34 31.18
CA LEU C 129 -42.81 -13.44 31.82
C LEU C 129 -41.46 -13.67 31.15
N GLY C 130 -41.06 -12.77 30.24
CA GLY C 130 -39.91 -12.99 29.40
C GLY C 130 -38.65 -12.40 29.99
N VAL C 131 -38.21 -12.99 31.10
CA VAL C 131 -37.12 -12.45 31.91
C VAL C 131 -36.21 -13.62 32.23
N SER C 132 -35.01 -13.30 32.74
CA SER C 132 -33.98 -14.30 32.99
C SER C 132 -32.96 -13.75 33.98
N ALA C 133 -32.44 -14.64 34.83
CA ALA C 133 -31.40 -14.29 35.80
C ALA C 133 -30.11 -13.91 35.09
N ALA C 134 -29.99 -14.28 33.81
CA ALA C 134 -28.83 -13.93 33.02
C ALA C 134 -28.88 -12.46 32.61
N CYS C 135 -30.06 -11.84 32.75
CA CYS C 135 -30.16 -10.39 32.57
C CYS C 135 -30.67 -9.73 33.85
N PRO C 136 -29.83 -9.56 34.88
CA PRO C 136 -30.32 -9.14 36.20
C PRO C 136 -30.49 -7.63 36.14
N TYR C 137 -31.56 -7.13 36.78
CA TYR C 137 -31.70 -5.71 37.05
C TYR C 137 -31.89 -5.56 38.55
N GLN C 138 -30.79 -5.25 39.24
CA GLN C 138 -30.79 -5.06 40.68
C GLN C 138 -31.02 -6.38 41.41
N GLY C 139 -30.38 -7.46 40.90
CA GLY C 139 -30.51 -8.78 41.48
C GLY C 139 -31.74 -9.50 40.96
N ALA C 140 -32.78 -8.75 40.54
CA ALA C 140 -34.02 -9.32 39.99
C ALA C 140 -33.81 -9.77 38.54
N PRO C 141 -34.50 -10.84 38.07
CA PRO C 141 -34.54 -11.18 36.65
C PRO C 141 -35.19 -10.13 35.74
N SER C 142 -34.47 -9.72 34.69
CA SER C 142 -35.02 -8.86 33.66
C SER C 142 -34.68 -9.39 32.23
N PHE C 143 -34.71 -8.46 31.25
CA PHE C 143 -34.40 -8.77 29.86
C PHE C 143 -34.08 -7.49 29.10
N PHE C 144 -33.62 -7.65 27.85
CA PHE C 144 -33.30 -6.51 26.99
C PHE C 144 -34.51 -5.60 26.88
N ARG C 145 -34.30 -4.27 26.99
CA ARG C 145 -35.43 -3.34 27.00
C ARG C 145 -36.05 -3.21 25.61
N ASN C 146 -35.24 -3.28 24.56
CA ASN C 146 -35.66 -2.81 23.26
C ASN C 146 -36.37 -3.89 22.46
N VAL C 147 -36.41 -5.10 22.99
CA VAL C 147 -37.18 -6.16 22.36
C VAL C 147 -37.96 -6.90 23.43
N VAL C 148 -38.98 -7.68 23.00
CA VAL C 148 -39.82 -8.38 23.95
C VAL C 148 -39.85 -9.88 23.63
N TRP C 149 -39.80 -10.69 24.71
CA TRP C 149 -39.77 -12.14 24.71
C TRP C 149 -41.16 -12.72 25.01
N LEU C 150 -41.92 -12.98 23.93
CA LEU C 150 -43.28 -13.48 24.06
C LEU C 150 -43.24 -14.93 24.52
N ILE C 151 -44.17 -15.26 25.43
CA ILE C 151 -44.39 -16.60 25.97
C ILE C 151 -45.85 -16.95 25.73
N LYS C 152 -46.20 -18.25 25.86
CA LYS C 152 -47.57 -18.71 25.70
C LYS C 152 -48.48 -18.11 26.79
N LYS C 153 -49.76 -17.98 26.43
CA LYS C 153 -50.83 -17.56 27.33
C LYS C 153 -51.97 -18.58 27.25
N ASN C 154 -52.28 -19.20 28.39
CA ASN C 154 -53.36 -20.18 28.50
C ASN C 154 -52.98 -21.43 27.72
N ASP C 155 -51.74 -21.88 27.88
CA ASP C 155 -51.20 -23.04 27.16
C ASP C 155 -51.44 -22.85 25.65
N ALA C 156 -51.26 -21.63 25.13
CA ALA C 156 -51.47 -21.36 23.71
C ALA C 156 -50.55 -20.26 23.16
N TYR C 157 -50.01 -20.51 21.96
CA TYR C 157 -49.26 -19.52 21.21
C TYR C 157 -49.78 -19.56 19.77
N PRO C 158 -50.78 -18.71 19.42
CA PRO C 158 -51.31 -18.67 18.06
C PRO C 158 -50.26 -18.01 17.20
N THR C 159 -50.46 -18.16 15.90
CA THR C 159 -49.49 -17.64 14.97
C THR C 159 -49.59 -16.14 15.00
N ILE C 160 -48.43 -15.48 15.04
CA ILE C 160 -48.32 -14.05 14.96
C ILE C 160 -48.21 -13.68 13.48
N LYS C 161 -49.00 -12.69 13.03
CA LYS C 161 -48.80 -12.00 11.77
C LYS C 161 -49.01 -10.52 12.01
N ILE C 162 -47.93 -9.75 11.99
CA ILE C 162 -48.00 -8.29 12.14
C ILE C 162 -47.08 -7.62 11.12
N SER C 163 -47.42 -6.39 10.73
CA SER C 163 -46.56 -5.55 9.91
C SER C 163 -46.24 -4.24 10.61
N TYR C 164 -45.18 -3.60 10.13
CA TYR C 164 -44.89 -2.24 10.48
C TYR C 164 -44.41 -1.53 9.22
N ASN C 165 -45.03 -0.40 8.93
CA ASN C 165 -44.74 0.38 7.74
C ASN C 165 -43.89 1.55 8.22
N ASN C 166 -42.76 1.80 7.56
CA ASN C 166 -41.94 2.94 7.95
C ASN C 166 -42.47 4.18 7.24
N THR C 167 -43.12 5.07 8.02
CA THR C 167 -43.76 6.26 7.49
C THR C 167 -42.98 7.50 7.96
N ASN C 168 -41.86 7.29 8.65
CA ASN C 168 -40.89 8.33 8.89
C ASN C 168 -40.19 8.65 7.57
N ARG C 169 -39.50 9.79 7.50
CA ARG C 169 -38.76 10.11 6.30
C ARG C 169 -37.33 9.60 6.41
N GLU C 170 -36.94 9.05 7.58
CA GLU C 170 -35.60 8.52 7.85
C GLU C 170 -35.56 6.98 7.69
N ASP C 171 -34.38 6.41 7.40
CA ASP C 171 -34.20 4.96 7.47
C ASP C 171 -34.35 4.50 8.93
N LEU C 172 -34.86 3.27 9.09
CA LEU C 172 -35.01 2.66 10.40
C LEU C 172 -34.14 1.40 10.56
N LEU C 173 -33.57 1.23 11.75
CA LEU C 173 -32.79 0.07 12.12
C LEU C 173 -33.57 -0.76 13.13
N ILE C 174 -34.03 -1.95 12.70
CA ILE C 174 -34.92 -2.81 13.47
C ILE C 174 -34.17 -4.08 13.90
N LEU C 175 -34.30 -4.50 15.16
CA LEU C 175 -33.69 -5.72 15.66
C LEU C 175 -34.78 -6.69 16.10
N TRP C 176 -34.51 -7.99 15.93
CA TRP C 176 -35.42 -9.02 16.39
C TRP C 176 -34.59 -10.25 16.72
N GLY C 177 -35.21 -11.27 17.31
CA GLY C 177 -34.42 -12.39 17.74
C GLY C 177 -35.15 -13.72 17.63
N ILE C 178 -34.38 -14.80 17.79
CA ILE C 178 -34.95 -16.11 17.96
C ILE C 178 -34.31 -16.75 19.18
N HIS C 179 -35.13 -17.47 19.95
CA HIS C 179 -34.70 -18.16 21.14
C HIS C 179 -34.48 -19.62 20.81
N HIS C 180 -33.28 -20.13 21.09
CA HIS C 180 -33.00 -21.54 20.98
C HIS C 180 -33.25 -22.20 22.34
N SER C 181 -34.32 -23.00 22.45
CA SER C 181 -34.61 -23.74 23.66
C SER C 181 -33.65 -24.93 23.88
N ASN C 182 -33.67 -25.44 25.11
CA ASN C 182 -32.67 -26.40 25.56
C ASN C 182 -33.10 -27.81 25.18
N ASN C 183 -34.42 -28.09 25.22
CA ASN C 183 -34.95 -29.39 24.87
C ASN C 183 -36.46 -29.29 24.61
N ALA C 184 -37.08 -30.41 24.25
CA ALA C 184 -38.48 -30.44 23.84
C ALA C 184 -39.45 -30.12 24.98
N GLU C 185 -39.14 -30.47 26.24
CA GLU C 185 -40.04 -30.18 27.35
C GLU C 185 -40.05 -28.66 27.56
N GLU C 186 -38.87 -28.06 27.58
CA GLU C 186 -38.74 -26.63 27.71
C GLU C 186 -39.44 -25.93 26.56
N GLN C 187 -39.20 -26.37 25.31
CA GLN C 187 -39.89 -25.81 24.17
C GLN C 187 -41.40 -25.79 24.40
N ILE C 188 -41.97 -26.85 24.99
CA ILE C 188 -43.42 -26.91 25.18
C ILE C 188 -43.87 -26.02 26.35
N ASN C 189 -43.00 -25.78 27.33
CA ASN C 189 -43.39 -25.01 28.50
C ASN C 189 -43.45 -23.51 28.20
N LEU C 190 -42.58 -23.03 27.30
CA LEU C 190 -42.51 -21.63 26.92
C LEU C 190 -43.55 -21.30 25.85
N TYR C 191 -43.58 -22.07 24.77
CA TYR C 191 -44.49 -21.90 23.64
C TYR C 191 -45.32 -23.18 23.67
N LYS C 192 -46.43 -23.33 22.98
CA LYS C 192 -47.03 -24.65 23.16
C LYS C 192 -46.51 -25.52 22.01
N ASN C 193 -46.29 -24.83 20.89
CA ASN C 193 -46.07 -25.46 19.61
C ASN C 193 -44.70 -26.11 19.70
N PRO C 194 -44.55 -27.44 19.41
CA PRO C 194 -43.22 -28.09 19.36
C PRO C 194 -42.34 -27.71 18.16
N THR C 195 -42.95 -27.51 16.99
CA THR C 195 -42.22 -27.16 15.78
C THR C 195 -42.54 -25.72 15.42
N THR C 196 -41.53 -24.85 15.34
CA THR C 196 -41.76 -23.42 15.19
C THR C 196 -40.85 -22.79 14.14
N TYR C 197 -41.22 -21.56 13.73
CA TYR C 197 -40.49 -20.75 12.78
C TYR C 197 -40.69 -19.25 13.06
N ILE C 198 -39.80 -18.42 12.53
CA ILE C 198 -40.00 -16.99 12.39
C ILE C 198 -39.73 -16.63 10.94
N SER C 199 -40.66 -15.96 10.27
CA SER C 199 -40.47 -15.41 8.93
C SER C 199 -40.37 -13.92 9.01
N VAL C 200 -39.51 -13.32 8.16
CA VAL C 200 -39.38 -11.88 8.11
C VAL C 200 -39.22 -11.48 6.66
N GLY C 201 -40.08 -10.59 6.18
CA GLY C 201 -40.04 -10.13 4.80
C GLY C 201 -40.02 -8.60 4.77
N THR C 202 -39.16 -8.05 3.88
CA THR C 202 -39.21 -6.66 3.46
C THR C 202 -39.18 -6.65 1.93
N SER C 203 -38.80 -5.53 1.33
CA SER C 203 -38.62 -5.49 -0.10
C SER C 203 -37.36 -6.27 -0.49
N THR C 204 -36.39 -6.36 0.45
CA THR C 204 -35.11 -7.02 0.18
C THR C 204 -34.91 -8.25 1.07
N LEU C 205 -35.42 -8.23 2.30
CA LEU C 205 -35.25 -9.34 3.22
C LEU C 205 -36.27 -10.45 2.99
N ASN C 206 -35.84 -11.70 3.24
CA ASN C 206 -36.66 -12.88 3.05
C ASN C 206 -36.08 -13.99 3.91
N GLN C 207 -36.23 -13.87 5.22
CA GLN C 207 -35.52 -14.74 6.15
C GLN C 207 -36.50 -15.75 6.76
N ARG C 208 -36.05 -16.99 6.96
CA ARG C 208 -36.77 -17.98 7.77
C ARG C 208 -35.79 -18.48 8.86
N LEU C 209 -36.26 -18.54 10.11
CA LEU C 209 -35.41 -18.90 11.23
C LEU C 209 -36.10 -20.08 11.88
N VAL C 210 -35.32 -21.08 12.30
CA VAL C 210 -35.88 -22.24 12.95
C VAL C 210 -35.04 -22.54 14.17
N PRO C 211 -35.63 -22.86 15.34
CA PRO C 211 -34.84 -22.99 16.56
C PRO C 211 -33.97 -24.23 16.52
N LYS C 212 -32.72 -24.09 16.95
CA LYS C 212 -31.86 -25.23 17.17
C LYS C 212 -31.99 -25.66 18.63
N ILE C 213 -32.91 -26.58 18.87
CA ILE C 213 -33.13 -27.17 20.17
C ILE C 213 -32.03 -28.18 20.40
N ALA C 214 -31.07 -27.90 21.29
CA ALA C 214 -29.95 -28.78 21.52
C ALA C 214 -29.26 -28.51 22.86
N THR C 215 -28.38 -29.43 23.25
CA THR C 215 -27.54 -29.30 24.43
C THR C 215 -26.31 -28.45 24.12
N ARG C 216 -26.11 -27.43 24.98
CA ARG C 216 -24.99 -26.52 24.85
C ARG C 216 -24.36 -26.29 26.21
N SER C 217 -23.15 -25.72 26.23
CA SER C 217 -22.52 -25.31 27.47
C SER C 217 -23.27 -24.15 28.12
N GLN C 218 -23.24 -24.04 29.46
CA GLN C 218 -23.89 -22.89 30.07
C GLN C 218 -22.95 -21.71 29.98
N VAL C 219 -23.52 -20.54 29.65
CA VAL C 219 -22.84 -19.25 29.70
C VAL C 219 -23.77 -18.27 30.40
N ASN C 220 -23.24 -17.47 31.34
CA ASN C 220 -24.06 -16.62 32.20
C ASN C 220 -25.16 -17.48 32.80
N GLY C 221 -24.84 -18.76 33.01
CA GLY C 221 -25.74 -19.68 33.68
C GLY C 221 -26.88 -20.19 32.83
N GLN C 222 -26.97 -19.80 31.55
CA GLN C 222 -28.01 -20.33 30.68
C GLN C 222 -27.41 -21.22 29.60
N ARG C 223 -28.05 -22.34 29.31
CA ARG C 223 -27.64 -23.22 28.22
C ARG C 223 -28.34 -22.81 26.92
N GLY C 224 -29.40 -22.01 27.02
CA GLY C 224 -30.13 -21.60 25.83
C GLY C 224 -29.36 -20.48 25.16
N ARG C 225 -29.80 -20.05 23.98
CA ARG C 225 -29.13 -18.97 23.26
C ARG C 225 -30.16 -18.13 22.57
N MET C 226 -29.80 -16.87 22.26
CA MET C 226 -30.64 -16.02 21.44
C MET C 226 -29.82 -15.40 20.32
N ASP C 227 -30.27 -15.63 19.08
CA ASP C 227 -29.58 -15.10 17.91
C ASP C 227 -30.42 -13.92 17.44
N PHE C 228 -29.80 -12.74 17.42
CA PHE C 228 -30.47 -11.51 17.01
C PHE C 228 -30.04 -11.15 15.58
N PHE C 229 -30.98 -10.48 14.88
CA PHE C 229 -30.81 -10.02 13.51
C PHE C 229 -31.26 -8.57 13.40
N TRP C 230 -30.84 -7.93 12.29
CA TRP C 230 -31.12 -6.53 12.04
C TRP C 230 -31.27 -6.27 10.55
N THR C 231 -32.10 -5.29 10.21
CA THR C 231 -32.19 -4.77 8.87
C THR C 231 -32.37 -3.26 8.99
N ILE C 232 -32.17 -2.58 7.87
CA ILE C 232 -32.48 -1.17 7.71
C ILE C 232 -33.74 -1.09 6.85
N LEU C 233 -34.80 -0.51 7.41
CA LEU C 233 -36.07 -0.41 6.72
C LEU C 233 -36.11 0.99 6.14
N LYS C 234 -36.24 1.02 4.80
CA LYS C 234 -36.23 2.23 4.00
C LYS C 234 -37.49 3.02 4.29
N PRO C 235 -37.54 4.31 3.91
CA PRO C 235 -38.59 5.21 4.34
C PRO C 235 -39.96 5.09 3.68
N ASP C 236 -40.25 4.07 2.87
CA ASP C 236 -41.66 3.77 2.67
C ASP C 236 -41.94 2.27 2.60
N ASP C 237 -40.94 1.46 2.94
CA ASP C 237 -41.07 0.02 2.94
C ASP C 237 -41.76 -0.41 4.24
N ALA C 238 -42.02 -1.71 4.34
CA ALA C 238 -42.71 -2.33 5.44
C ALA C 238 -42.02 -3.65 5.77
N ILE C 239 -41.97 -3.99 7.07
CA ILE C 239 -41.43 -5.26 7.53
C ILE C 239 -42.62 -6.08 7.98
N HIS C 240 -42.57 -7.38 7.70
CA HIS C 240 -43.68 -8.28 7.94
C HIS C 240 -43.12 -9.44 8.73
N PHE C 241 -43.70 -9.76 9.88
CA PHE C 241 -43.26 -10.88 10.71
C PHE C 241 -44.33 -11.97 10.80
N GLU C 242 -43.90 -13.22 11.00
CA GLU C 242 -44.83 -14.30 11.26
C GLU C 242 -44.15 -15.34 12.13
N SER C 243 -44.84 -15.86 13.13
CA SER C 243 -44.18 -16.80 13.99
C SER C 243 -45.20 -17.55 14.82
N ASN C 244 -44.96 -18.83 15.03
CA ASN C 244 -45.74 -19.61 15.97
C ASN C 244 -44.87 -19.99 17.16
N GLY C 245 -43.72 -19.30 17.35
CA GLY C 245 -42.93 -19.52 18.54
C GLY C 245 -41.47 -19.04 18.45
N ASN C 246 -40.88 -18.91 19.63
CA ASN C 246 -39.47 -18.67 19.82
C ASN C 246 -39.07 -17.28 19.36
N PHE C 247 -40.03 -16.36 19.22
CA PHE C 247 -39.77 -15.07 18.58
C PHE C 247 -39.46 -14.00 19.62
N ILE C 248 -38.38 -13.24 19.42
CA ILE C 248 -38.08 -12.13 20.27
C ILE C 248 -38.32 -10.90 19.42
N ALA C 249 -39.44 -10.23 19.72
CA ALA C 249 -40.02 -9.28 18.79
C ALA C 249 -39.51 -7.89 19.09
N PRO C 250 -39.47 -7.01 18.07
CA PRO C 250 -39.18 -5.59 18.27
C PRO C 250 -40.26 -4.86 19.08
N GLU C 251 -39.82 -4.03 20.03
CA GLU C 251 -40.69 -3.06 20.67
C GLU C 251 -40.26 -1.70 20.16
N TYR C 252 -38.98 -1.38 20.36
CA TYR C 252 -38.39 -0.12 19.93
C TYR C 252 -37.49 -0.38 18.73
N ALA C 253 -37.29 0.66 17.91
CA ALA C 253 -36.33 0.65 16.81
C ALA C 253 -35.70 2.04 16.69
N TYR C 254 -34.65 2.17 15.87
CA TYR C 254 -33.85 3.39 15.85
C TYR C 254 -33.97 4.14 14.54
N LYS C 255 -34.40 5.40 14.63
CA LYS C 255 -34.56 6.24 13.47
C LYS C 255 -33.22 6.91 13.18
N ILE C 256 -32.74 6.82 11.95
CA ILE C 256 -31.40 7.29 11.68
C ILE C 256 -31.51 8.75 11.24
N VAL C 257 -31.28 9.67 12.21
CA VAL C 257 -31.60 11.08 12.00
C VAL C 257 -30.38 11.80 11.42
N LYS C 258 -29.19 11.60 12.01
CA LYS C 258 -28.03 12.37 11.59
C LYS C 258 -26.94 11.41 11.15
N LYS C 259 -26.57 11.47 9.88
CA LYS C 259 -25.40 10.76 9.39
C LYS C 259 -24.23 11.75 9.33
N GLY C 260 -23.01 11.27 9.47
CA GLY C 260 -21.85 12.15 9.41
C GLY C 260 -20.56 11.36 9.56
N ASP C 261 -19.46 12.04 9.88
CA ASP C 261 -18.19 11.35 10.14
C ASP C 261 -18.04 11.14 11.66
N SER C 262 -18.06 9.86 12.03
CA SER C 262 -17.87 9.40 13.39
C SER C 262 -16.78 8.33 13.38
N THR C 263 -16.53 7.72 14.53
CA THR C 263 -15.71 6.53 14.60
C THR C 263 -16.05 5.83 15.91
N ILE C 264 -15.64 4.56 16.00
CA ILE C 264 -15.76 3.85 17.25
C ILE C 264 -14.34 3.67 17.75
N MET C 265 -14.04 4.35 18.85
CA MET C 265 -12.74 4.39 19.47
C MET C 265 -12.70 3.33 20.59
N LYS C 266 -11.61 2.59 20.69
CA LYS C 266 -11.42 1.67 21.80
C LYS C 266 -10.45 2.38 22.74
N SER C 267 -10.87 2.59 24.00
CA SER C 267 -10.15 3.39 24.97
C SER C 267 -10.73 3.20 26.38
N GLY C 268 -9.84 3.21 27.37
CA GLY C 268 -10.24 3.30 28.76
C GLY C 268 -9.85 4.63 29.44
N VAL C 269 -9.32 5.59 28.69
CA VAL C 269 -8.92 6.82 29.34
C VAL C 269 -10.20 7.65 29.52
N GLU C 270 -10.13 8.60 30.45
CA GLU C 270 -11.28 9.22 31.08
C GLU C 270 -11.66 10.48 30.34
N TYR C 271 -12.93 10.91 30.50
CA TYR C 271 -13.38 12.15 29.88
C TYR C 271 -12.87 13.31 30.73
N GLY C 272 -12.79 14.52 30.15
CA GLY C 272 -12.16 15.66 30.82
C GLY C 272 -12.83 17.01 30.54
N ASN C 273 -14.12 17.00 30.18
CA ASN C 273 -14.90 18.21 29.95
C ASN C 273 -14.10 19.27 29.22
N CYS C 274 -13.40 18.85 28.15
CA CYS C 274 -12.50 19.71 27.37
C CYS C 274 -12.97 19.68 25.92
N ASN C 275 -12.25 20.37 25.03
CA ASN C 275 -12.63 20.44 23.62
C ASN C 275 -11.37 20.44 22.77
N THR C 276 -11.34 19.65 21.69
CA THR C 276 -10.26 19.70 20.73
C THR C 276 -10.81 19.54 19.31
N LYS C 277 -9.91 19.69 18.34
CA LYS C 277 -10.23 19.51 16.93
C LYS C 277 -9.62 18.19 16.43
N CYS C 278 -8.97 17.43 17.34
CA CYS C 278 -8.24 16.22 16.99
C CYS C 278 -8.06 15.32 18.20
N GLN C 279 -8.64 14.11 18.13
CA GLN C 279 -8.66 13.20 19.25
C GLN C 279 -8.04 11.85 18.86
N THR C 280 -7.30 11.24 19.80
CA THR C 280 -6.80 9.89 19.69
C THR C 280 -7.29 9.09 20.88
N PRO C 281 -7.14 7.77 20.89
CA PRO C 281 -7.46 6.94 22.04
C PRO C 281 -6.66 7.15 23.33
N VAL C 282 -5.46 7.75 23.22
CA VAL C 282 -4.59 7.91 24.38
C VAL C 282 -4.72 9.34 24.91
N GLY C 283 -5.31 10.23 24.09
CA GLY C 283 -5.54 11.61 24.47
C GLY C 283 -5.57 12.53 23.26
N ALA C 284 -5.87 13.81 23.53
CA ALA C 284 -6.23 14.77 22.51
C ALA C 284 -4.98 15.51 22.05
N ILE C 285 -5.05 16.14 20.88
CA ILE C 285 -3.88 16.79 20.33
C ILE C 285 -4.21 18.26 20.06
N ASN C 286 -3.34 19.12 20.61
CA ASN C 286 -3.39 20.55 20.39
C ASN C 286 -2.08 20.94 19.71
N SER C 287 -2.07 20.95 18.38
CA SER C 287 -0.84 21.12 17.62
C SER C 287 -1.12 21.78 16.28
N SER C 288 -0.07 22.36 15.69
CA SER C 288 -0.11 22.80 14.30
C SER C 288 1.10 22.23 13.56
N MET C 289 1.86 21.38 14.24
CA MET C 289 2.92 20.67 13.57
C MET C 289 2.30 19.78 12.48
N PRO C 290 3.02 19.47 11.39
CA PRO C 290 2.50 18.57 10.37
C PRO C 290 2.60 17.05 10.60
N PHE C 291 3.15 16.63 11.74
CA PHE C 291 3.28 15.22 12.04
C PHE C 291 3.08 15.00 13.53
N HIS C 292 2.66 13.76 13.88
CA HIS C 292 2.60 13.33 15.26
C HIS C 292 2.94 11.85 15.34
N ASN C 293 3.16 11.35 16.57
CA ASN C 293 3.49 9.94 16.78
C ASN C 293 2.74 9.35 17.99
N ILE C 294 1.55 9.89 18.26
CA ILE C 294 0.77 9.51 19.42
C ILE C 294 0.13 8.15 19.14
N HIS C 295 -0.73 8.09 18.12
CA HIS C 295 -1.48 6.87 17.80
C HIS C 295 -1.92 6.93 16.35
N PRO C 296 -2.10 5.78 15.68
CA PRO C 296 -2.54 5.77 14.28
C PRO C 296 -3.98 6.21 14.03
N LEU C 297 -4.87 5.90 15.00
CA LEU C 297 -6.32 5.95 14.80
C LEU C 297 -6.85 7.22 15.45
N THR C 298 -6.76 8.33 14.74
CA THR C 298 -7.29 9.59 15.23
C THR C 298 -8.66 9.82 14.62
N ILE C 299 -9.37 10.84 15.13
CA ILE C 299 -10.44 11.49 14.40
C ILE C 299 -10.32 13.00 14.58
N GLY C 300 -10.58 13.75 13.51
CA GLY C 300 -10.61 15.21 13.54
C GLY C 300 -9.75 15.82 12.45
N GLU C 301 -9.52 17.14 12.49
CA GLU C 301 -8.47 17.75 11.68
C GLU C 301 -7.13 17.51 12.41
N CYS C 302 -6.36 16.51 11.94
CA CYS C 302 -5.17 16.04 12.64
C CYS C 302 -3.91 16.11 11.79
N PRO C 303 -2.73 16.15 12.42
CA PRO C 303 -1.51 15.90 11.66
C PRO C 303 -1.45 14.44 11.24
N LYS C 304 -0.44 14.15 10.42
CA LYS C 304 -0.22 12.86 9.80
C LYS C 304 0.67 12.02 10.71
N TYR C 305 0.28 10.77 10.90
CA TYR C 305 0.96 9.92 11.85
C TYR C 305 2.22 9.35 11.18
N VAL C 306 3.33 9.25 11.94
CA VAL C 306 4.51 8.51 11.53
C VAL C 306 5.07 7.77 12.73
N LYS C 307 5.98 6.83 12.49
CA LYS C 307 6.58 6.04 13.55
C LYS C 307 7.88 6.66 14.07
N SER C 308 8.24 7.88 13.68
CA SER C 308 9.50 8.48 14.09
C SER C 308 9.47 8.90 15.55
N ASN C 309 10.66 8.99 16.15
CA ASN C 309 10.83 9.57 17.48
C ASN C 309 11.29 11.02 17.39
N LYS C 310 11.89 11.37 16.24
CA LYS C 310 12.52 12.68 16.04
C LYS C 310 12.31 13.10 14.59
N LEU C 311 12.01 14.37 14.33
CA LEU C 311 11.88 14.78 12.95
C LEU C 311 12.06 16.28 12.89
N VAL C 312 13.32 16.70 12.68
CA VAL C 312 13.70 18.11 12.77
C VAL C 312 14.32 18.56 11.45
N LEU C 313 13.77 19.62 10.88
CA LEU C 313 14.39 20.25 9.71
C LEU C 313 15.43 21.28 10.14
N ALA C 314 16.60 21.20 9.51
CA ALA C 314 17.57 22.28 9.55
C ALA C 314 17.07 23.50 8.77
N THR C 315 17.17 24.67 9.38
CA THR C 315 16.87 25.94 8.73
C THR C 315 18.17 26.74 8.54
N GLY C 316 18.97 26.81 9.61
CA GLY C 316 20.19 27.60 9.61
C GLY C 316 21.41 26.76 9.30
N LEU C 317 22.58 27.26 9.75
CA LEU C 317 23.89 26.80 9.34
C LEU C 317 24.44 25.82 10.36
N ARG C 318 25.48 25.08 9.95
CA ARG C 318 26.27 24.34 10.91
C ARG C 318 26.79 25.30 11.98
N ASN C 319 26.56 24.96 13.24
CA ASN C 319 27.04 25.76 14.35
C ASN C 319 28.50 25.42 14.63
N SER C 320 29.27 26.43 15.08
CA SER C 320 30.68 26.27 15.42
C SER C 320 30.83 25.75 16.86
N PRO C 321 31.54 24.63 17.10
CA PRO C 321 31.52 23.94 18.39
C PRO C 321 31.24 24.81 19.63
N LEU C 331 31.30 20.96 1.39
CA LEU C 331 30.93 20.64 -0.02
C LEU C 331 31.30 21.77 -0.98
N PHE C 332 31.05 23.03 -0.59
CA PHE C 332 31.59 24.17 -1.32
C PHE C 332 32.81 24.75 -0.62
N GLY C 333 33.21 24.15 0.51
CA GLY C 333 34.51 24.43 1.08
C GLY C 333 34.62 25.75 1.85
N ALA C 334 33.50 26.38 2.24
CA ALA C 334 33.57 27.64 2.98
C ALA C 334 33.34 27.42 4.47
N ILE C 335 32.10 27.09 4.85
CA ILE C 335 31.70 26.94 6.25
C ILE C 335 32.45 25.75 6.82
N ALA C 336 33.18 25.97 7.91
CA ALA C 336 34.10 24.98 8.47
C ALA C 336 35.00 24.37 7.38
N GLY C 337 35.45 25.25 6.43
CA GLY C 337 36.55 24.96 5.52
C GLY C 337 37.59 26.08 5.59
N PHE C 338 37.69 26.84 4.49
CA PHE C 338 38.66 27.92 4.43
C PHE C 338 38.23 29.02 5.38
N ILE C 339 37.04 28.92 5.96
CA ILE C 339 36.65 29.81 7.04
C ILE C 339 36.46 28.99 8.32
N GLU C 340 37.39 29.19 9.27
CA GLU C 340 37.49 28.41 10.51
C GLU C 340 36.12 28.12 11.11
N GLY C 341 35.35 29.19 11.37
CA GLY C 341 34.17 29.11 12.22
C GLY C 341 33.29 30.33 12.02
N GLY C 342 32.08 30.28 12.58
CA GLY C 342 31.15 31.40 12.49
C GLY C 342 31.44 32.45 13.55
N TRP C 343 30.61 33.49 13.59
CA TRP C 343 30.80 34.67 14.43
C TRP C 343 29.65 34.86 15.42
N GLN C 344 29.91 34.65 16.72
CA GLN C 344 28.96 35.03 17.76
C GLN C 344 28.53 36.51 17.62
N GLY C 345 29.44 37.37 17.11
CA GLY C 345 29.23 38.80 17.07
C GLY C 345 28.12 39.25 16.13
N MET C 346 27.95 38.57 14.99
CA MET C 346 26.92 38.95 14.03
C MET C 346 25.58 38.49 14.59
N VAL C 347 24.56 39.35 14.53
CA VAL C 347 23.29 38.99 15.13
C VAL C 347 22.19 39.13 14.09
N ASP C 348 22.09 40.29 13.43
CA ASP C 348 20.96 40.57 12.56
C ASP C 348 21.24 40.02 11.16
N GLY C 349 21.48 38.70 11.03
CA GLY C 349 21.70 38.08 9.73
C GLY C 349 22.45 36.74 9.79
N TRP C 350 22.52 36.05 8.62
CA TRP C 350 23.11 34.72 8.49
C TRP C 350 24.52 34.80 7.89
N TYR C 351 24.65 35.65 6.86
CA TYR C 351 25.92 35.87 6.19
C TYR C 351 26.22 37.36 6.21
N GLY C 352 27.46 37.76 6.53
CA GLY C 352 27.81 39.18 6.46
C GLY C 352 29.31 39.49 6.42
N TYR C 353 29.68 40.63 7.04
CA TYR C 353 31.03 41.20 6.94
C TYR C 353 31.53 41.73 8.28
N HIS C 354 32.87 41.75 8.43
CA HIS C 354 33.57 42.28 9.61
C HIS C 354 34.55 43.37 9.21
N HIS C 355 34.33 44.62 9.69
CA HIS C 355 35.23 45.73 9.42
C HIS C 355 36.61 45.40 9.94
N SER C 356 37.53 46.37 9.80
CA SER C 356 38.74 46.42 10.60
C SER C 356 39.59 47.61 10.15
N ASN C 357 39.01 48.82 10.13
CA ASN C 357 39.75 50.02 9.78
C ASN C 357 39.98 50.86 11.04
N GLU C 358 40.67 52.00 10.87
CA GLU C 358 41.21 52.74 12.01
C GLU C 358 40.08 53.39 12.81
N GLN C 359 38.94 53.68 12.16
CA GLN C 359 37.80 54.26 12.85
C GLN C 359 37.26 53.28 13.90
N GLY C 360 37.43 51.97 13.63
CA GLY C 360 37.11 50.91 14.57
C GLY C 360 36.81 49.58 13.87
N SER C 361 36.00 48.73 14.51
CA SER C 361 35.51 47.52 13.90
C SER C 361 34.08 47.23 14.34
N GLY C 362 33.39 46.40 13.55
CA GLY C 362 31.98 46.12 13.74
C GLY C 362 31.44 45.13 12.71
N TYR C 363 30.29 44.53 13.03
CA TYR C 363 29.71 43.46 12.22
C TYR C 363 28.52 43.99 11.41
N ALA C 364 28.54 43.78 10.09
CA ALA C 364 27.42 44.14 9.23
C ALA C 364 26.91 42.89 8.51
N ALA C 365 25.58 42.72 8.52
CA ALA C 365 24.92 41.67 7.77
C ALA C 365 24.65 42.14 6.33
N ASP C 366 24.80 41.22 5.37
CA ASP C 366 24.41 41.44 4.00
C ASP C 366 22.98 40.96 3.85
N LYS C 367 22.06 41.91 3.75
CA LYS C 367 20.65 41.61 3.93
C LYS C 367 20.06 41.04 2.65
N GLU C 368 20.72 41.22 1.50
CA GLU C 368 20.22 40.63 0.26
C GLU C 368 20.40 39.11 0.30
N SER C 369 21.66 38.65 0.37
CA SER C 369 22.01 37.24 0.50
C SER C 369 21.19 36.58 1.60
N THR C 370 21.20 37.20 2.80
CA THR C 370 20.53 36.62 3.95
C THR C 370 19.05 36.43 3.61
N GLN C 371 18.48 37.31 2.77
CA GLN C 371 17.05 37.28 2.49
C GLN C 371 16.74 36.16 1.51
N LYS C 372 17.54 36.08 0.44
CA LYS C 372 17.40 35.04 -0.56
C LYS C 372 17.48 33.66 0.11
N ALA C 373 18.23 33.57 1.21
CA ALA C 373 18.29 32.33 1.94
C ALA C 373 17.00 32.11 2.72
N ILE C 374 16.56 33.13 3.45
CA ILE C 374 15.34 32.99 4.23
C ILE C 374 14.21 32.55 3.29
N ASP C 375 14.05 33.24 2.16
CA ASP C 375 13.01 32.92 1.20
C ASP C 375 13.09 31.45 0.79
N GLY C 376 14.31 30.96 0.51
CA GLY C 376 14.51 29.61 0.02
C GLY C 376 14.19 28.55 1.07
N VAL C 377 14.66 28.76 2.30
CA VAL C 377 14.49 27.80 3.38
C VAL C 377 13.02 27.80 3.77
N THR C 378 12.43 28.99 3.89
CA THR C 378 11.03 29.06 4.27
C THR C 378 10.23 28.27 3.23
N ASN C 379 10.50 28.44 1.93
CA ASN C 379 9.71 27.78 0.90
C ASN C 379 9.97 26.29 0.84
N LYS C 380 11.17 25.85 1.26
CA LYS C 380 11.47 24.44 1.38
C LYS C 380 10.57 23.79 2.45
N VAL C 381 10.56 24.38 3.65
CA VAL C 381 9.77 23.88 4.75
C VAL C 381 8.33 23.79 4.29
N ASN C 382 7.89 24.79 3.53
CA ASN C 382 6.50 24.86 3.11
C ASN C 382 6.23 23.83 2.02
N SER C 383 7.18 23.67 1.10
CA SER C 383 7.02 22.67 0.06
C SER C 383 6.96 21.28 0.68
N ILE C 384 7.63 21.09 1.81
CA ILE C 384 7.71 19.78 2.42
C ILE C 384 6.38 19.43 3.09
N ILE C 385 5.92 20.31 3.98
CA ILE C 385 4.63 20.20 4.65
C ILE C 385 3.48 19.97 3.65
N ASP C 386 3.51 20.65 2.50
CA ASP C 386 2.43 20.54 1.51
C ASP C 386 2.45 19.16 0.83
N LYS C 387 3.64 18.56 0.61
CA LYS C 387 3.75 17.29 -0.10
C LYS C 387 3.22 16.14 0.74
N MET C 388 2.96 16.40 2.03
CA MET C 388 2.53 15.39 2.98
C MET C 388 1.07 15.57 3.36
N ASN C 389 0.33 16.39 2.60
CA ASN C 389 -1.09 16.63 2.84
C ASN C 389 -1.93 15.39 2.55
N THR C 390 -1.48 14.55 1.61
CA THR C 390 -2.26 13.41 1.15
C THR C 390 -1.49 12.12 1.47
N GLN C 391 -1.13 11.93 2.75
CA GLN C 391 -0.72 10.63 3.26
C GLN C 391 -1.94 9.78 3.60
N PHE C 392 -1.66 8.58 4.12
CA PHE C 392 -2.64 7.57 4.47
C PHE C 392 -3.17 7.77 5.88
N GLU C 393 -4.50 7.67 6.01
CA GLU C 393 -5.21 7.77 7.28
C GLU C 393 -5.86 6.42 7.60
N ALA C 394 -5.44 5.81 8.71
CA ALA C 394 -5.93 4.50 9.13
C ALA C 394 -7.39 4.60 9.53
N VAL C 395 -8.17 3.54 9.28
CA VAL C 395 -9.52 3.40 9.79
C VAL C 395 -9.54 2.16 10.68
N GLY C 396 -10.47 2.10 11.64
CA GLY C 396 -10.52 1.01 12.61
C GLY C 396 -11.65 0.02 12.31
N ARG C 397 -11.40 -0.89 11.35
CA ARG C 397 -12.34 -1.92 10.89
C ARG C 397 -12.31 -3.12 11.85
N GLU C 398 -13.45 -3.80 12.03
CA GLU C 398 -13.53 -4.93 12.95
C GLU C 398 -13.85 -6.21 12.19
N PHE C 399 -13.49 -7.34 12.81
CA PHE C 399 -13.56 -8.66 12.17
C PHE C 399 -13.84 -9.74 13.21
N ASN C 400 -14.65 -10.74 12.88
CA ASN C 400 -14.89 -11.82 13.84
C ASN C 400 -13.80 -12.90 13.75
N ASN C 401 -14.04 -13.97 14.50
CA ASN C 401 -13.11 -15.01 14.84
C ASN C 401 -12.87 -15.96 13.66
N LEU C 402 -13.78 -15.95 12.67
CA LEU C 402 -13.63 -16.77 11.48
C LEU C 402 -13.33 -15.89 10.25
N GLU C 403 -12.85 -14.64 10.47
CA GLU C 403 -12.46 -13.73 9.40
C GLU C 403 -11.04 -13.29 9.65
N ARG C 404 -10.21 -14.22 10.12
CA ARG C 404 -8.85 -13.91 10.51
C ARG C 404 -7.94 -13.63 9.31
N ARG C 405 -8.18 -14.24 8.16
CA ARG C 405 -7.35 -13.92 7.01
C ARG C 405 -7.58 -12.47 6.60
N ILE C 406 -8.85 -12.04 6.58
CA ILE C 406 -9.17 -10.68 6.18
C ILE C 406 -8.66 -9.70 7.23
N GLU C 407 -8.74 -10.05 8.50
CA GLU C 407 -8.17 -9.22 9.54
C GLU C 407 -6.66 -9.09 9.38
N ASN C 408 -5.98 -10.17 9.05
CA ASN C 408 -4.55 -10.11 8.88
C ASN C 408 -4.21 -9.22 7.69
N LEU C 409 -4.96 -9.33 6.59
CA LEU C 409 -4.75 -8.50 5.39
C LEU C 409 -4.84 -7.03 5.77
N ASN C 410 -5.95 -6.67 6.42
CA ASN C 410 -6.20 -5.35 6.97
C ASN C 410 -5.01 -4.85 7.80
N LYS C 411 -4.63 -5.57 8.86
CA LYS C 411 -3.55 -5.13 9.74
C LYS C 411 -2.33 -4.81 8.90
N LYS C 412 -1.96 -5.77 8.03
CA LYS C 412 -0.74 -5.73 7.24
C LYS C 412 -0.70 -4.56 6.27
N MET C 413 -1.81 -4.24 5.61
CA MET C 413 -1.75 -3.15 4.66
C MET C 413 -1.73 -1.83 5.41
N GLU C 414 -2.48 -1.70 6.52
CA GLU C 414 -2.49 -0.48 7.29
C GLU C 414 -1.12 -0.17 7.89
N ASP C 415 -0.44 -1.19 8.44
CA ASP C 415 0.94 -1.03 8.88
C ASP C 415 1.85 -0.67 7.71
N GLY C 416 1.65 -1.35 6.59
CA GLY C 416 2.51 -1.17 5.45
C GLY C 416 2.57 0.30 5.01
N PHE C 417 1.40 0.94 5.05
CA PHE C 417 1.29 2.32 4.63
C PHE C 417 1.92 3.24 5.68
N LEU C 418 1.89 2.86 6.95
CA LEU C 418 2.56 3.66 7.98
C LEU C 418 4.07 3.57 7.74
N ASP C 419 4.57 2.39 7.41
CA ASP C 419 5.99 2.20 7.16
C ASP C 419 6.43 2.91 5.87
N VAL C 420 5.54 3.00 4.90
CA VAL C 420 5.86 3.71 3.69
C VAL C 420 5.93 5.19 4.01
N TRP C 421 4.94 5.70 4.75
CA TRP C 421 4.95 7.15 4.96
C TRP C 421 6.02 7.56 5.98
N THR C 422 6.43 6.66 6.85
CA THR C 422 7.46 6.96 7.82
C THR C 422 8.78 7.05 7.08
N TYR C 423 9.01 6.08 6.20
CA TYR C 423 10.23 6.06 5.43
C TYR C 423 10.29 7.33 4.61
N ASN C 424 9.16 7.74 4.04
CA ASN C 424 9.14 8.90 3.17
C ASN C 424 9.45 10.18 3.98
N ALA C 425 8.82 10.30 5.15
CA ALA C 425 8.96 11.50 5.95
C ALA C 425 10.42 11.63 6.44
N GLU C 426 11.00 10.51 6.91
CA GLU C 426 12.32 10.51 7.54
C GLU C 426 13.41 10.79 6.51
N LEU C 427 13.23 10.25 5.31
CA LEU C 427 14.22 10.37 4.27
C LEU C 427 14.17 11.76 3.64
N LEU C 428 12.99 12.25 3.31
CA LEU C 428 12.91 13.61 2.83
C LEU C 428 13.65 14.55 3.78
N VAL C 429 13.48 14.39 5.09
CA VAL C 429 14.16 15.30 6.00
C VAL C 429 15.67 15.09 5.94
N LEU C 430 16.15 13.84 5.95
CA LEU C 430 17.58 13.58 5.84
C LEU C 430 18.16 14.21 4.58
N MET C 431 17.42 14.15 3.47
CA MET C 431 17.98 14.58 2.19
C MET C 431 18.00 16.10 2.13
N GLU C 432 16.90 16.72 2.54
CA GLU C 432 16.81 18.15 2.42
C GLU C 432 17.72 18.80 3.45
N ASN C 433 17.97 18.14 4.57
CA ASN C 433 18.89 18.68 5.57
C ASN C 433 20.30 18.82 4.99
N GLU C 434 20.79 17.76 4.32
CA GLU C 434 22.09 17.80 3.65
C GLU C 434 22.08 18.94 2.62
N ARG C 435 21.01 19.04 1.81
CA ARG C 435 20.92 20.08 0.80
C ARG C 435 20.88 21.47 1.43
N THR C 436 20.29 21.61 2.64
CA THR C 436 20.19 22.90 3.33
C THR C 436 21.58 23.40 3.75
N LEU C 437 22.37 22.57 4.44
CA LEU C 437 23.68 22.98 4.92
C LEU C 437 24.60 23.32 3.75
N ASP C 438 24.46 22.58 2.66
CA ASP C 438 25.26 22.84 1.47
C ASP C 438 24.83 24.15 0.82
N PHE C 439 23.53 24.48 0.85
CA PHE C 439 22.99 25.76 0.41
C PHE C 439 23.61 26.94 1.16
N HIS C 440 23.73 26.83 2.48
CA HIS C 440 24.40 27.85 3.29
C HIS C 440 25.87 28.02 2.87
N ASP C 441 26.56 26.89 2.73
CA ASP C 441 27.94 26.83 2.32
C ASP C 441 28.12 27.53 0.96
N SER C 442 27.19 27.28 0.03
CA SER C 442 27.24 27.87 -1.30
C SER C 442 27.08 29.39 -1.23
N ASN C 443 26.12 29.83 -0.41
CA ASN C 443 25.83 31.24 -0.27
C ASN C 443 27.05 31.98 0.27
N VAL C 444 27.70 31.41 1.27
CA VAL C 444 28.91 32.03 1.80
C VAL C 444 29.98 32.14 0.70
N LYS C 445 30.23 31.06 -0.05
CA LYS C 445 31.25 31.07 -1.08
C LYS C 445 30.93 32.15 -2.10
N ASN C 446 29.65 32.28 -2.51
CA ASN C 446 29.37 33.18 -3.62
C ASN C 446 29.55 34.63 -3.18
N LEU C 447 29.19 34.91 -1.92
CA LEU C 447 29.40 36.22 -1.33
C LEU C 447 30.88 36.60 -1.33
N TYR C 448 31.75 35.61 -1.09
CA TYR C 448 33.16 35.86 -0.97
C TYR C 448 33.74 36.12 -2.36
N ASP C 449 33.17 35.47 -3.38
CA ASP C 449 33.63 35.62 -4.77
C ASP C 449 33.19 36.98 -5.30
N LYS C 450 31.98 37.43 -4.96
CA LYS C 450 31.46 38.73 -5.36
C LYS C 450 32.41 39.83 -4.86
N VAL C 451 33.05 39.61 -3.70
CA VAL C 451 33.95 40.59 -3.10
C VAL C 451 35.39 40.38 -3.56
N ARG C 452 35.78 39.16 -3.91
CA ARG C 452 37.12 38.93 -4.40
C ARG C 452 37.29 39.56 -5.78
N LEU C 453 36.25 39.49 -6.63
CA LEU C 453 36.34 39.93 -8.02
C LEU C 453 36.27 41.46 -8.14
N GLN C 454 35.95 42.16 -7.05
CA GLN C 454 35.97 43.61 -7.04
C GLN C 454 37.36 44.10 -6.62
N LEU C 455 37.93 43.48 -5.59
CA LEU C 455 39.20 43.92 -5.08
C LEU C 455 40.31 43.64 -6.09
N ARG C 456 40.24 42.53 -6.82
CA ARG C 456 41.39 42.01 -7.55
C ARG C 456 42.62 42.15 -6.66
N ASP C 457 43.64 42.92 -7.12
CA ASP C 457 44.92 43.02 -6.43
C ASP C 457 45.05 44.32 -5.64
N ASN C 458 43.92 44.99 -5.36
CA ASN C 458 43.84 46.02 -4.33
C ASN C 458 43.64 45.38 -2.95
N ALA C 459 43.86 44.05 -2.84
CA ALA C 459 43.94 43.38 -1.55
C ALA C 459 44.73 42.08 -1.64
N LYS C 460 45.20 41.62 -0.47
CA LYS C 460 45.80 40.30 -0.35
C LYS C 460 44.69 39.32 0.05
N GLU C 461 44.48 38.27 -0.77
CA GLU C 461 43.76 37.09 -0.31
C GLU C 461 44.55 36.42 0.83
N LEU C 462 44.11 36.59 2.09
CA LEU C 462 44.78 35.91 3.22
C LEU C 462 44.55 34.41 3.13
N GLY C 463 43.30 34.03 2.85
CA GLY C 463 42.93 32.65 2.62
C GLY C 463 42.25 32.02 3.83
N ASN C 464 41.71 32.88 4.71
CA ASN C 464 40.88 32.46 5.82
C ASN C 464 39.57 33.24 5.78
N GLY C 465 39.28 33.83 4.62
CA GLY C 465 38.06 34.58 4.43
C GLY C 465 38.30 36.09 4.52
N CYS C 466 39.56 36.46 4.83
CA CYS C 466 39.91 37.85 5.11
C CYS C 466 40.65 38.48 3.93
N PHE C 467 40.38 39.77 3.72
CA PHE C 467 41.06 40.55 2.71
C PHE C 467 41.81 41.73 3.34
N GLU C 468 43.15 41.59 3.51
CA GLU C 468 44.04 42.71 3.80
C GLU C 468 44.20 43.58 2.56
N PHE C 469 43.72 44.84 2.65
CA PHE C 469 43.82 45.78 1.55
C PHE C 469 45.28 46.20 1.32
N TYR C 470 45.55 46.65 0.08
CA TYR C 470 46.82 47.28 -0.27
C TYR C 470 46.62 48.80 -0.39
N HIS C 471 45.51 49.31 0.16
CA HIS C 471 45.27 50.73 0.28
C HIS C 471 44.55 50.97 1.62
N LYS C 472 43.70 52.00 1.68
CA LYS C 472 43.08 52.42 2.92
C LYS C 472 41.58 52.68 2.72
N CYS C 473 40.76 51.92 3.48
CA CYS C 473 39.31 51.98 3.39
C CYS C 473 38.70 52.66 4.61
N ASP C 474 38.07 53.81 4.33
CA ASP C 474 37.19 54.48 5.28
C ASP C 474 35.83 53.76 5.25
N ASN C 475 35.08 53.90 6.36
CA ASN C 475 33.73 53.37 6.42
C ASN C 475 33.00 53.66 5.10
N GLU C 476 33.15 54.88 4.58
CA GLU C 476 32.59 55.26 3.28
C GLU C 476 32.86 54.16 2.26
N CYS C 477 34.10 53.67 2.24
CA CYS C 477 34.59 52.78 1.21
C CYS C 477 34.06 51.36 1.46
N MET C 478 34.27 50.85 2.68
CA MET C 478 33.95 49.47 3.00
C MET C 478 32.45 49.18 2.81
N GLU C 479 31.62 50.21 2.97
CA GLU C 479 30.20 50.13 2.65
C GLU C 479 30.00 50.05 1.13
N SER C 480 31.03 50.42 0.36
CA SER C 480 30.98 50.34 -1.09
C SER C 480 31.22 48.91 -1.58
N VAL C 481 31.76 48.05 -0.69
CA VAL C 481 31.95 46.65 -1.03
C VAL C 481 30.61 45.92 -0.94
N ARG C 482 29.90 46.13 0.18
CA ARG C 482 28.64 45.46 0.47
C ARG C 482 27.58 45.84 -0.55
N ASN C 483 27.48 47.14 -0.91
CA ASN C 483 26.60 47.60 -1.97
C ASN C 483 26.95 46.89 -3.29
N GLY C 484 28.26 46.76 -3.55
CA GLY C 484 28.77 46.27 -4.82
C GLY C 484 29.54 47.37 -5.57
N THR C 485 29.46 48.62 -5.09
CA THR C 485 29.93 49.79 -5.82
C THR C 485 31.38 50.09 -5.44
N TYR C 486 32.31 49.92 -6.38
CA TYR C 486 33.72 50.10 -6.08
C TYR C 486 34.48 50.41 -7.36
N ASP C 487 35.43 51.35 -7.25
CA ASP C 487 36.24 51.79 -8.38
C ASP C 487 37.65 51.21 -8.20
N TYR C 488 38.09 50.38 -9.14
CA TYR C 488 39.39 49.72 -9.05
C TYR C 488 40.48 50.74 -9.35
N PRO C 489 40.51 51.42 -10.54
CA PRO C 489 41.54 52.43 -10.82
C PRO C 489 41.76 53.46 -9.71
N GLN C 490 40.65 53.91 -9.08
CA GLN C 490 40.63 55.01 -8.14
C GLN C 490 41.56 54.78 -6.93
N TYR C 491 41.78 53.51 -6.55
CA TYR C 491 42.62 53.20 -5.40
C TYR C 491 43.89 52.43 -5.80
N SER C 492 44.10 52.24 -7.11
CA SER C 492 45.17 51.39 -7.62
C SER C 492 46.55 51.95 -7.24
N GLU C 493 46.65 53.30 -7.33
CA GLU C 493 47.87 54.04 -7.08
C GLU C 493 48.58 53.53 -5.81
N GLU C 494 47.83 53.46 -4.70
CA GLU C 494 48.44 53.25 -3.39
C GLU C 494 49.10 51.87 -3.37
N ALA C 495 48.54 50.96 -4.19
CA ALA C 495 48.83 49.53 -4.13
C ALA C 495 50.29 49.20 -4.45
N ARG C 496 50.71 49.44 -5.71
CA ARG C 496 51.99 48.95 -6.21
C ARG C 496 53.15 49.59 -5.43
N LEU C 497 52.91 50.74 -4.78
CA LEU C 497 53.90 51.40 -3.95
C LEU C 497 54.09 50.60 -2.66
N LYS C 498 52.98 50.14 -2.09
CA LYS C 498 53.00 49.26 -0.91
C LYS C 498 53.44 47.86 -1.31
N ARG C 499 53.05 47.42 -2.52
CA ARG C 499 53.46 46.12 -3.05
C ARG C 499 54.99 46.04 -3.11
N GLU C 500 55.64 47.09 -3.62
CA GLU C 500 57.09 47.17 -3.62
C GLU C 500 57.55 48.22 -2.60
C1 NAG D . -15.38 -28.53 32.47
C2 NAG D . -16.75 -27.92 32.76
C3 NAG D . -16.55 -26.89 33.87
C4 NAG D . -15.84 -27.51 35.07
C5 NAG D . -14.61 -28.32 34.63
C6 NAG D . -13.87 -29.04 35.78
C7 NAG D . -18.46 -27.55 31.06
C8 NAG D . -18.89 -26.67 29.93
N2 NAG D . -17.23 -27.35 31.53
O3 NAG D . -17.80 -26.26 34.22
O4 NAG D . -15.38 -26.46 35.91
O5 NAG D . -15.01 -29.28 33.62
O6 NAG D . -14.02 -30.47 35.89
O7 NAG D . -19.20 -28.43 31.52
C1 NAG E . 43.07 -6.56 -8.48
C2 NAG E . 43.21 -7.86 -9.27
C3 NAG E . 43.43 -9.04 -8.31
C4 NAG E . 44.62 -8.75 -7.37
C5 NAG E . 44.51 -7.34 -6.77
C6 NAG E . 45.74 -6.93 -5.99
C7 NAG E . 42.11 -7.96 -11.47
C8 NAG E . 40.79 -7.74 -12.14
N2 NAG E . 42.08 -8.14 -10.14
O3 NAG E . 43.59 -10.26 -9.03
O4 NAG E . 44.63 -9.72 -6.32
O5 NAG E . 44.30 -6.33 -7.78
O6 NAG E . 45.76 -7.61 -4.72
O7 NAG E . 43.17 -7.96 -12.10
C1 NAG F . 25.03 -2.60 -18.95
C2 NAG F . 25.07 -2.57 -20.47
C3 NAG F . 24.75 -4.01 -20.89
C4 NAG F . 25.95 -4.85 -20.46
C5 NAG F . 26.13 -4.72 -18.94
C6 NAG F . 27.40 -5.37 -18.42
C7 NAG F . 24.74 -0.21 -21.22
C8 NAG F . 23.71 0.88 -21.12
N2 NAG F . 24.31 -1.48 -21.08
O3 NAG F . 24.44 -4.19 -22.26
O4 NAG F . 25.75 -6.22 -20.81
O5 NAG F . 26.19 -3.33 -18.57
O6 NAG F . 27.96 -6.23 -19.40
O7 NAG F . 25.92 0.06 -21.42
C1 NAG G . 54.76 18.53 10.53
C2 NAG G . 56.07 19.30 10.77
C3 NAG G . 57.05 18.45 11.59
C4 NAG G . 56.35 18.00 12.87
C5 NAG G . 55.13 17.16 12.48
C6 NAG G . 54.37 16.66 13.70
C7 NAG G . 57.43 20.82 9.46
C8 NAG G . 56.78 22.17 9.62
N2 NAG G . 56.63 19.77 9.52
O3 NAG G . 58.26 19.15 11.88
O4 NAG G . 57.23 17.21 13.65
O5 NAG G . 54.21 17.96 11.71
O6 NAG G . 54.65 15.31 13.95
O7 NAG G . 58.64 20.70 9.32
C1 NAG H . -19.11 -37.25 -19.66
C2 NAG H . -19.21 -38.20 -18.47
C3 NAG H . -18.04 -39.17 -18.62
C4 NAG H . -18.19 -39.96 -19.93
C5 NAG H . -18.42 -38.99 -21.11
C6 NAG H . -18.82 -39.58 -22.47
C7 NAG H . -20.12 -37.58 -16.24
C8 NAG H . -19.95 -36.73 -15.03
N2 NAG H . -19.26 -37.40 -17.26
O3 NAG H . -17.89 -40.00 -17.47
O4 NAG H . -17.02 -40.77 -20.09
O5 NAG H . -19.47 -38.03 -20.78
O6 NAG H . -19.91 -40.54 -22.48
O7 NAG H . -21.01 -38.42 -16.29
C1 NAG I . 8.19 31.21 -30.25
C2 NAG I . 6.88 31.97 -30.46
C3 NAG I . 6.21 31.36 -31.70
C4 NAG I . 7.10 31.66 -32.91
C5 NAG I . 8.57 31.27 -32.64
C6 NAG I . 9.51 31.95 -33.60
C7 NAG I . 6.20 33.13 -28.41
C8 NAG I . 5.75 32.89 -27.00
N2 NAG I . 6.07 32.10 -29.26
O3 NAG I . 4.88 31.83 -31.92
O4 NAG I . 6.60 30.96 -34.05
O5 NAG I . 9.02 31.66 -31.31
O6 NAG I . 10.49 31.05 -34.09
O7 NAG I . 6.67 34.20 -28.76
C1 NAG J . 2.00 30.47 -10.97
C2 NAG J . 1.14 31.16 -9.90
C3 NAG J . -0.35 30.92 -10.17
C4 NAG J . -0.61 31.08 -11.66
C5 NAG J . 0.08 29.93 -12.38
C6 NAG J . -0.27 29.78 -13.87
C7 NAG J . 2.41 31.43 -7.78
C8 NAG J . 2.49 31.05 -6.33
N2 NAG J . 1.49 30.81 -8.52
O3 NAG J . -1.16 31.78 -9.38
O4 NAG J . -2.01 31.09 -11.92
O5 NAG J . 1.51 30.09 -12.26
O6 NAG J . 0.16 30.87 -14.70
O7 NAG J . 3.21 32.24 -8.26
C1 NAG K . 41.96 24.70 -34.18
C2 NAG K . 42.60 25.38 -35.39
C3 NAG K . 42.15 24.76 -36.71
C4 NAG K . 41.95 23.26 -36.50
C5 NAG K . 40.76 23.07 -35.57
C6 NAG K . 40.41 21.61 -35.33
C7 NAG K . 42.76 27.65 -34.51
C8 NAG K . 43.09 29.03 -34.97
N2 NAG K . 42.37 26.81 -35.47
O3 NAG K . 43.10 25.06 -37.71
O4 NAG K . 41.70 22.60 -37.74
O5 NAG K . 41.01 23.64 -34.27
O6 NAG K . 39.01 21.40 -35.40
O7 NAG K . 42.81 27.30 -33.34
C1 NAG L . -16.15 -25.93 37.86
C2 NAG L . -16.98 -26.82 38.79
C3 NAG L . -16.63 -26.33 40.19
C4 NAG L . -15.17 -26.72 40.47
C5 NAG L . -14.25 -26.36 39.30
C6 NAG L . -13.01 -27.22 39.25
C7 NAG L . -18.86 -27.91 37.67
C8 NAG L . -19.65 -27.49 36.46
N2 NAG L . -18.38 -26.92 38.44
O3 NAG L . -17.51 -26.80 41.21
O4 NAG L . -14.78 -26.00 41.64
O5 NAG L . -14.85 -26.52 37.99
O6 NAG L . -12.33 -27.05 38.01
O7 NAG L . -18.66 -29.10 37.94
C1 NAG M . -46.75 3.09 2.93
C2 NAG M . -46.86 1.89 1.98
C3 NAG M . -46.99 2.45 0.57
C4 NAG M . -48.28 3.28 0.46
C5 NAG M . -48.27 4.37 1.54
C6 NAG M . -49.62 5.09 1.66
C7 NAG M . -45.88 -0.42 2.03
C8 NAG M . -47.11 -1.11 2.57
N2 NAG M . -45.80 0.92 2.15
O3 NAG M . -46.92 1.38 -0.36
O4 NAG M . -48.46 3.93 -0.80
O5 NAG M . -47.96 3.83 2.85
O6 NAG M . -49.83 5.66 2.98
O7 NAG M . -44.95 -1.06 1.55
C1 NAG N . 21.98 11.31 19.87
C2 NAG N . 23.06 10.26 20.15
C3 NAG N . 22.56 9.42 21.33
C4 NAG N . 22.40 10.34 22.55
C5 NAG N . 21.41 11.45 22.22
C6 NAG N . 21.30 12.45 23.36
C7 NAG N . 24.72 9.42 18.50
C8 NAG N . 24.99 8.43 17.40
N2 NAG N . 23.48 9.44 19.03
O3 NAG N . 23.41 8.32 21.61
O4 NAG N . 21.92 9.60 23.67
O5 NAG N . 21.82 12.14 21.01
O6 NAG N . 20.96 13.78 22.93
O7 NAG N . 25.60 10.20 18.87
C1 NAG O . -34.00 -26.81 41.29
C2 NAG O . -33.23 -27.25 40.04
C3 NAG O . -33.28 -26.09 39.04
C4 NAG O . -34.73 -25.76 38.70
C5 NAG O . -35.58 -25.56 39.96
C6 NAG O . -37.07 -25.59 39.69
C7 NAG O . -31.42 -28.95 40.08
C8 NAG O . -31.54 -29.94 41.20
N2 NAG O . -31.88 -27.71 40.30
O1 NAG O . -33.95 -27.74 42.34
O3 NAG O . -32.55 -26.39 37.85
O4 NAG O . -34.73 -24.55 37.95
O5 NAG O . -35.36 -26.61 40.93
O6 NAG O . -37.62 -24.29 39.53
O7 NAG O . -30.89 -29.27 39.01
C1 GAL P . -33.23 -23.91 36.18
C2 GAL P . -33.30 -22.47 35.70
C3 GAL P . -33.92 -22.29 34.31
C4 GAL P . -33.57 -23.40 33.29
C5 GAL P . -33.51 -24.79 33.95
C6 GAL P . -32.94 -25.88 33.05
O2 GAL P . -34.03 -21.65 36.60
O3 GAL P . -33.44 -21.03 33.81
O4 GAL P . -32.33 -23.06 32.63
O5 GAL P . -32.68 -24.74 35.16
O6 GAL P . -33.94 -26.44 32.21
C1 SIA Q . -33.64 -18.19 33.81
C2 SIA Q . -34.64 -19.37 33.87
C3 SIA Q . -35.95 -18.97 34.52
C4 SIA Q . -36.69 -17.95 33.66
C5 SIA Q . -36.95 -18.56 32.26
C6 SIA Q . -35.62 -19.00 31.62
C7 SIA Q . -35.82 -19.76 30.32
C8 SIA Q . -34.55 -20.32 29.68
C9 SIA Q . -34.83 -20.90 28.30
C10 SIA Q . -38.76 -17.93 30.70
C11 SIA Q . -39.31 -16.87 29.79
N5 SIA Q . -37.67 -17.61 31.43
O1A SIA Q . -33.34 -17.58 34.83
O1B SIA Q . -33.16 -17.87 32.72
O4 SIA Q . -37.91 -17.58 34.29
O6 SIA Q . -34.88 -19.86 32.53
O7 SIA Q . -36.73 -20.84 30.53
O8 SIA Q . -33.55 -19.32 29.53
O9 SIA Q . -33.64 -21.26 27.62
O10 SIA Q . -39.30 -19.03 30.75
#